data_1KQF
#
_entry.id   1KQF
#
_cell.length_a   203.000
_cell.length_b   203.000
_cell.length_c   203.000
_cell.angle_alpha   90.00
_cell.angle_beta   90.00
_cell.angle_gamma   90.00
#
_symmetry.space_group_name_H-M   'P 21 3'
#
loop_
_entity.id
_entity.type
_entity.pdbx_description
1 polymer 'FORMATE DEHYDROGENASE, NITRATE-INDUCIBLE, MAJOR SUBUNIT'
2 polymer 'FORMATE DEHYDROGENASE, NITRATE-INDUCIBLE, IRON-SULFUR SUBUNIT'
3 polymer 'FORMATE DEHYDROGENASE, NITRATE-INDUCIBLE, CYTOCHROME B556(FDN) SUBUNIT'
4 non-polymer 'MOLYBDENUM(VI) ION'
5 non-polymer 'IRON/SULFUR CLUSTER'
6 non-polymer '2-AMINO-5,6-DIMERCAPTO-7-METHYL-3,7,8A,9-TETRAHYDRO-8-OXA-1,3,9,10-TETRAAZA-ANTHRACEN-4-ONE GUANOSINE DINUCLEOTIDE'
7 non-polymer 'PROTOPORPHYRIN IX CONTAINING FE'
8 non-polymer CARDIOLIPIN
9 water water
#
loop_
_entity_poly.entity_id
_entity_poly.type
_entity_poly.pdbx_seq_one_letter_code
_entity_poly.pdbx_strand_id
1 'polypeptide(L)'
;MDVSRRQFFKICAGGMAGTTVAALGFAPKQALAQARNYKLLRAKEIRNTCTYCSVGCGLLMYSLGDGAKNAREAIYHIEG
DPDHPVSRGALCPKGAGLLDYVNSENRLRYPEYRAPGSDKWQRISWEEAFSRIAKLMKADRDANFIEKNEQGVTVNRWLS
TGMLCASGASNETGMLTQKFARSLGMLAVDNQARVUHGPTVASLAPTFGRGAMTNHWVDIKNANVVMVMGGNAAEAHPVG
FRWAMEAKNNNDATLIVVDPRFTRTASVADIYAPIRSGTDITFLSGVLRYLIENNKINAEYVKHYTNASLLVRDDFAFED
GLFSGYDAEKRQYDKSSWNYQLDENGYAKRDETLTHPRCVWNLLKEHVSRYTPDVVENICGTPKADFLKVCEVLASTSAP
DRTTTFLYALGWTQHTVGAQNIRTMAMIQLLLGNMGMAGGGVNALRGHSNIQGLTDLGLLSTSLPGYLTLPSEKQVDLQS
YLEANTPKATLADQVNYWSNYPKFFVSLMKSFYGDAAQKENNWGYDWLPKWDQTYDVIKYFNMMDEGKVTGYFCQGFNPV
ASFPDKNKVVSCLSKLKYMVVIDPLVTETSTFWQNHGESNDVDPASIQTEVFRLPSTCFAEEDGSIANSGRWLQWHWKGQ
DAPGEARNDGEILAGIYHHLRELYQSEGGKGVEPLMKMSWNYKQPHEPQSDEVAKENNGYALEDLYDANGVLIAKKGQLL
SSFAHLRDDGTTASSCWIYTGSWTEQGNQMANRDNSDPSGLGNTLGWAWAWPLNRRVLYNRASADINGKPWDPKRMLIQW
NGSKWTGNDIPDFGNAAPGTPTGPFIMQPEGMGRLFAINKMAEGPFPEHYEPIETPLGTNPLHPNVVSNPVVRLYEQDAL
RMGKKEQFPYVGTTYRLTEHFHTWTKHALLNAIAQPEQFVEISETLAAAKGINNGDRVTVSSKRGFIRAVAVVTRRLKPL
NVNGQQVETVGIPIHWGFEGVARKGYIANTLTPNVGDANSQTPEYKAFLVNIEKA
;
A
2 'polypeptide(L)'
;MAMETQDIIKRSATNSITPPSQVRDYKAEVAKLIDVSTCIGCKACQVACSEWNDIRDEVGHCVGVYDNPADLSAKSWTVM
RFSETEQNGKLEWLIRKDGCMHCEDPGCLKACPSAGAIIQYANGIVDFQSENCIGCGYCIAGCPFNIPRLNKEDNRVYKC
TLCVDRVSVGQEPACVKTCPTGAIHFGTKKEMLELAEQRVAKLKARGYEHAGVYNPEGVGGTHVMYVLHHADQPELYHGL
PKDPKIDTSVSLWKGALKPLAAAGFIATFAGLIFHYIGIGPNKEVDDDEEDHHE
;
B
3 'polypeptide(L)'
;MSKSKMIVRTKFIDRACHWTVVICFFLVALSGISFFFPTLQWLTQTFGTPQMGRILHPFFGIAIFVALMFMFVRFVHHNI
PDKKDIPWLLNIVEVLKGNEHKVADVGKYNAGQKMMFWSIMSMIFVLLVTGVIIWRPYFAQYFPMQVVRYSLLIHAAAGI
ILIHAILIHMYMAFWVKGSIKGMIEGKVSRRWAKKHHPRWYREIEKAEAKKESEEGI
;
C
#
# COMPACT_ATOMS: atom_id res chain seq x y z
N GLN A 34 13.35 -7.03 -30.88
CA GLN A 34 12.99 -7.84 -29.68
C GLN A 34 12.89 -6.96 -28.43
N ALA A 35 12.44 -7.54 -27.33
CA ALA A 35 12.28 -6.82 -26.07
C ALA A 35 13.57 -6.16 -25.57
N ARG A 36 13.43 -5.13 -24.73
CA ARG A 36 14.60 -4.47 -24.20
C ARG A 36 15.31 -5.51 -23.34
N ASN A 37 16.63 -5.41 -23.24
CA ASN A 37 17.39 -6.37 -22.45
C ASN A 37 17.00 -6.28 -20.97
N TYR A 38 17.23 -7.38 -20.25
CA TYR A 38 16.92 -7.45 -18.82
C TYR A 38 17.87 -6.49 -18.11
N LYS A 39 17.33 -5.44 -17.49
CA LYS A 39 18.14 -4.39 -16.88
C LYS A 39 18.99 -4.67 -15.65
N LEU A 40 18.88 -5.87 -15.06
CA LEU A 40 19.66 -6.20 -13.85
C LEU A 40 20.76 -7.24 -14.09
N LEU A 41 20.93 -7.69 -15.32
CA LEU A 41 21.91 -8.74 -15.60
C LEU A 41 23.31 -8.63 -15.01
N ARG A 42 23.85 -7.42 -14.86
CA ARG A 42 25.19 -7.27 -14.30
C ARG A 42 25.21 -6.33 -13.12
N ALA A 43 24.08 -6.21 -12.42
CA ALA A 43 23.99 -5.34 -11.26
C ALA A 43 24.43 -6.09 -10.01
N LYS A 44 24.76 -5.35 -8.97
CA LYS A 44 25.16 -5.98 -7.71
C LYS A 44 23.87 -6.26 -6.97
N GLU A 45 23.71 -7.50 -6.50
CA GLU A 45 22.52 -7.93 -5.79
C GLU A 45 22.79 -7.98 -4.30
N ILE A 46 21.95 -7.30 -3.52
CA ILE A 46 22.11 -7.24 -2.07
C ILE A 46 20.85 -7.66 -1.32
N ARG A 47 21.01 -8.48 -0.29
CA ARG A 47 19.87 -8.92 0.51
C ARG A 47 19.60 -7.95 1.64
N ASN A 48 18.33 -7.59 1.82
CA ASN A 48 17.96 -6.68 2.89
C ASN A 48 16.54 -6.98 3.30
N THR A 49 15.97 -6.18 4.20
CA THR A 49 14.63 -6.40 4.72
C THR A 49 13.78 -5.12 4.60
N CYS A 50 12.49 -5.26 4.30
CA CYS A 50 11.64 -4.07 4.17
C CYS A 50 11.75 -3.22 5.43
N THR A 51 11.79 -1.91 5.22
CA THR A 51 11.93 -0.95 6.31
C THR A 51 10.65 -0.44 6.94
N TYR A 52 9.50 -0.80 6.39
CA TYR A 52 8.23 -0.30 6.92
C TYR A 52 7.57 -1.08 8.06
N CYS A 53 6.72 -2.07 7.77
CA CYS A 53 6.06 -2.77 8.86
C CYS A 53 6.77 -4.02 9.39
N SER A 54 6.21 -4.61 10.44
CA SER A 54 6.79 -5.77 11.12
C SER A 54 6.67 -7.14 10.45
N VAL A 55 6.15 -7.22 9.23
CA VAL A 55 6.07 -8.53 8.57
C VAL A 55 7.50 -9.01 8.35
N GLY A 56 8.39 -8.09 7.98
CA GLY A 56 9.79 -8.42 7.77
C GLY A 56 10.13 -9.07 6.43
N CYS A 57 9.41 -8.67 5.38
CA CYS A 57 9.62 -9.22 4.05
C CYS A 57 11.05 -9.10 3.53
N GLY A 58 11.51 -10.16 2.87
CA GLY A 58 12.86 -10.17 2.33
C GLY A 58 12.95 -9.41 1.02
N LEU A 59 14.07 -8.70 0.85
CA LEU A 59 14.31 -7.89 -0.35
C LEU A 59 15.58 -8.30 -1.08
N LEU A 60 15.59 -8.00 -2.37
CA LEU A 60 16.77 -8.22 -3.19
C LEU A 60 16.89 -6.85 -3.85
N MET A 61 17.94 -6.12 -3.49
CA MET A 61 18.16 -4.78 -4.01
C MET A 61 19.24 -4.84 -5.08
N TYR A 62 19.10 -4.00 -6.10
CA TYR A 62 20.05 -3.99 -7.21
C TYR A 62 20.72 -2.64 -7.37
N SER A 63 22.05 -2.66 -7.39
CA SER A 63 22.82 -1.43 -7.52
C SER A 63 23.66 -1.37 -8.79
N LEU A 64 23.80 -0.16 -9.30
CA LEU A 64 24.61 0.11 -10.48
C LEU A 64 26.05 0.13 -9.97
N GLY A 65 26.86 -0.78 -10.51
CA GLY A 65 28.25 -0.89 -10.09
C GLY A 65 28.49 -2.29 -9.54
N ASP A 66 29.67 -2.85 -9.74
CA ASP A 66 29.96 -4.19 -9.25
C ASP A 66 30.73 -4.25 -7.94
N GLY A 67 30.80 -3.12 -7.24
CA GLY A 67 31.50 -3.09 -5.97
C GLY A 67 32.93 -2.61 -6.06
N ALA A 68 33.42 -2.37 -7.27
CA ALA A 68 34.77 -1.87 -7.45
C ALA A 68 34.85 -0.53 -6.72
N LYS A 69 36.03 -0.19 -6.18
CA LYS A 69 36.17 1.06 -5.44
C LYS A 69 35.87 2.32 -6.25
N ASN A 70 36.12 2.29 -7.55
CA ASN A 70 35.89 3.46 -8.39
C ASN A 70 34.44 3.72 -8.78
N ALA A 71 33.57 2.73 -8.55
CA ALA A 71 32.16 2.88 -8.88
C ALA A 71 31.37 3.14 -7.62
N ARG A 72 30.67 4.26 -7.56
CA ARG A 72 29.86 4.55 -6.39
C ARG A 72 28.49 3.90 -6.58
N GLU A 73 28.24 2.84 -5.82
CA GLU A 73 26.98 2.11 -5.91
C GLU A 73 25.75 2.99 -5.79
N ALA A 74 24.73 2.68 -6.60
CA ALA A 74 23.47 3.41 -6.57
C ALA A 74 22.36 2.42 -6.82
N ILE A 75 21.49 2.25 -5.82
CA ILE A 75 20.37 1.32 -5.93
C ILE A 75 19.40 1.86 -6.98
N TYR A 76 19.01 1.02 -7.94
CA TYR A 76 18.08 1.47 -8.99
C TYR A 76 16.85 0.59 -9.17
N HIS A 77 16.77 -0.49 -8.38
CA HIS A 77 15.62 -1.39 -8.41
C HIS A 77 15.61 -2.27 -7.19
N ILE A 78 14.41 -2.55 -6.69
CA ILE A 78 14.25 -3.42 -5.53
C ILE A 78 13.02 -4.28 -5.76
N GLU A 79 13.13 -5.57 -5.46
CA GLU A 79 11.98 -6.47 -5.56
C GLU A 79 12.14 -7.49 -4.45
N GLY A 80 11.20 -8.44 -4.36
CA GLY A 80 11.26 -9.41 -3.28
C GLY A 80 12.24 -10.56 -3.38
N ASP A 81 12.49 -11.20 -2.24
CA ASP A 81 13.39 -12.35 -2.18
C ASP A 81 12.48 -13.58 -2.19
N PRO A 82 12.46 -14.34 -3.30
CA PRO A 82 11.60 -15.52 -3.38
C PRO A 82 11.84 -16.61 -2.33
N ASP A 83 13.04 -16.68 -1.78
CA ASP A 83 13.33 -17.70 -0.79
C ASP A 83 12.90 -17.37 0.65
N HIS A 84 12.55 -16.10 0.90
CA HIS A 84 12.14 -15.74 2.25
C HIS A 84 10.86 -16.50 2.59
N PRO A 85 10.84 -17.22 3.72
CA PRO A 85 9.65 -18.00 4.09
C PRO A 85 8.37 -17.23 4.39
N VAL A 86 8.49 -16.00 4.89
CA VAL A 86 7.28 -15.22 5.18
C VAL A 86 6.70 -14.55 3.94
N SER A 87 7.56 -13.86 3.17
CA SER A 87 7.10 -13.13 1.99
C SER A 87 7.14 -13.90 0.67
N ARG A 88 8.06 -14.85 0.54
CA ARG A 88 8.16 -15.67 -0.66
C ARG A 88 8.18 -14.84 -1.95
N GLY A 89 8.88 -13.71 -1.93
CA GLY A 89 8.99 -12.86 -3.12
C GLY A 89 8.01 -11.70 -3.22
N ALA A 90 6.92 -11.76 -2.46
CA ALA A 90 5.92 -10.70 -2.49
C ALA A 90 6.33 -9.46 -1.71
N LEU A 91 5.75 -8.33 -2.10
CA LEU A 91 5.98 -7.05 -1.47
C LEU A 91 4.71 -6.23 -1.71
N CYS A 92 4.22 -5.56 -0.68
CA CYS A 92 3.00 -4.76 -0.82
C CYS A 92 3.38 -3.45 -1.52
N PRO A 93 2.44 -2.50 -1.70
CA PRO A 93 2.84 -1.26 -2.39
C PRO A 93 3.93 -0.44 -1.71
N LYS A 94 4.07 -0.62 -0.40
CA LYS A 94 5.09 0.11 0.33
C LYS A 94 6.44 -0.52 0.07
N GLY A 95 6.56 -1.82 0.32
CA GLY A 95 7.82 -2.48 0.05
C GLY A 95 8.20 -2.41 -1.43
N ALA A 96 7.21 -2.57 -2.31
CA ALA A 96 7.49 -2.54 -3.75
C ALA A 96 7.95 -1.16 -4.24
N GLY A 97 7.65 -0.12 -3.47
CA GLY A 97 8.04 1.21 -3.89
C GLY A 97 9.24 1.78 -3.16
N LEU A 98 9.94 0.95 -2.39
CA LEU A 98 11.11 1.39 -1.62
C LEU A 98 12.13 2.22 -2.39
N LEU A 99 12.31 1.94 -3.68
CA LEU A 99 13.26 2.68 -4.50
C LEU A 99 13.00 4.18 -4.40
N ASP A 100 11.73 4.56 -4.43
CA ASP A 100 11.35 5.97 -4.39
C ASP A 100 11.52 6.61 -3.02
N TYR A 101 11.75 5.79 -1.99
CA TYR A 101 12.01 6.33 -0.66
C TYR A 101 13.52 6.50 -0.58
N VAL A 102 14.26 5.44 -0.91
CA VAL A 102 15.71 5.50 -0.89
C VAL A 102 16.22 6.67 -1.72
N ASN A 103 15.61 6.90 -2.88
CA ASN A 103 16.02 8.00 -3.75
C ASN A 103 15.08 9.19 -3.74
N SER A 104 14.34 9.35 -2.64
CA SER A 104 13.40 10.46 -2.52
C SER A 104 14.09 11.81 -2.71
N GLU A 105 13.37 12.75 -3.31
CA GLU A 105 13.93 14.08 -3.52
C GLU A 105 14.08 14.75 -2.16
N ASN A 106 13.40 14.22 -1.16
CA ASN A 106 13.48 14.79 0.19
C ASN A 106 14.46 14.12 1.14
N ARG A 107 15.39 13.33 0.60
CA ARG A 107 16.40 12.70 1.45
C ARG A 107 17.24 13.84 2.02
N LEU A 108 17.68 13.70 3.26
CA LEU A 108 18.51 14.74 3.87
C LEU A 108 19.94 14.52 3.41
N ARG A 109 20.65 15.61 3.13
CA ARG A 109 22.02 15.52 2.65
C ARG A 109 23.09 16.13 3.56
N TYR A 110 22.77 17.24 4.21
CA TYR A 110 23.73 17.95 5.05
C TYR A 110 23.23 18.39 6.42
N PRO A 111 24.14 18.51 7.39
CA PRO A 111 23.67 18.95 8.71
C PRO A 111 23.12 20.35 8.48
N GLU A 112 21.96 20.65 9.05
CA GLU A 112 21.37 21.96 8.89
C GLU A 112 20.97 22.53 10.24
N TYR A 113 21.03 23.85 10.34
CA TYR A 113 20.73 24.56 11.59
C TYR A 113 19.72 25.68 11.39
N ARG A 114 18.75 25.78 12.29
CA ARG A 114 17.76 26.85 12.22
C ARG A 114 17.96 27.66 13.47
N ALA A 115 18.31 28.93 13.28
CA ALA A 115 18.57 29.84 14.40
C ALA A 115 17.29 30.35 15.06
N PRO A 116 17.41 30.83 16.30
CA PRO A 116 16.25 31.34 17.04
C PRO A 116 15.55 32.44 16.23
N GLY A 117 14.23 32.31 16.08
CA GLY A 117 13.46 33.31 15.35
C GLY A 117 13.66 33.36 13.84
N SER A 118 14.45 32.44 13.29
CA SER A 118 14.72 32.42 11.85
C SER A 118 13.66 31.68 11.02
N ASP A 119 13.63 31.97 9.72
CA ASP A 119 12.67 31.32 8.84
C ASP A 119 13.39 30.52 7.76
N LYS A 120 14.64 30.14 8.04
CA LYS A 120 15.42 29.38 7.06
C LYS A 120 16.48 28.48 7.69
N TRP A 121 16.91 27.48 6.93
CA TRP A 121 17.96 26.56 7.36
C TRP A 121 19.31 27.11 6.91
N GLN A 122 20.35 26.78 7.65
CA GLN A 122 21.71 27.18 7.27
C GLN A 122 22.52 25.91 7.37
N ARG A 123 23.21 25.57 6.30
CA ARG A 123 24.03 24.37 6.29
C ARG A 123 25.27 24.58 7.14
N ILE A 124 25.60 23.58 7.96
CA ILE A 124 26.79 23.63 8.80
C ILE A 124 27.54 22.30 8.64
N SER A 125 28.77 22.26 9.15
CA SER A 125 29.59 21.05 9.05
C SER A 125 29.23 20.10 10.17
N TRP A 126 29.65 18.84 10.04
CA TRP A 126 29.36 17.87 11.09
C TRP A 126 30.06 18.27 12.37
N GLU A 127 31.29 18.74 12.26
CA GLU A 127 32.00 19.15 13.46
C GLU A 127 31.32 20.33 14.15
N GLU A 128 30.74 21.24 13.37
CA GLU A 128 30.03 22.38 13.97
C GLU A 128 28.79 21.87 14.71
N ALA A 129 28.06 20.96 14.06
CA ALA A 129 26.86 20.41 14.67
C ALA A 129 27.18 19.69 15.98
N PHE A 130 28.19 18.82 15.96
CA PHE A 130 28.57 18.09 17.16
C PHE A 130 28.98 19.03 18.29
N SER A 131 29.83 20.01 17.98
CA SER A 131 30.28 20.94 19.02
C SER A 131 29.15 21.80 19.59
N ARG A 132 28.28 22.31 18.72
CA ARG A 132 27.16 23.13 19.19
C ARG A 132 26.21 22.36 20.06
N ILE A 133 25.88 21.14 19.62
CA ILE A 133 24.96 20.30 20.38
C ILE A 133 25.55 19.89 21.73
N ALA A 134 26.82 19.48 21.73
CA ALA A 134 27.47 19.09 22.97
C ALA A 134 27.50 20.24 23.97
N LYS A 135 27.74 21.45 23.47
CA LYS A 135 27.80 22.62 24.34
C LYS A 135 26.44 22.88 24.97
N LEU A 136 25.38 22.78 24.16
CA LEU A 136 24.03 23.01 24.66
C LEU A 136 23.66 21.95 25.69
N MET A 137 23.98 20.69 25.40
CA MET A 137 23.68 19.60 26.32
C MET A 137 24.41 19.72 27.63
N LYS A 138 25.70 20.01 27.58
CA LYS A 138 26.47 20.13 28.82
C LYS A 138 25.98 21.25 29.71
N ALA A 139 25.65 22.38 29.11
CA ALA A 139 25.16 23.51 29.90
C ALA A 139 23.87 23.12 30.59
N ASP A 140 22.98 22.45 29.86
CA ASP A 140 21.71 22.05 30.44
C ASP A 140 21.86 20.96 31.50
N ARG A 141 22.73 19.99 31.22
CA ARG A 141 22.94 18.90 32.18
C ARG A 141 23.60 19.44 33.45
N ASP A 142 24.57 20.33 33.29
CA ASP A 142 25.24 20.88 34.47
C ASP A 142 24.28 21.71 35.31
N ALA A 143 23.31 22.36 34.67
CA ALA A 143 22.37 23.19 35.39
C ALA A 143 21.26 22.39 36.08
N ASN A 144 20.80 21.33 35.42
CA ASN A 144 19.68 20.55 35.95
C ASN A 144 19.85 19.11 36.41
N PHE A 145 21.04 18.53 36.26
CA PHE A 145 21.26 17.16 36.69
C PHE A 145 20.93 17.01 38.17
N ILE A 146 20.24 15.93 38.51
CA ILE A 146 19.85 15.66 39.88
C ILE A 146 20.65 14.47 40.42
N GLU A 147 21.64 14.75 41.28
CA GLU A 147 22.46 13.70 41.85
C GLU A 147 21.72 12.93 42.94
N LYS A 148 21.11 13.65 43.87
CA LYS A 148 20.39 13.01 44.98
C LYS A 148 18.94 13.51 45.10
N ASN A 149 18.03 12.65 45.56
CA ASN A 149 16.65 13.10 45.70
C ASN A 149 16.45 13.67 47.11
N GLU A 150 15.24 14.12 47.42
CA GLU A 150 14.95 14.73 48.72
C GLU A 150 15.11 13.80 49.92
N GLN A 151 15.12 12.50 49.67
CA GLN A 151 15.27 11.54 50.76
C GLN A 151 16.73 11.10 50.93
N GLY A 152 17.64 11.80 50.25
CA GLY A 152 19.06 11.51 50.35
C GLY A 152 19.64 10.37 49.52
N VAL A 153 18.84 9.80 48.64
CA VAL A 153 19.27 8.69 47.79
C VAL A 153 19.92 9.17 46.51
N THR A 154 21.01 8.54 46.11
CA THR A 154 21.67 8.92 44.86
C THR A 154 20.76 8.42 43.74
N VAL A 155 20.35 9.33 42.85
CA VAL A 155 19.46 8.95 41.75
C VAL A 155 20.04 9.25 40.37
N ASN A 156 21.07 10.09 40.33
CA ASN A 156 21.73 10.46 39.08
C ASN A 156 20.80 10.51 37.87
N ARG A 157 19.84 11.43 37.88
CA ARG A 157 18.91 11.56 36.76
C ARG A 157 18.89 12.94 36.13
N TRP A 158 18.65 12.98 34.83
CA TRP A 158 18.59 14.21 34.06
C TRP A 158 17.20 14.22 33.41
N LEU A 159 16.39 15.22 33.76
CA LEU A 159 15.03 15.31 33.25
C LEU A 159 14.72 16.47 32.32
N SER A 160 15.63 17.43 32.18
CA SER A 160 15.35 18.59 31.32
C SER A 160 15.62 18.41 29.83
N THR A 161 16.16 17.27 29.44
CA THR A 161 16.38 16.97 28.03
C THR A 161 15.91 15.54 27.89
N GLY A 162 15.14 15.27 26.82
CA GLY A 162 14.61 13.94 26.61
C GLY A 162 14.89 13.44 25.20
N MET A 163 14.47 12.21 24.90
CA MET A 163 14.70 11.62 23.59
C MET A 163 13.59 10.71 23.08
N LEU A 164 13.38 10.74 21.77
CA LEU A 164 12.43 9.84 21.12
C LEU A 164 13.36 8.99 20.26
N CYS A 165 13.18 7.66 20.32
CA CYS A 165 14.06 6.74 19.59
C CYS A 165 13.46 6.11 18.34
N ALA A 166 14.34 5.74 17.40
CA ALA A 166 13.94 5.19 16.10
C ALA A 166 13.58 3.70 15.95
N SER A 167 12.29 3.39 15.95
CA SER A 167 11.86 2.00 15.80
C SER A 167 12.05 1.52 14.36
N GLY A 168 12.47 2.42 13.50
CA GLY A 168 12.72 2.09 12.11
C GLY A 168 14.20 1.87 11.87
N ALA A 169 14.99 1.97 12.93
CA ALA A 169 16.43 1.78 12.84
C ALA A 169 16.82 0.44 13.47
N SER A 170 18.04 0.00 13.22
CA SER A 170 18.51 -1.31 13.71
C SER A 170 18.64 -1.50 15.23
N ASN A 171 18.78 -2.76 15.62
CA ASN A 171 18.95 -3.12 17.02
C ASN A 171 20.28 -2.61 17.51
N GLU A 172 21.25 -2.56 16.61
CA GLU A 172 22.55 -2.08 17.01
C GLU A 172 22.49 -0.58 17.28
N THR A 173 21.71 0.15 16.49
CA THR A 173 21.55 1.58 16.70
C THR A 173 20.80 1.74 18.03
N GLY A 174 19.83 0.85 18.24
CA GLY A 174 19.04 0.89 19.47
C GLY A 174 19.88 0.77 20.73
N MET A 175 20.81 -0.17 20.75
CA MET A 175 21.65 -0.37 21.93
C MET A 175 22.57 0.82 22.15
N LEU A 176 23.11 1.38 21.06
CA LEU A 176 23.98 2.54 21.21
C LEU A 176 23.19 3.72 21.78
N THR A 177 21.92 3.82 21.37
CA THR A 177 21.05 4.89 21.86
C THR A 177 20.76 4.70 23.34
N GLN A 178 20.53 3.44 23.74
CA GLN A 178 20.26 3.10 25.13
C GLN A 178 21.45 3.52 26.00
N LYS A 179 22.66 3.17 25.56
CA LYS A 179 23.87 3.51 26.30
C LYS A 179 24.10 5.02 26.37
N PHE A 180 23.84 5.69 25.25
CA PHE A 180 23.97 7.14 25.14
C PHE A 180 23.04 7.81 26.14
N ALA A 181 21.75 7.50 26.05
CA ALA A 181 20.73 8.08 26.92
C ALA A 181 20.90 7.81 28.41
N ARG A 182 21.08 6.55 28.80
CA ARG A 182 21.21 6.23 30.22
C ARG A 182 22.50 6.69 30.88
N SER A 183 23.60 6.68 30.14
CA SER A 183 24.87 7.12 30.73
C SER A 183 24.79 8.62 31.04
N LEU A 184 23.90 9.31 30.35
CA LEU A 184 23.70 10.75 30.57
C LEU A 184 22.63 10.96 31.65
N GLY A 185 22.02 9.86 32.08
CA GLY A 185 21.01 9.92 33.13
C GLY A 185 19.58 10.20 32.71
N MET A 186 19.29 10.12 31.41
CA MET A 186 17.95 10.40 30.90
C MET A 186 16.88 9.37 31.27
N LEU A 187 15.70 9.86 31.63
CA LEU A 187 14.57 9.01 31.97
C LEU A 187 13.42 9.24 30.98
N ALA A 188 13.41 10.39 30.33
CA ALA A 188 12.38 10.69 29.34
C ALA A 188 12.96 10.17 28.03
N VAL A 189 12.87 8.85 27.89
CA VAL A 189 13.39 8.11 26.74
C VAL A 189 12.31 7.12 26.30
N ASP A 190 11.69 7.36 25.15
CA ASP A 190 10.64 6.47 24.65
C ASP A 190 10.79 6.21 23.16
N ASN A 191 10.23 5.10 22.69
CA ASN A 191 10.24 4.83 21.25
C ASN A 191 8.76 4.74 20.94
N GLN A 192 8.40 4.40 19.71
CA GLN A 192 7.00 4.33 19.32
C GLN A 192 6.09 3.42 20.16
N ALA A 193 6.67 2.46 20.87
CA ALA A 193 5.87 1.55 21.69
C ALA A 193 4.90 2.31 22.60
N ARG A 194 5.33 3.46 23.09
CA ARG A 194 4.50 4.27 23.98
C ARG A 194 3.14 4.63 23.39
N VAL A 195 3.10 4.88 22.08
CA VAL A 195 1.85 5.25 21.42
C VAL A 195 1.30 4.09 20.57
N SEC A 196 1.82 2.88 20.79
CA SEC A 196 1.43 1.73 19.98
C SEC A 196 1.00 0.46 20.72
N HIS A 197 1.94 -0.46 20.93
CA HIS A 197 1.62 -1.71 21.60
C HIS A 197 1.91 -1.79 23.09
N GLY A 198 2.13 -0.63 23.70
CA GLY A 198 2.38 -0.61 25.13
C GLY A 198 1.28 -1.38 25.86
N PRO A 199 0.01 -1.19 25.47
CA PRO A 199 -1.10 -1.89 26.12
C PRO A 199 -1.03 -3.41 25.98
N THR A 200 -0.40 -3.87 24.91
CA THR A 200 -0.27 -5.31 24.68
C THR A 200 0.69 -5.90 25.69
N VAL A 201 1.82 -5.23 25.88
CA VAL A 201 2.80 -5.70 26.84
C VAL A 201 2.16 -5.65 28.24
N ALA A 202 1.41 -4.60 28.50
CA ALA A 202 0.76 -4.41 29.79
C ALA A 202 -0.31 -5.46 30.11
N SER A 203 -0.83 -6.11 29.08
CA SER A 203 -1.87 -7.11 29.27
C SER A 203 -1.43 -8.55 29.01
N LEU A 204 -0.69 -8.78 27.94
CA LEU A 204 -0.25 -10.14 27.65
C LEU A 204 0.81 -10.63 28.63
N ALA A 205 1.71 -9.76 29.10
CA ALA A 205 2.70 -10.21 30.05
C ALA A 205 1.99 -10.72 31.31
N PRO A 206 1.05 -9.95 31.86
CA PRO A 206 0.36 -10.41 33.06
C PRO A 206 -0.48 -11.67 32.83
N THR A 207 -1.00 -11.82 31.61
CA THR A 207 -1.84 -12.97 31.28
C THR A 207 -1.05 -14.24 30.92
N PHE A 208 -0.03 -14.13 30.06
CA PHE A 208 0.75 -15.30 29.65
C PHE A 208 2.19 -15.34 30.16
N GLY A 209 2.75 -14.20 30.55
CA GLY A 209 4.12 -14.18 31.03
C GLY A 209 5.05 -13.32 30.19
N ARG A 210 4.67 -13.10 28.92
CA ARG A 210 5.47 -12.28 28.01
C ARG A 210 4.53 -11.38 27.21
N GLY A 211 5.03 -10.24 26.75
CA GLY A 211 4.17 -9.33 25.98
C GLY A 211 4.21 -9.44 24.48
N ALA A 212 5.03 -10.35 23.95
CA ALA A 212 5.17 -10.50 22.49
C ALA A 212 4.11 -11.33 21.75
N MET A 213 4.10 -11.16 20.44
CA MET A 213 3.21 -11.91 19.58
C MET A 213 3.61 -13.35 19.87
N THR A 214 2.64 -14.22 20.10
CA THR A 214 2.91 -15.59 20.49
C THR A 214 3.28 -16.60 19.42
N ASN A 215 2.81 -16.42 18.20
CA ASN A 215 3.14 -17.36 17.14
C ASN A 215 3.95 -16.62 16.09
N HIS A 216 3.73 -16.91 14.81
CA HIS A 216 4.47 -16.21 13.77
C HIS A 216 3.64 -16.18 12.48
N TRP A 217 4.05 -15.35 11.52
CA TRP A 217 3.30 -15.18 10.29
C TRP A 217 2.86 -16.42 9.52
N VAL A 218 3.79 -17.25 9.08
CA VAL A 218 3.43 -18.43 8.32
C VAL A 218 2.49 -19.37 9.08
N ASP A 219 2.65 -19.43 10.40
CA ASP A 219 1.83 -20.31 11.24
C ASP A 219 0.33 -20.04 11.16
N ILE A 220 -0.04 -18.82 10.79
CA ILE A 220 -1.44 -18.46 10.67
C ILE A 220 -2.17 -19.38 9.69
N LYS A 221 -1.43 -19.93 8.73
CA LYS A 221 -2.03 -20.83 7.74
C LYS A 221 -2.65 -22.08 8.35
N ASN A 222 -2.28 -22.39 9.59
CA ASN A 222 -2.79 -23.58 10.27
C ASN A 222 -4.10 -23.35 11.02
N ALA A 223 -4.57 -22.11 11.04
CA ALA A 223 -5.80 -21.78 11.75
C ALA A 223 -7.07 -22.34 11.10
N ASN A 224 -8.10 -22.53 11.92
CA ASN A 224 -9.38 -23.04 11.45
C ASN A 224 -10.32 -21.84 11.41
N VAL A 225 -10.00 -20.83 12.23
CA VAL A 225 -10.76 -19.59 12.27
C VAL A 225 -9.75 -18.46 12.41
N VAL A 226 -9.86 -17.45 11.55
CA VAL A 226 -8.97 -16.30 11.63
C VAL A 226 -9.83 -15.11 11.99
N MET A 227 -9.53 -14.51 13.13
CA MET A 227 -10.30 -13.37 13.60
C MET A 227 -9.51 -12.07 13.45
N VAL A 228 -10.03 -11.16 12.63
CA VAL A 228 -9.39 -9.87 12.46
C VAL A 228 -10.33 -8.87 13.12
N MET A 229 -9.97 -8.50 14.34
CA MET A 229 -10.75 -7.57 15.13
C MET A 229 -9.76 -6.73 15.91
N GLY A 230 -9.89 -5.40 15.84
CA GLY A 230 -8.96 -4.53 16.52
C GLY A 230 -7.73 -4.37 15.65
N GLY A 231 -7.90 -4.66 14.37
CA GLY A 231 -6.82 -4.56 13.39
C GLY A 231 -7.40 -4.65 12.00
N ASN A 232 -6.58 -4.35 11.00
CA ASN A 232 -7.01 -4.40 9.59
C ASN A 232 -5.83 -4.97 8.81
N ALA A 233 -5.50 -6.22 9.11
CA ALA A 233 -4.35 -6.91 8.51
C ALA A 233 -4.16 -6.87 6.99
N ALA A 234 -5.24 -6.87 6.23
CA ALA A 234 -5.10 -6.83 4.78
C ALA A 234 -4.53 -5.48 4.29
N GLU A 235 -4.60 -4.47 5.15
CA GLU A 235 -4.08 -3.16 4.79
C GLU A 235 -2.83 -2.81 5.59
N ALA A 236 -2.77 -3.28 6.84
CA ALA A 236 -1.64 -2.98 7.73
C ALA A 236 -0.50 -4.01 7.75
N HIS A 237 -0.77 -5.22 7.30
CA HIS A 237 0.26 -6.26 7.27
C HIS A 237 -0.08 -7.18 6.08
N PRO A 238 -0.24 -6.60 4.89
CA PRO A 238 -0.61 -7.38 3.70
C PRO A 238 0.14 -8.65 3.32
N VAL A 239 1.46 -8.63 3.29
CA VAL A 239 2.18 -9.84 2.90
C VAL A 239 2.04 -10.91 3.98
N GLY A 240 1.99 -10.49 5.24
CA GLY A 240 1.83 -11.45 6.32
C GLY A 240 0.42 -12.04 6.23
N PHE A 241 -0.51 -11.22 5.79
CA PHE A 241 -1.90 -11.62 5.67
C PHE A 241 -2.08 -12.74 4.62
N ARG A 242 -1.07 -12.97 3.80
CA ARG A 242 -1.19 -14.04 2.80
C ARG A 242 -1.51 -15.34 3.50
N TRP A 243 -0.90 -15.53 4.67
CA TRP A 243 -1.10 -16.76 5.40
C TRP A 243 -2.51 -16.92 5.98
N ALA A 244 -3.22 -15.81 6.14
CA ALA A 244 -4.58 -15.89 6.63
C ALA A 244 -5.42 -16.32 5.44
N MET A 245 -5.03 -15.86 4.25
CA MET A 245 -5.75 -16.23 3.04
C MET A 245 -5.45 -17.68 2.70
N GLU A 246 -4.28 -18.17 3.11
CA GLU A 246 -3.94 -19.56 2.87
C GLU A 246 -4.81 -20.42 3.79
N ALA A 247 -5.01 -19.95 5.02
CA ALA A 247 -5.84 -20.69 5.97
C ALA A 247 -7.27 -20.74 5.42
N LYS A 248 -7.77 -19.59 4.97
CA LYS A 248 -9.13 -19.51 4.43
C LYS A 248 -9.34 -20.34 3.17
N ASN A 249 -8.51 -20.09 2.16
CA ASN A 249 -8.61 -20.77 0.86
C ASN A 249 -8.18 -22.24 0.84
N ASN A 250 -7.13 -22.57 1.58
CA ASN A 250 -6.63 -23.93 1.54
C ASN A 250 -6.74 -24.77 2.81
N ASN A 251 -7.17 -24.17 3.92
CA ASN A 251 -7.34 -24.95 5.14
C ASN A 251 -8.81 -24.87 5.55
N ASP A 252 -9.65 -24.39 4.63
CA ASP A 252 -11.09 -24.26 4.86
C ASP A 252 -11.43 -23.41 6.07
N ALA A 253 -10.57 -22.46 6.44
CA ALA A 253 -10.84 -21.62 7.60
C ALA A 253 -11.88 -20.54 7.34
N THR A 254 -12.49 -20.06 8.42
CA THR A 254 -13.48 -18.99 8.34
C THR A 254 -12.78 -17.71 8.74
N LEU A 255 -12.85 -16.70 7.88
CA LEU A 255 -12.23 -15.41 8.16
C LEU A 255 -13.31 -14.44 8.62
N ILE A 256 -13.13 -13.90 9.82
CA ILE A 256 -14.07 -12.96 10.41
C ILE A 256 -13.44 -11.59 10.61
N VAL A 257 -14.17 -10.53 10.28
CA VAL A 257 -13.70 -9.16 10.49
C VAL A 257 -14.75 -8.43 11.32
N VAL A 258 -14.33 -7.82 12.41
CA VAL A 258 -15.22 -7.04 13.28
C VAL A 258 -14.52 -5.68 13.35
N ASP A 259 -15.15 -4.68 12.75
CA ASP A 259 -14.56 -3.35 12.65
C ASP A 259 -15.66 -2.30 12.40
N PRO A 260 -15.46 -1.05 12.86
CA PRO A 260 -16.51 -0.05 12.61
C PRO A 260 -16.68 0.24 11.11
N ARG A 261 -15.66 -0.09 10.32
CA ARG A 261 -15.67 0.12 8.87
C ARG A 261 -15.59 -1.21 8.12
N PHE A 262 -16.17 -1.24 6.92
CA PHE A 262 -16.07 -2.41 6.07
C PHE A 262 -14.78 -2.08 5.31
N THR A 263 -13.71 -2.74 5.72
CA THR A 263 -12.37 -2.54 5.19
C THR A 263 -11.98 -3.47 4.06
N ARG A 264 -10.74 -3.33 3.58
CA ARG A 264 -10.29 -4.21 2.51
C ARG A 264 -10.10 -5.62 3.06
N THR A 265 -9.98 -5.75 4.38
CA THR A 265 -9.87 -7.10 4.95
C THR A 265 -11.30 -7.67 4.92
N ALA A 266 -12.29 -6.82 5.18
CA ALA A 266 -13.68 -7.26 5.16
C ALA A 266 -14.06 -7.74 3.76
N SER A 267 -13.43 -7.14 2.75
CA SER A 267 -13.71 -7.50 1.36
C SER A 267 -13.56 -8.99 1.10
N VAL A 268 -12.60 -9.61 1.78
CA VAL A 268 -12.33 -11.04 1.61
C VAL A 268 -12.79 -11.91 2.79
N ALA A 269 -13.53 -11.30 3.72
CA ALA A 269 -14.00 -12.05 4.88
C ALA A 269 -15.27 -12.84 4.65
N ASP A 270 -15.40 -13.94 5.39
CA ASP A 270 -16.58 -14.80 5.30
C ASP A 270 -17.69 -14.12 6.08
N ILE A 271 -17.30 -13.51 7.20
CA ILE A 271 -18.23 -12.82 8.09
C ILE A 271 -17.74 -11.43 8.46
N TYR A 272 -18.61 -10.43 8.33
CA TYR A 272 -18.29 -9.07 8.73
C TYR A 272 -19.33 -8.61 9.72
N ALA A 273 -18.86 -8.03 10.82
CA ALA A 273 -19.78 -7.53 11.84
C ALA A 273 -19.27 -6.16 12.25
N PRO A 274 -20.16 -5.16 12.30
CA PRO A 274 -19.77 -3.82 12.69
C PRO A 274 -19.68 -3.69 14.22
N ILE A 275 -18.96 -2.68 14.69
CA ILE A 275 -18.82 -2.43 16.11
C ILE A 275 -18.46 -0.96 16.29
N ARG A 276 -18.99 -0.34 17.35
CA ARG A 276 -18.70 1.06 17.62
C ARG A 276 -17.33 1.17 18.26
N SER A 277 -16.54 2.14 17.80
CA SER A 277 -15.20 2.33 18.36
C SER A 277 -15.27 2.51 19.87
N GLY A 278 -14.38 1.82 20.57
CA GLY A 278 -14.35 1.92 22.02
C GLY A 278 -15.28 1.00 22.80
N THR A 279 -15.86 -0.01 22.15
CA THR A 279 -16.77 -0.90 22.86
C THR A 279 -16.37 -2.37 22.82
N ASP A 280 -15.14 -2.65 22.37
CA ASP A 280 -14.66 -4.03 22.26
C ASP A 280 -14.80 -4.88 23.52
N ILE A 281 -14.54 -4.30 24.70
CA ILE A 281 -14.65 -5.07 25.94
C ILE A 281 -16.06 -5.64 26.12
N THR A 282 -17.07 -4.90 25.69
CA THR A 282 -18.45 -5.36 25.82
C THR A 282 -18.69 -6.57 24.90
N PHE A 283 -18.23 -6.44 23.66
CA PHE A 283 -18.37 -7.50 22.66
C PHE A 283 -17.62 -8.75 23.11
N LEU A 284 -16.36 -8.58 23.48
CA LEU A 284 -15.54 -9.72 23.92
C LEU A 284 -16.01 -10.34 25.24
N SER A 285 -16.51 -9.53 26.16
CA SER A 285 -17.00 -10.08 27.42
C SER A 285 -18.27 -10.86 27.13
N GLY A 286 -18.98 -10.42 26.10
CA GLY A 286 -20.20 -11.11 25.70
C GLY A 286 -19.85 -12.48 25.15
N VAL A 287 -18.69 -12.57 24.50
CA VAL A 287 -18.25 -13.85 23.95
C VAL A 287 -17.91 -14.76 25.11
N LEU A 288 -17.22 -14.21 26.12
CA LEU A 288 -16.87 -15.02 27.27
C LEU A 288 -18.13 -15.57 27.93
N ARG A 289 -19.15 -14.72 28.07
CA ARG A 289 -20.40 -15.17 28.69
C ARG A 289 -21.01 -16.30 27.87
N TYR A 290 -20.99 -16.14 26.55
CA TYR A 290 -21.55 -17.14 25.65
C TYR A 290 -20.83 -18.48 25.76
N LEU A 291 -19.51 -18.45 25.79
CA LEU A 291 -18.73 -19.68 25.88
C LEU A 291 -18.99 -20.41 27.18
N ILE A 292 -18.96 -19.68 28.29
CA ILE A 292 -19.21 -20.28 29.59
C ILE A 292 -20.63 -20.83 29.68
N GLU A 293 -21.62 -20.06 29.25
CA GLU A 293 -22.99 -20.52 29.33
C GLU A 293 -23.28 -21.76 28.50
N ASN A 294 -22.63 -21.88 27.34
CA ASN A 294 -22.86 -23.04 26.47
C ASN A 294 -21.81 -24.13 26.64
N ASN A 295 -20.94 -23.95 27.63
CA ASN A 295 -19.89 -24.90 27.94
C ASN A 295 -19.04 -25.17 26.71
N LYS A 296 -18.76 -24.11 25.97
CA LYS A 296 -17.93 -24.22 24.77
C LYS A 296 -16.52 -23.78 25.17
N ILE A 297 -15.88 -24.64 25.95
CA ILE A 297 -14.51 -24.43 26.44
C ILE A 297 -13.75 -25.74 26.39
N ASN A 298 -12.43 -25.67 26.45
CA ASN A 298 -11.61 -26.86 26.47
C ASN A 298 -11.40 -27.02 27.97
N ALA A 299 -12.31 -27.75 28.62
CA ALA A 299 -12.29 -27.96 30.06
C ALA A 299 -10.99 -28.43 30.71
N GLU A 300 -10.33 -29.43 30.12
CA GLU A 300 -9.10 -29.90 30.73
C GLU A 300 -7.98 -28.87 30.62
N TYR A 301 -7.99 -28.12 29.53
CA TYR A 301 -6.99 -27.07 29.30
C TYR A 301 -7.19 -26.00 30.36
N VAL A 302 -8.44 -25.57 30.53
CA VAL A 302 -8.79 -24.55 31.50
C VAL A 302 -8.44 -24.98 32.93
N LYS A 303 -8.86 -26.17 33.32
CA LYS A 303 -8.59 -26.69 34.66
C LYS A 303 -7.12 -26.75 35.04
N HIS A 304 -6.27 -27.14 34.10
CA HIS A 304 -4.84 -27.30 34.37
C HIS A 304 -3.91 -26.15 33.99
N TYR A 305 -4.16 -25.53 32.85
CA TYR A 305 -3.29 -24.47 32.37
C TYR A 305 -3.63 -23.01 32.71
N THR A 306 -4.77 -22.76 33.35
CA THR A 306 -5.13 -21.39 33.72
C THR A 306 -5.28 -21.34 35.24
N ASN A 307 -5.51 -20.15 35.81
CA ASN A 307 -5.67 -20.05 37.26
C ASN A 307 -7.12 -20.19 37.70
N ALA A 308 -7.92 -20.86 36.88
CA ALA A 308 -9.34 -21.08 37.16
C ALA A 308 -9.64 -21.69 38.52
N SER A 309 -8.78 -22.59 39.00
CA SER A 309 -8.98 -23.27 40.28
C SER A 309 -8.44 -22.54 41.51
N LEU A 310 -7.64 -21.50 41.30
CA LEU A 310 -7.09 -20.76 42.43
C LEU A 310 -8.15 -19.93 43.13
N LEU A 311 -8.05 -19.84 44.46
CA LEU A 311 -9.01 -19.09 45.27
C LEU A 311 -8.61 -17.63 45.48
N VAL A 312 -9.57 -16.74 45.31
CA VAL A 312 -9.38 -15.31 45.47
C VAL A 312 -9.81 -14.85 46.86
N ARG A 313 -9.08 -13.87 47.42
CA ARG A 313 -9.40 -13.33 48.75
C ARG A 313 -10.87 -12.99 48.89
N ASP A 314 -11.44 -13.19 50.08
CA ASP A 314 -12.84 -12.88 50.32
C ASP A 314 -13.14 -11.40 50.17
N ASP A 315 -12.15 -10.54 50.40
CA ASP A 315 -12.42 -9.11 50.29
C ASP A 315 -12.42 -8.55 48.87
N PHE A 316 -12.21 -9.41 47.87
CA PHE A 316 -12.24 -8.95 46.49
C PHE A 316 -13.71 -8.79 46.11
N ALA A 317 -14.05 -7.71 45.43
CA ALA A 317 -15.43 -7.49 45.02
C ALA A 317 -15.53 -6.51 43.85
N PHE A 318 -16.70 -6.46 43.24
CA PHE A 318 -16.99 -5.56 42.13
C PHE A 318 -18.45 -5.16 42.22
N GLU A 319 -18.71 -3.85 42.11
CA GLU A 319 -20.07 -3.37 42.16
C GLU A 319 -20.23 -2.03 41.47
N ASP A 320 -21.23 -1.95 40.59
CA ASP A 320 -21.54 -0.71 39.91
C ASP A 320 -20.35 -0.01 39.24
N GLY A 321 -19.55 -0.78 38.49
CA GLY A 321 -18.42 -0.20 37.78
C GLY A 321 -17.10 -0.03 38.52
N LEU A 322 -17.07 -0.36 39.80
CA LEU A 322 -15.85 -0.23 40.58
C LEU A 322 -15.48 -1.52 41.30
N PHE A 323 -14.19 -1.82 41.32
CA PHE A 323 -13.69 -2.99 42.02
C PHE A 323 -13.39 -2.52 43.43
N SER A 324 -13.12 -3.47 44.31
CA SER A 324 -12.81 -3.14 45.69
C SER A 324 -11.49 -2.36 45.76
N GLY A 325 -11.37 -1.51 46.77
CA GLY A 325 -10.14 -0.74 46.95
C GLY A 325 -10.01 0.61 46.26
N TYR A 326 -11.09 1.11 45.67
CA TYR A 326 -11.02 2.39 44.97
C TYR A 326 -10.84 3.60 45.90
N ASP A 327 -9.87 4.43 45.56
CA ASP A 327 -9.57 5.66 46.29
C ASP A 327 -9.99 6.77 45.31
N ALA A 328 -11.22 7.26 45.48
CA ALA A 328 -11.79 8.29 44.60
C ALA A 328 -11.04 9.61 44.51
N GLU A 329 -10.20 9.90 45.50
CA GLU A 329 -9.47 11.15 45.50
C GLU A 329 -8.17 11.08 44.68
N LYS A 330 -7.52 9.92 44.74
CA LYS A 330 -6.27 9.67 44.03
C LYS A 330 -6.60 9.05 42.67
N ARG A 331 -7.83 8.59 42.54
CA ARG A 331 -8.31 7.92 41.35
C ARG A 331 -7.34 6.79 40.94
N GLN A 332 -7.11 5.91 41.91
CA GLN A 332 -6.29 4.70 41.78
C GLN A 332 -6.87 3.68 42.75
N TYR A 333 -6.52 2.42 42.56
CA TYR A 333 -6.98 1.33 43.40
C TYR A 333 -5.92 0.79 44.34
N ASP A 334 -6.37 0.40 45.53
CA ASP A 334 -5.51 -0.24 46.51
C ASP A 334 -5.81 -1.65 46.03
N LYS A 335 -4.80 -2.36 45.55
CA LYS A 335 -5.01 -3.70 45.00
C LYS A 335 -4.78 -4.88 45.94
N SER A 336 -4.75 -4.62 47.24
CA SER A 336 -4.55 -5.65 48.24
C SER A 336 -5.53 -6.83 48.14
N SER A 337 -6.79 -6.53 47.81
CA SER A 337 -7.80 -7.58 47.73
C SER A 337 -7.78 -8.34 46.40
N TRP A 338 -7.08 -7.80 45.41
CA TRP A 338 -7.00 -8.46 44.10
C TRP A 338 -5.87 -9.49 44.14
N ASN A 339 -5.98 -10.48 45.01
CA ASN A 339 -4.95 -11.51 45.15
C ASN A 339 -5.52 -12.86 45.56
N TYR A 340 -4.67 -13.90 45.51
CA TYR A 340 -5.08 -15.25 45.88
C TYR A 340 -5.04 -15.42 47.39
N GLN A 341 -5.81 -16.37 47.89
CA GLN A 341 -5.80 -16.69 49.31
C GLN A 341 -4.54 -17.54 49.41
N LEU A 342 -3.83 -17.47 50.53
CA LEU A 342 -2.59 -18.23 50.68
C LEU A 342 -2.71 -19.44 51.59
N ASP A 343 -2.05 -20.54 51.23
CA ASP A 343 -2.10 -21.72 52.07
C ASP A 343 -1.02 -21.67 53.14
N GLU A 344 -0.88 -22.76 53.87
CA GLU A 344 0.08 -22.87 54.96
C GLU A 344 1.55 -22.80 54.54
N ASN A 345 1.83 -23.05 53.27
CA ASN A 345 3.20 -23.01 52.78
C ASN A 345 3.48 -21.73 52.00
N GLY A 346 2.49 -20.83 52.00
CA GLY A 346 2.66 -19.57 51.31
C GLY A 346 2.34 -19.57 49.83
N TYR A 347 1.70 -20.62 49.35
CA TYR A 347 1.34 -20.72 47.94
C TYR A 347 -0.16 -20.46 47.77
N ALA A 348 -0.60 -20.23 46.54
CA ALA A 348 -2.00 -19.98 46.27
C ALA A 348 -2.85 -21.21 46.58
N LYS A 349 -3.98 -21.00 47.25
CA LYS A 349 -4.89 -22.11 47.58
C LYS A 349 -5.64 -22.47 46.31
N ARG A 350 -5.99 -23.75 46.16
CA ARG A 350 -6.71 -24.21 44.99
C ARG A 350 -7.89 -25.13 45.29
N ASP A 351 -8.81 -25.21 44.34
CA ASP A 351 -9.94 -26.11 44.44
C ASP A 351 -10.10 -26.67 43.05
N GLU A 352 -9.47 -27.83 42.85
CA GLU A 352 -9.48 -28.52 41.58
C GLU A 352 -10.87 -28.91 41.06
N THR A 353 -11.87 -28.90 41.94
CA THR A 353 -13.24 -29.25 41.53
C THR A 353 -13.95 -28.04 40.94
N LEU A 354 -13.41 -26.86 41.17
CA LEU A 354 -13.98 -25.61 40.67
C LEU A 354 -15.38 -25.33 41.21
N THR A 355 -15.65 -25.76 42.44
CA THR A 355 -16.96 -25.54 43.04
C THR A 355 -16.95 -24.43 44.09
N HIS A 356 -15.78 -24.12 44.63
CA HIS A 356 -15.67 -23.09 45.66
C HIS A 356 -16.08 -21.74 45.10
N PRO A 357 -16.97 -21.02 45.81
CA PRO A 357 -17.44 -19.71 45.36
C PRO A 357 -16.35 -18.68 45.08
N ARG A 358 -15.18 -18.84 45.69
CA ARG A 358 -14.09 -17.89 45.47
C ARG A 358 -13.06 -18.30 44.43
N CYS A 359 -13.30 -19.38 43.69
CA CYS A 359 -12.30 -19.72 42.70
C CYS A 359 -12.46 -18.78 41.53
N VAL A 360 -11.35 -18.49 40.87
CA VAL A 360 -11.32 -17.60 39.74
C VAL A 360 -12.44 -17.94 38.75
N TRP A 361 -12.62 -19.23 38.47
CA TRP A 361 -13.64 -19.64 37.53
C TRP A 361 -15.03 -19.13 37.86
N ASN A 362 -15.46 -19.33 39.11
CA ASN A 362 -16.78 -18.88 39.49
C ASN A 362 -16.91 -17.36 39.55
N LEU A 363 -15.84 -16.67 39.90
CA LEU A 363 -15.87 -15.22 39.95
C LEU A 363 -15.91 -14.65 38.54
N LEU A 364 -15.28 -15.35 37.59
CA LEU A 364 -15.27 -14.92 36.20
C LEU A 364 -16.68 -15.05 35.65
N LYS A 365 -17.32 -16.18 35.93
CA LYS A 365 -18.66 -16.45 35.46
C LYS A 365 -19.61 -15.35 35.92
N GLU A 366 -19.49 -14.97 37.18
CA GLU A 366 -20.33 -13.92 37.75
C GLU A 366 -20.06 -12.57 37.10
N HIS A 367 -18.77 -12.24 36.92
CA HIS A 367 -18.42 -10.96 36.32
C HIS A 367 -18.98 -10.74 34.91
N VAL A 368 -18.85 -11.73 34.02
CA VAL A 368 -19.33 -11.57 32.66
C VAL A 368 -20.83 -11.85 32.47
N SER A 369 -21.52 -12.26 33.52
CA SER A 369 -22.95 -12.57 33.40
C SER A 369 -23.77 -11.38 32.90
N ARG A 370 -23.28 -10.17 33.13
CA ARG A 370 -24.00 -8.96 32.71
C ARG A 370 -23.95 -8.69 31.21
N TYR A 371 -22.98 -9.27 30.51
CA TYR A 371 -22.82 -9.06 29.08
C TYR A 371 -23.63 -9.96 28.16
N THR A 372 -24.94 -9.78 28.19
CA THR A 372 -25.85 -10.56 27.36
C THR A 372 -25.85 -10.02 25.93
N PRO A 373 -26.38 -10.80 24.98
CA PRO A 373 -26.41 -10.34 23.59
C PRO A 373 -27.15 -9.01 23.43
N ASP A 374 -28.16 -8.77 24.27
CA ASP A 374 -28.90 -7.52 24.19
C ASP A 374 -28.02 -6.35 24.63
N VAL A 375 -27.20 -6.59 25.64
CA VAL A 375 -26.31 -5.56 26.14
C VAL A 375 -25.25 -5.27 25.08
N VAL A 376 -24.77 -6.31 24.42
CA VAL A 376 -23.78 -6.13 23.38
C VAL A 376 -24.36 -5.29 22.25
N GLU A 377 -25.59 -5.61 21.84
CA GLU A 377 -26.24 -4.86 20.79
C GLU A 377 -26.48 -3.42 21.20
N ASN A 378 -26.91 -3.21 22.44
CA ASN A 378 -27.19 -1.86 22.91
C ASN A 378 -25.98 -0.94 23.04
N ILE A 379 -24.84 -1.50 23.42
CA ILE A 379 -23.63 -0.69 23.60
C ILE A 379 -22.70 -0.67 22.38
N CYS A 380 -22.50 -1.82 21.75
CA CYS A 380 -21.63 -1.94 20.58
C CYS A 380 -22.32 -1.58 19.28
N GLY A 381 -23.64 -1.75 19.23
CA GLY A 381 -24.37 -1.45 18.02
C GLY A 381 -24.39 -2.66 17.10
N THR A 382 -23.69 -3.72 17.50
CA THR A 382 -23.61 -4.94 16.71
C THR A 382 -24.93 -5.70 16.76
N PRO A 383 -25.59 -5.90 15.59
CA PRO A 383 -26.86 -6.63 15.59
C PRO A 383 -26.69 -8.01 16.21
N LYS A 384 -27.68 -8.45 16.98
CA LYS A 384 -27.63 -9.76 17.64
C LYS A 384 -27.37 -10.93 16.68
N ALA A 385 -27.90 -10.85 15.47
CA ALA A 385 -27.71 -11.91 14.50
C ALA A 385 -26.24 -12.02 14.09
N ASP A 386 -25.57 -10.87 13.97
CA ASP A 386 -24.16 -10.86 13.60
C ASP A 386 -23.31 -11.35 14.76
N PHE A 387 -23.61 -10.87 15.95
CA PHE A 387 -22.88 -11.27 17.14
C PHE A 387 -23.01 -12.78 17.36
N LEU A 388 -24.19 -13.33 17.09
CA LEU A 388 -24.42 -14.77 17.25
C LEU A 388 -23.53 -15.56 16.29
N LYS A 389 -23.43 -15.11 15.05
CA LYS A 389 -22.61 -15.78 14.05
C LYS A 389 -21.17 -15.87 14.55
N VAL A 390 -20.65 -14.76 15.06
CA VAL A 390 -19.29 -14.73 15.57
C VAL A 390 -19.12 -15.66 16.77
N CYS A 391 -20.07 -15.62 17.71
CA CYS A 391 -20.00 -16.48 18.89
C CYS A 391 -19.96 -17.95 18.49
N GLU A 392 -20.85 -18.34 17.59
CA GLU A 392 -20.91 -19.74 17.14
C GLU A 392 -19.63 -20.22 16.50
N VAL A 393 -19.05 -19.40 15.63
CA VAL A 393 -17.82 -19.79 14.96
C VAL A 393 -16.67 -19.90 15.95
N LEU A 394 -16.53 -18.92 16.84
CA LEU A 394 -15.46 -18.98 17.83
C LEU A 394 -15.64 -20.21 18.71
N ALA A 395 -16.88 -20.46 19.12
CA ALA A 395 -17.19 -21.61 19.96
C ALA A 395 -16.80 -22.94 19.32
N SER A 396 -16.86 -23.03 18.00
CA SER A 396 -16.50 -24.26 17.32
C SER A 396 -15.03 -24.61 17.52
N THR A 397 -14.23 -23.65 17.99
CA THR A 397 -12.83 -23.94 18.19
C THR A 397 -12.48 -24.29 19.63
N SER A 398 -13.48 -24.66 20.43
CA SER A 398 -13.23 -25.07 21.81
C SER A 398 -12.82 -26.53 21.76
N ALA A 399 -13.04 -27.15 20.60
CA ALA A 399 -12.66 -28.55 20.39
C ALA A 399 -11.14 -28.55 20.45
N PRO A 400 -10.54 -29.63 20.99
CA PRO A 400 -9.08 -29.68 21.08
C PRO A 400 -8.36 -29.62 19.72
N ASP A 401 -8.98 -30.13 18.66
CA ASP A 401 -8.35 -30.12 17.35
C ASP A 401 -8.79 -29.03 16.38
N ARG A 402 -9.30 -27.92 16.90
CA ARG A 402 -9.71 -26.78 16.07
C ARG A 402 -9.19 -25.55 16.80
N THR A 403 -8.70 -24.57 16.06
CA THR A 403 -8.16 -23.36 16.66
C THR A 403 -8.58 -22.07 16.00
N THR A 404 -8.58 -21.00 16.80
CA THR A 404 -8.87 -19.68 16.29
C THR A 404 -7.57 -18.95 16.57
N THR A 405 -7.19 -18.02 15.69
CA THR A 405 -6.03 -17.20 15.96
C THR A 405 -6.54 -15.79 15.81
N PHE A 406 -6.14 -14.90 16.71
CA PHE A 406 -6.56 -13.51 16.66
C PHE A 406 -5.44 -12.65 16.09
N LEU A 407 -5.78 -11.81 15.13
CA LEU A 407 -4.84 -10.88 14.51
C LEU A 407 -5.34 -9.48 14.87
N TYR A 408 -4.57 -8.75 15.69
CA TYR A 408 -4.99 -7.41 16.12
C TYR A 408 -3.82 -6.45 16.32
N ALA A 409 -4.16 -5.18 16.47
CA ALA A 409 -3.16 -4.13 16.70
C ALA A 409 -3.80 -2.90 17.37
N LEU A 410 -3.78 -1.76 16.70
CA LEU A 410 -4.29 -0.50 17.24
C LEU A 410 -5.79 -0.38 17.49
N GLY A 411 -6.60 -1.11 16.75
CA GLY A 411 -8.04 -1.06 16.95
C GLY A 411 -8.36 -1.37 18.40
N TRP A 412 -7.45 -2.11 19.03
CA TRP A 412 -7.62 -2.49 20.43
C TRP A 412 -6.69 -1.73 21.39
N THR A 413 -5.45 -1.47 21.00
CA THR A 413 -4.52 -0.77 21.91
C THR A 413 -4.72 0.71 22.18
N GLN A 414 -5.10 1.47 21.15
CA GLN A 414 -5.25 2.91 21.32
C GLN A 414 -6.55 3.41 21.94
N HIS A 415 -6.74 3.05 23.20
CA HIS A 415 -7.90 3.43 23.99
C HIS A 415 -7.51 3.62 25.44
N THR A 416 -8.36 4.29 26.21
CA THR A 416 -8.09 4.47 27.62
C THR A 416 -8.26 3.12 28.32
N VAL A 417 -8.85 2.16 27.62
CA VAL A 417 -9.03 0.80 28.16
C VAL A 417 -8.33 -0.19 27.23
N GLY A 418 -7.31 0.29 26.52
CA GLY A 418 -6.58 -0.56 25.59
C GLY A 418 -6.08 -1.87 26.13
N ALA A 419 -5.38 -1.83 27.27
CA ALA A 419 -4.83 -3.06 27.86
C ALA A 419 -5.95 -4.03 28.22
N GLN A 420 -7.08 -3.50 28.68
CA GLN A 420 -8.19 -4.37 29.06
C GLN A 420 -8.88 -4.99 27.84
N ASN A 421 -8.80 -4.31 26.69
CA ASN A 421 -9.40 -4.85 25.46
C ASN A 421 -8.70 -6.18 25.20
N ILE A 422 -7.37 -6.13 25.25
CA ILE A 422 -6.53 -7.28 24.99
C ILE A 422 -6.68 -8.37 26.05
N ARG A 423 -6.86 -7.98 27.30
CA ARG A 423 -7.07 -8.94 28.38
C ARG A 423 -8.25 -9.84 28.05
N THR A 424 -9.34 -9.22 27.62
CA THR A 424 -10.55 -9.97 27.30
C THR A 424 -10.35 -11.00 26.19
N MET A 425 -9.63 -10.63 25.14
CA MET A 425 -9.40 -11.58 24.04
C MET A 425 -8.47 -12.71 24.48
N ALA A 426 -7.47 -12.38 25.29
CA ALA A 426 -6.53 -13.39 25.78
C ALA A 426 -7.26 -14.41 26.62
N MET A 427 -8.23 -13.95 27.40
CA MET A 427 -9.01 -14.83 28.25
C MET A 427 -9.82 -15.79 27.37
N ILE A 428 -10.32 -15.28 26.25
CA ILE A 428 -11.08 -16.10 25.32
C ILE A 428 -10.20 -17.23 24.78
N GLN A 429 -8.98 -16.89 24.38
CA GLN A 429 -8.08 -17.91 23.86
C GLN A 429 -7.71 -18.96 24.90
N LEU A 430 -7.73 -18.59 26.18
CA LEU A 430 -7.40 -19.56 27.23
C LEU A 430 -8.60 -20.50 27.42
N LEU A 431 -9.81 -19.96 27.38
CA LEU A 431 -11.00 -20.79 27.53
C LEU A 431 -11.13 -21.78 26.38
N LEU A 432 -10.75 -21.36 25.17
CA LEU A 432 -10.84 -22.20 24.00
C LEU A 432 -9.68 -23.20 23.87
N GLY A 433 -8.65 -23.01 24.69
CA GLY A 433 -7.50 -23.89 24.65
C GLY A 433 -6.65 -23.71 23.41
N ASN A 434 -6.56 -22.48 22.93
CA ASN A 434 -5.80 -22.19 21.72
C ASN A 434 -4.39 -21.63 21.87
N MET A 435 -3.95 -21.36 23.09
CA MET A 435 -2.60 -20.84 23.28
C MET A 435 -1.58 -21.97 23.20
N GLY A 436 -0.45 -21.71 22.54
CA GLY A 436 0.59 -22.71 22.40
C GLY A 436 0.38 -23.62 21.21
N MET A 437 -0.75 -23.43 20.51
CA MET A 437 -1.10 -24.24 19.34
C MET A 437 -0.69 -23.65 18.00
N ALA A 438 -0.30 -24.53 17.08
CA ALA A 438 0.06 -24.09 15.74
C ALA A 438 -1.29 -23.69 15.15
N GLY A 439 -1.39 -22.48 14.63
CA GLY A 439 -2.65 -22.03 14.06
C GLY A 439 -3.55 -21.37 15.09
N GLY A 440 -3.03 -21.19 16.30
CA GLY A 440 -3.79 -20.56 17.35
C GLY A 440 -3.04 -19.34 17.87
N GLY A 441 -3.02 -19.16 19.18
CA GLY A 441 -2.31 -18.05 19.78
C GLY A 441 -2.86 -16.65 19.61
N VAL A 442 -2.07 -15.67 20.06
CA VAL A 442 -2.44 -14.27 19.97
C VAL A 442 -1.43 -13.56 19.12
N ASN A 443 -1.80 -13.27 17.88
CA ASN A 443 -0.88 -12.59 16.99
C ASN A 443 -1.09 -11.09 17.02
N ALA A 444 -0.48 -10.49 18.04
CA ALA A 444 -0.51 -9.05 18.25
C ALA A 444 0.48 -8.52 17.24
N LEU A 445 -0.01 -8.10 16.09
CA LEU A 445 0.83 -7.63 15.00
C LEU A 445 1.53 -6.31 15.25
N ARG A 446 2.85 -6.37 15.38
CA ARG A 446 3.68 -5.20 15.64
C ARG A 446 3.66 -4.20 14.47
N GLY A 447 4.05 -2.97 14.76
CA GLY A 447 4.03 -1.95 13.73
C GLY A 447 5.29 -1.71 12.94
N HIS A 448 6.13 -0.80 13.44
CA HIS A 448 7.39 -0.47 12.79
C HIS A 448 8.23 -1.72 12.60
N SER A 449 9.07 -1.69 11.58
CA SER A 449 9.97 -2.79 11.25
C SER A 449 10.77 -3.26 12.46
N ASN A 450 11.13 -2.34 13.36
CA ASN A 450 11.90 -2.75 14.52
C ASN A 450 11.39 -2.26 15.86
N ILE A 451 10.07 -2.07 15.97
CA ILE A 451 9.55 -1.64 17.26
C ILE A 451 9.74 -2.81 18.23
N GLN A 452 9.72 -4.03 17.71
CA GLN A 452 9.92 -5.19 18.59
C GLN A 452 11.31 -5.14 19.18
N GLY A 453 12.30 -4.82 18.33
CA GLY A 453 13.67 -4.76 18.80
C GLY A 453 13.90 -3.66 19.81
N LEU A 454 13.33 -2.48 19.57
CA LEU A 454 13.52 -1.39 20.52
C LEU A 454 12.80 -1.64 21.83
N THR A 455 11.72 -2.42 21.78
CA THR A 455 11.02 -2.74 23.02
C THR A 455 11.91 -3.75 23.74
N ASP A 456 12.43 -4.72 23.00
CA ASP A 456 13.31 -5.74 23.57
C ASP A 456 14.51 -5.07 24.24
N LEU A 457 15.08 -4.07 23.57
CA LEU A 457 16.26 -3.39 24.09
C LEU A 457 15.95 -2.36 25.18
N GLY A 458 14.66 -2.18 25.47
CA GLY A 458 14.25 -1.28 26.55
C GLY A 458 14.29 0.22 26.35
N LEU A 459 14.03 0.70 25.14
CA LEU A 459 14.03 2.14 24.91
C LEU A 459 12.66 2.72 25.28
N LEU A 460 12.32 2.58 26.56
CA LEU A 460 11.08 3.09 27.14
C LEU A 460 11.50 3.69 28.48
N SER A 461 10.85 4.78 28.89
CA SER A 461 11.23 5.48 30.13
C SER A 461 11.93 4.73 31.26
N THR A 462 11.27 3.76 31.88
CA THR A 462 11.89 3.05 33.01
C THR A 462 12.50 1.68 32.69
N SER A 463 12.69 1.37 31.42
CA SER A 463 13.23 0.07 31.02
C SER A 463 14.72 -0.03 30.76
N LEU A 464 15.19 -1.28 30.79
CA LEU A 464 16.56 -1.63 30.50
C LEU A 464 16.39 -2.79 29.51
N PRO A 465 17.46 -3.18 28.82
CA PRO A 465 17.35 -4.29 27.85
C PRO A 465 16.90 -5.61 28.47
N GLY A 466 16.21 -6.44 27.69
CA GLY A 466 15.76 -7.73 28.15
C GLY A 466 14.62 -7.72 29.15
N TYR A 467 13.80 -6.68 29.07
CA TYR A 467 12.65 -6.52 29.95
C TYR A 467 13.04 -6.41 31.42
N LEU A 468 14.22 -5.84 31.64
CA LEU A 468 14.72 -5.58 32.97
C LEU A 468 14.19 -4.18 33.25
N THR A 469 14.27 -3.73 34.49
CA THR A 469 13.77 -2.41 34.88
C THR A 469 14.81 -1.55 35.57
N LEU A 470 14.82 -0.25 35.30
CA LEU A 470 15.75 0.64 35.97
C LEU A 470 15.35 0.66 37.45
N PRO A 471 16.29 0.96 38.35
CA PRO A 471 15.94 0.99 39.78
C PRO A 471 15.00 2.15 40.08
N SER A 472 14.05 1.96 40.99
CA SER A 472 13.17 3.06 41.36
C SER A 472 13.96 3.76 42.46
N GLU A 473 13.67 5.02 42.73
CA GLU A 473 14.42 5.75 43.75
C GLU A 473 14.21 5.25 45.19
N LYS A 474 13.28 4.33 45.39
CA LYS A 474 13.02 3.80 46.72
C LYS A 474 13.91 2.59 47.01
N GLN A 475 14.51 2.05 45.95
CA GLN A 475 15.39 0.91 46.05
C GLN A 475 16.80 1.47 46.24
N VAL A 476 17.17 1.71 47.50
CA VAL A 476 18.45 2.30 47.84
C VAL A 476 19.71 1.47 47.64
N ASP A 477 19.58 0.16 47.49
CA ASP A 477 20.76 -0.67 47.25
C ASP A 477 20.45 -1.85 46.35
N LEU A 478 21.51 -2.49 45.86
CA LEU A 478 21.39 -3.62 44.96
C LEU A 478 20.46 -4.71 45.49
N GLN A 479 20.60 -5.05 46.76
CA GLN A 479 19.78 -6.09 47.35
C GLN A 479 18.29 -5.78 47.26
N SER A 480 17.92 -4.55 47.60
CA SER A 480 16.52 -4.13 47.55
C SER A 480 15.99 -4.16 46.12
N TYR A 481 16.85 -3.75 45.20
CA TYR A 481 16.50 -3.70 43.77
C TYR A 481 16.23 -5.10 43.23
N LEU A 482 17.15 -6.03 43.49
CA LEU A 482 16.97 -7.40 43.02
C LEU A 482 15.76 -8.06 43.64
N GLU A 483 15.56 -7.87 44.94
CA GLU A 483 14.41 -8.47 45.62
C GLU A 483 13.09 -8.01 45.02
N ALA A 484 13.01 -6.74 44.65
CA ALA A 484 11.80 -6.18 44.06
C ALA A 484 11.52 -6.70 42.65
N ASN A 485 12.58 -7.09 41.94
CA ASN A 485 12.44 -7.57 40.57
C ASN A 485 12.56 -9.08 40.35
N THR A 486 12.80 -9.81 41.44
CA THR A 486 12.92 -11.27 41.38
C THR A 486 11.68 -11.84 42.08
N PRO A 487 10.71 -12.34 41.30
CA PRO A 487 9.48 -12.90 41.87
C PRO A 487 9.61 -14.26 42.54
N LYS A 488 8.90 -14.41 43.66
CA LYS A 488 8.89 -15.68 44.37
C LYS A 488 7.79 -16.48 43.70
N ALA A 489 7.96 -17.80 43.61
CA ALA A 489 6.97 -18.65 42.98
C ALA A 489 5.68 -18.63 43.80
N THR A 490 4.53 -18.68 43.14
CA THR A 490 3.28 -18.66 43.89
C THR A 490 2.55 -20.01 43.95
N LEU A 491 3.17 -21.02 43.36
CA LEU A 491 2.68 -22.40 43.38
C LEU A 491 3.98 -23.20 43.36
N ALA A 492 3.97 -24.38 43.96
CA ALA A 492 5.15 -25.21 44.00
C ALA A 492 5.42 -25.89 42.65
N ASP A 493 6.68 -26.29 42.46
CA ASP A 493 7.10 -27.00 41.25
C ASP A 493 6.96 -26.23 39.93
N GLN A 494 7.20 -24.92 39.95
CA GLN A 494 7.09 -24.12 38.72
C GLN A 494 8.46 -23.68 38.23
N VAL A 495 8.56 -23.42 36.93
CA VAL A 495 9.82 -22.96 36.36
C VAL A 495 10.15 -21.57 36.91
N ASN A 496 9.16 -20.69 36.90
CA ASN A 496 9.32 -19.32 37.40
C ASN A 496 10.69 -18.79 37.00
N TYR A 497 10.96 -18.76 35.71
CA TYR A 497 12.25 -18.34 35.21
C TYR A 497 12.79 -16.96 35.59
N TRP A 498 11.92 -16.03 35.95
CA TRP A 498 12.41 -14.70 36.34
C TRP A 498 13.19 -14.76 37.65
N SER A 499 13.27 -15.93 38.26
CA SER A 499 14.01 -16.08 39.50
C SER A 499 15.48 -15.85 39.17
N ASN A 500 15.79 -15.89 37.87
CA ASN A 500 17.14 -15.70 37.39
C ASN A 500 17.51 -14.24 37.11
N TYR A 501 16.62 -13.33 37.46
CA TYR A 501 16.84 -11.91 37.24
C TYR A 501 18.25 -11.38 37.58
N PRO A 502 18.81 -11.78 38.74
CA PRO A 502 20.15 -11.29 39.10
C PRO A 502 21.23 -11.61 38.07
N LYS A 503 21.14 -12.78 37.46
CA LYS A 503 22.15 -13.17 36.47
C LYS A 503 22.07 -12.25 35.25
N PHE A 504 20.84 -11.90 34.86
CA PHE A 504 20.68 -11.03 33.70
C PHE A 504 21.13 -9.61 34.03
N PHE A 505 20.79 -9.15 35.22
CA PHE A 505 21.17 -7.79 35.62
C PHE A 505 22.69 -7.61 35.76
N VAL A 506 23.33 -8.50 36.51
CA VAL A 506 24.77 -8.39 36.69
C VAL A 506 25.47 -8.50 35.33
N SER A 507 24.96 -9.37 34.46
CA SER A 507 25.57 -9.52 33.14
C SER A 507 25.41 -8.25 32.31
N LEU A 508 24.29 -7.54 32.50
CA LEU A 508 24.06 -6.30 31.78
C LEU A 508 25.06 -5.26 32.26
N MET A 509 25.28 -5.21 33.58
CA MET A 509 26.21 -4.26 34.14
C MET A 509 27.63 -4.53 33.67
N LYS A 510 27.99 -5.81 33.50
CA LYS A 510 29.33 -6.14 33.03
C LYS A 510 29.47 -5.67 31.58
N SER A 511 28.40 -5.75 30.81
CA SER A 511 28.45 -5.31 29.42
C SER A 511 28.59 -3.79 29.36
N PHE A 512 27.83 -3.09 30.19
CA PHE A 512 27.87 -1.62 30.24
C PHE A 512 29.19 -1.07 30.78
N TYR A 513 29.60 -1.59 31.92
CA TYR A 513 30.78 -1.07 32.60
C TYR A 513 32.09 -1.86 32.59
N GLY A 514 32.07 -3.11 32.15
CA GLY A 514 33.29 -3.90 32.10
C GLY A 514 34.00 -4.03 33.44
N ASP A 515 35.31 -3.77 33.45
CA ASP A 515 36.11 -3.89 34.67
C ASP A 515 35.68 -2.92 35.79
N ALA A 516 34.98 -1.86 35.42
CA ALA A 516 34.54 -0.87 36.40
C ALA A 516 33.40 -1.41 37.27
N ALA A 517 32.74 -2.46 36.80
CA ALA A 517 31.66 -3.06 37.56
C ALA A 517 32.22 -4.27 38.30
N GLN A 518 32.22 -4.21 39.62
CA GLN A 518 32.73 -5.30 40.46
C GLN A 518 31.79 -5.53 41.64
N LYS A 519 31.97 -6.64 42.34
CA LYS A 519 31.14 -6.95 43.49
C LYS A 519 31.25 -5.85 44.53
N GLU A 520 32.46 -5.33 44.68
CA GLU A 520 32.77 -4.28 45.64
C GLU A 520 31.96 -2.98 45.49
N ASN A 521 31.62 -2.59 44.27
CA ASN A 521 30.83 -1.37 44.08
C ASN A 521 29.44 -1.71 43.57
N ASN A 522 29.01 -2.92 43.89
CA ASN A 522 27.70 -3.42 43.52
C ASN A 522 27.42 -3.39 42.02
N TRP A 523 28.45 -3.74 41.25
CA TRP A 523 28.35 -3.81 39.81
C TRP A 523 27.99 -2.49 39.14
N GLY A 524 28.30 -1.38 39.80
CA GLY A 524 28.00 -0.07 39.24
C GLY A 524 26.56 0.36 39.42
N TYR A 525 25.85 -0.33 40.31
CA TYR A 525 24.45 -0.05 40.59
C TYR A 525 24.04 1.42 40.64
N ASP A 526 24.76 2.23 41.42
CA ASP A 526 24.40 3.64 41.54
C ASP A 526 24.64 4.55 40.33
N TRP A 527 25.25 4.02 39.27
CA TRP A 527 25.47 4.85 38.09
C TRP A 527 24.23 4.95 37.20
N LEU A 528 23.28 4.03 37.37
CA LEU A 528 22.05 4.05 36.59
C LEU A 528 21.09 5.09 37.16
N PRO A 529 20.36 5.77 36.28
CA PRO A 529 19.41 6.77 36.80
C PRO A 529 18.24 6.04 37.49
N LYS A 530 17.82 6.56 38.64
CA LYS A 530 16.70 5.94 39.37
C LYS A 530 15.46 6.81 39.14
N TRP A 531 14.32 6.17 38.89
CA TRP A 531 13.08 6.92 38.63
C TRP A 531 12.17 7.16 39.83
N ASP A 532 11.51 8.31 39.82
CA ASP A 532 10.56 8.67 40.86
C ASP A 532 9.17 8.41 40.29
N GLN A 533 9.12 8.33 38.96
CA GLN A 533 7.89 8.08 38.24
C GLN A 533 8.24 7.75 36.78
N THR A 534 7.23 7.40 36.00
CA THR A 534 7.42 7.07 34.59
C THR A 534 7.26 8.35 33.78
N TYR A 535 8.23 8.64 32.91
CA TYR A 535 8.16 9.85 32.10
C TYR A 535 7.68 9.53 30.69
N ASP A 536 6.40 9.22 30.57
CA ASP A 536 5.77 8.90 29.29
C ASP A 536 5.64 10.18 28.47
N VAL A 537 5.41 10.04 27.17
CA VAL A 537 5.34 11.22 26.31
C VAL A 537 4.27 12.26 26.64
N ILE A 538 3.05 11.85 27.01
CA ILE A 538 2.05 12.85 27.34
C ILE A 538 2.50 13.65 28.56
N LYS A 539 3.02 12.95 29.57
CA LYS A 539 3.49 13.60 30.77
C LYS A 539 4.65 14.54 30.46
N TYR A 540 5.58 14.07 29.64
CA TYR A 540 6.74 14.90 29.31
C TYR A 540 6.35 16.14 28.52
N PHE A 541 5.32 16.05 27.68
CA PHE A 541 4.93 17.24 26.93
C PHE A 541 4.14 18.18 27.83
N ASN A 542 3.58 17.65 28.91
CA ASN A 542 2.84 18.49 29.85
C ASN A 542 3.92 19.29 30.56
N MET A 543 5.04 18.64 30.85
CA MET A 543 6.18 19.29 31.50
C MET A 543 6.78 20.34 30.56
N MET A 544 6.87 20.00 29.28
CA MET A 544 7.43 20.90 28.28
C MET A 544 6.57 22.17 28.20
N ASP A 545 5.26 22.00 28.29
CA ASP A 545 4.34 23.12 28.22
C ASP A 545 4.49 24.03 29.45
N GLU A 546 5.01 23.49 30.55
CA GLU A 546 5.19 24.30 31.76
C GLU A 546 6.60 24.90 31.83
N GLY A 547 7.38 24.68 30.77
CA GLY A 547 8.73 25.22 30.71
C GLY A 547 9.79 24.43 31.44
N LYS A 548 9.52 23.16 31.72
CA LYS A 548 10.48 22.31 32.43
C LYS A 548 11.40 21.51 31.52
N VAL A 549 11.22 21.63 30.21
CA VAL A 549 12.06 20.89 29.27
C VAL A 549 12.86 21.83 28.37
N THR A 550 14.18 21.68 28.43
CA THR A 550 15.12 22.50 27.66
C THR A 550 15.38 22.00 26.24
N GLY A 551 15.71 20.71 26.13
CA GLY A 551 16.00 20.14 24.82
C GLY A 551 15.32 18.81 24.55
N TYR A 552 15.27 18.44 23.28
CA TYR A 552 14.61 17.21 22.88
C TYR A 552 15.23 16.61 21.60
N PHE A 553 15.43 15.30 21.61
CA PHE A 553 15.98 14.58 20.46
C PHE A 553 14.86 13.80 19.81
N CYS A 554 14.80 13.86 18.49
CA CYS A 554 13.80 13.10 17.75
C CYS A 554 14.55 12.28 16.72
N GLN A 555 14.85 11.04 17.10
CA GLN A 555 15.58 10.12 16.25
C GLN A 555 14.57 9.20 15.59
N GLY A 556 14.37 9.37 14.28
CA GLY A 556 13.43 8.54 13.54
C GLY A 556 12.04 8.49 14.18
N PHE A 557 11.54 9.66 14.54
CA PHE A 557 10.24 9.80 15.21
C PHE A 557 9.77 11.20 14.83
N ASN A 558 8.55 11.30 14.32
CA ASN A 558 7.95 12.56 13.85
C ASN A 558 6.73 12.94 14.70
N PRO A 559 6.95 13.34 15.95
CA PRO A 559 5.85 13.72 16.85
C PRO A 559 4.85 14.78 16.38
N VAL A 560 5.29 15.72 15.56
CA VAL A 560 4.34 16.72 15.08
C VAL A 560 3.24 16.00 14.30
N ALA A 561 3.60 14.90 13.66
CA ALA A 561 2.61 14.13 12.91
C ALA A 561 1.97 13.03 13.75
N SER A 562 2.76 12.35 14.57
CA SER A 562 2.27 11.21 15.36
C SER A 562 1.71 11.38 16.77
N PHE A 563 2.00 12.49 17.45
CA PHE A 563 1.49 12.69 18.81
C PHE A 563 0.07 13.25 18.75
N PRO A 564 -0.73 12.99 19.79
CA PRO A 564 -2.10 13.51 19.80
C PRO A 564 -2.16 15.03 20.02
N ASP A 565 -3.25 15.65 19.56
CA ASP A 565 -3.45 17.09 19.71
C ASP A 565 -2.29 17.89 19.12
N LYS A 566 -2.13 17.81 17.80
CA LYS A 566 -1.03 18.49 17.09
C LYS A 566 -0.88 19.98 17.39
N ASN A 567 -1.99 20.70 17.53
CA ASN A 567 -1.86 22.13 17.82
C ASN A 567 -1.14 22.34 19.15
N LYS A 568 -1.44 21.47 20.12
CA LYS A 568 -0.78 21.59 21.42
C LYS A 568 0.68 21.15 21.33
N VAL A 569 0.93 20.11 20.53
CA VAL A 569 2.30 19.59 20.35
C VAL A 569 3.23 20.68 19.81
N VAL A 570 2.77 21.38 18.77
CA VAL A 570 3.57 22.44 18.19
C VAL A 570 3.79 23.54 19.21
N SER A 571 2.78 23.83 20.01
CA SER A 571 2.89 24.86 21.05
C SER A 571 3.93 24.44 22.09
N CYS A 572 3.97 23.15 22.40
CA CYS A 572 4.92 22.64 23.38
C CYS A 572 6.36 22.68 22.85
N LEU A 573 6.56 22.19 21.63
CA LEU A 573 7.89 22.20 21.03
C LEU A 573 8.45 23.61 20.92
N SER A 574 7.56 24.58 20.71
CA SER A 574 7.98 25.96 20.57
C SER A 574 8.64 26.51 21.83
N LYS A 575 8.45 25.82 22.96
CA LYS A 575 9.04 26.29 24.20
C LYS A 575 10.44 25.72 24.45
N LEU A 576 10.86 24.79 23.60
CA LEU A 576 12.18 24.18 23.71
C LEU A 576 13.28 25.17 23.36
N LYS A 577 14.42 25.04 24.02
CA LYS A 577 15.55 25.91 23.72
C LYS A 577 16.31 25.27 22.57
N TYR A 578 16.31 23.95 22.50
CA TYR A 578 16.98 23.24 21.41
C TYR A 578 16.35 21.91 21.07
N MET A 579 16.45 21.54 19.80
CA MET A 579 15.90 20.27 19.33
C MET A 579 16.85 19.67 18.30
N VAL A 580 17.06 18.37 18.39
CA VAL A 580 17.95 17.67 17.47
C VAL A 580 17.15 16.58 16.77
N VAL A 581 17.05 16.68 15.45
CA VAL A 581 16.33 15.71 14.65
C VAL A 581 17.36 14.90 13.85
N ILE A 582 17.22 13.57 13.89
CA ILE A 582 18.13 12.67 13.17
C ILE A 582 17.20 11.83 12.29
N ASP A 583 17.35 11.95 10.98
CA ASP A 583 16.44 11.26 10.07
C ASP A 583 16.99 11.25 8.64
N PRO A 584 16.51 10.32 7.79
CA PRO A 584 17.00 10.28 6.41
C PRO A 584 16.09 11.14 5.51
N LEU A 585 15.02 11.67 6.10
CA LEU A 585 14.04 12.48 5.37
C LEU A 585 13.63 13.77 6.09
N VAL A 586 13.09 14.69 5.31
CA VAL A 586 12.55 15.95 5.82
C VAL A 586 11.29 15.51 6.58
N THR A 587 11.10 16.01 7.79
CA THR A 587 9.89 15.66 8.56
C THR A 587 9.19 16.92 9.02
N GLU A 588 7.90 16.79 9.31
CA GLU A 588 7.12 17.92 9.79
C GLU A 588 7.68 18.43 11.11
N THR A 589 8.21 17.51 11.92
CA THR A 589 8.77 17.91 13.20
C THR A 589 9.99 18.82 13.01
N SER A 590 10.84 18.50 12.03
CA SER A 590 12.02 19.31 11.79
C SER A 590 11.66 20.72 11.33
N THR A 591 10.47 20.88 10.73
CA THR A 591 10.04 22.18 10.24
C THR A 591 8.81 22.71 10.99
N PHE A 592 8.65 22.35 12.26
CA PHE A 592 7.51 22.78 13.05
C PHE A 592 7.45 24.29 13.23
N TRP A 593 8.60 24.94 13.07
CA TRP A 593 8.73 26.39 13.25
C TRP A 593 8.41 27.17 11.97
N GLN A 594 8.20 26.44 10.89
CA GLN A 594 7.93 27.04 9.59
C GLN A 594 6.45 27.17 9.26
N ASN A 595 6.06 28.32 8.70
CA ASN A 595 4.67 28.53 8.36
C ASN A 595 4.28 27.82 7.07
N HIS A 596 3.22 27.01 7.15
CA HIS A 596 2.71 26.26 6.01
C HIS A 596 1.22 26.50 5.84
N GLY A 597 0.78 27.74 6.06
CA GLY A 597 -0.63 28.06 5.93
C GLY A 597 -1.46 27.37 7.00
N GLU A 598 -2.69 27.00 6.67
CA GLU A 598 -3.53 26.34 7.65
C GLU A 598 -2.90 25.07 8.22
N SER A 599 -2.10 24.38 7.41
CA SER A 599 -1.46 23.13 7.83
C SER A 599 -0.50 23.33 9.01
N ASN A 600 0.10 24.50 9.10
CA ASN A 600 1.00 24.81 10.20
C ASN A 600 1.11 26.32 10.27
N ASP A 601 0.11 26.92 10.89
CA ASP A 601 0.04 28.36 11.01
C ASP A 601 0.80 28.89 12.22
N VAL A 602 2.12 29.01 12.06
CA VAL A 602 2.99 29.50 13.12
C VAL A 602 3.75 30.72 12.62
N ASP A 603 4.34 31.45 13.57
CA ASP A 603 5.12 32.64 13.26
C ASP A 603 6.56 32.33 13.66
N PRO A 604 7.43 32.06 12.67
CA PRO A 604 8.83 31.73 12.90
C PRO A 604 9.53 32.72 13.83
N ALA A 605 9.21 34.00 13.69
CA ALA A 605 9.83 35.03 14.51
C ALA A 605 9.56 34.89 16.00
N SER A 606 8.45 34.22 16.33
CA SER A 606 8.08 34.03 17.74
C SER A 606 8.62 32.75 18.38
N ILE A 607 9.22 31.89 17.57
CA ILE A 607 9.77 30.62 18.07
C ILE A 607 11.29 30.72 18.19
N GLN A 608 11.81 30.65 19.41
CA GLN A 608 13.24 30.79 19.66
C GLN A 608 14.08 29.52 19.69
N THR A 609 13.47 28.39 19.38
CA THR A 609 14.16 27.10 19.38
C THR A 609 15.30 26.97 18.38
N GLU A 610 16.44 26.46 18.84
CA GLU A 610 17.57 26.22 17.96
C GLU A 610 17.33 24.80 17.47
N VAL A 611 17.22 24.62 16.17
CA VAL A 611 16.96 23.29 15.63
C VAL A 611 18.10 22.76 14.79
N PHE A 612 18.52 21.54 15.10
CA PHE A 612 19.58 20.86 14.35
C PHE A 612 18.95 19.70 13.63
N ARG A 613 19.18 19.62 12.32
CA ARG A 613 18.65 18.52 11.54
C ARG A 613 19.83 17.77 10.96
N LEU A 614 20.06 16.57 11.47
CA LEU A 614 21.20 15.75 11.06
C LEU A 614 20.81 14.61 10.11
N PRO A 615 21.41 14.59 8.91
CA PRO A 615 21.12 13.56 7.89
C PRO A 615 21.67 12.18 8.21
N SER A 616 20.78 11.20 8.31
CA SER A 616 21.19 9.84 8.61
C SER A 616 20.98 8.92 7.43
N THR A 617 21.45 7.69 7.59
CA THR A 617 21.32 6.62 6.61
C THR A 617 19.91 6.06 6.74
N CYS A 618 19.50 5.25 5.78
CA CYS A 618 18.22 4.58 5.85
C CYS A 618 18.60 3.09 5.87
N PHE A 619 17.61 2.21 5.93
CA PHE A 619 17.83 0.75 6.00
C PHE A 619 18.79 0.15 4.96
N ALA A 620 18.77 0.70 3.75
CA ALA A 620 19.57 0.18 2.64
C ALA A 620 21.03 0.59 2.66
N GLU A 621 21.39 1.47 3.61
CA GLU A 621 22.74 1.98 3.67
C GLU A 621 23.63 1.53 4.85
N GLU A 622 23.19 0.50 5.58
CA GLU A 622 23.95 -0.07 6.71
C GLU A 622 23.64 -1.55 6.81
N ASP A 623 24.47 -2.28 7.56
CA ASP A 623 24.22 -3.69 7.80
C ASP A 623 23.71 -3.64 9.24
N GLY A 624 23.01 -4.69 9.66
CA GLY A 624 22.49 -4.71 11.02
C GLY A 624 21.31 -5.64 11.10
N SER A 625 20.65 -5.64 12.26
CA SER A 625 19.51 -6.52 12.47
C SER A 625 18.28 -5.78 12.98
N ILE A 626 17.11 -6.32 12.67
CA ILE A 626 15.84 -5.78 13.15
C ILE A 626 14.96 -6.98 13.48
N ALA A 627 14.12 -6.83 14.50
CA ALA A 627 13.24 -7.92 14.93
C ALA A 627 11.82 -7.78 14.41
N ASN A 628 11.33 -8.79 13.71
CA ASN A 628 9.99 -8.72 13.16
C ASN A 628 8.94 -9.11 14.21
N SER A 629 7.66 -9.06 13.83
CA SER A 629 6.58 -9.35 14.77
C SER A 629 6.66 -10.73 15.44
N GLY A 630 7.19 -11.71 14.71
CA GLY A 630 7.31 -13.05 15.26
C GLY A 630 8.57 -13.26 16.07
N ARG A 631 9.22 -12.16 16.44
CA ARG A 631 10.44 -12.19 17.24
C ARG A 631 11.68 -12.68 16.48
N TRP A 632 11.61 -12.63 15.15
CA TRP A 632 12.75 -13.05 14.32
C TRP A 632 13.77 -11.93 14.17
N LEU A 633 14.99 -12.15 14.65
CA LEU A 633 16.05 -11.15 14.47
C LEU A 633 16.65 -11.48 13.12
N GLN A 634 16.47 -10.57 12.16
CA GLN A 634 16.97 -10.79 10.81
C GLN A 634 18.08 -9.81 10.44
N TRP A 635 19.16 -10.35 9.88
CA TRP A 635 20.29 -9.52 9.47
C TRP A 635 20.06 -9.01 8.05
N HIS A 636 20.60 -7.83 7.75
CA HIS A 636 20.51 -7.26 6.42
C HIS A 636 21.84 -6.63 6.07
N TRP A 637 22.08 -6.46 4.77
CA TRP A 637 23.33 -5.92 4.27
C TRP A 637 23.22 -4.59 3.51
N LYS A 638 24.31 -3.82 3.56
CA LYS A 638 24.38 -2.51 2.91
C LYS A 638 24.40 -2.58 1.38
N GLY A 639 23.58 -1.75 0.74
CA GLY A 639 23.49 -1.73 -0.71
C GLY A 639 24.13 -0.53 -1.39
N GLN A 640 24.27 0.57 -0.66
CA GLN A 640 24.88 1.78 -1.20
C GLN A 640 25.24 2.71 -0.05
N ASP A 641 26.04 3.72 -0.34
CA ASP A 641 26.42 4.74 0.64
C ASP A 641 25.25 5.70 0.67
N ALA A 642 25.09 6.43 1.77
CA ALA A 642 24.00 7.39 1.89
C ALA A 642 24.32 8.62 1.04
N PRO A 643 23.30 9.36 0.60
CA PRO A 643 23.50 10.55 -0.21
C PRO A 643 24.18 11.72 0.52
N GLY A 644 24.85 12.57 -0.24
CA GLY A 644 25.54 13.73 0.34
C GLY A 644 26.48 13.43 1.48
N GLU A 645 26.28 14.09 2.61
CA GLU A 645 27.10 13.91 3.80
C GLU A 645 26.37 13.13 4.89
N ALA A 646 25.32 12.42 4.53
CA ALA A 646 24.56 11.65 5.53
C ALA A 646 25.47 10.60 6.20
N ARG A 647 25.27 10.37 7.49
CA ARG A 647 26.06 9.41 8.25
C ARG A 647 25.18 8.39 8.95
N ASN A 648 25.72 7.24 9.33
CA ASN A 648 24.87 6.28 10.01
C ASN A 648 24.56 6.72 11.45
N ASP A 649 23.44 6.24 11.96
CA ASP A 649 22.98 6.61 13.30
C ASP A 649 24.01 6.48 14.41
N GLY A 650 24.80 5.40 14.37
CA GLY A 650 25.80 5.19 15.41
C GLY A 650 26.91 6.23 15.33
N GLU A 651 27.21 6.67 14.12
CA GLU A 651 28.24 7.69 13.91
C GLU A 651 27.78 9.03 14.43
N ILE A 652 26.49 9.30 14.25
CA ILE A 652 25.93 10.56 14.69
C ILE A 652 25.94 10.61 16.22
N LEU A 653 25.49 9.53 16.84
CA LEU A 653 25.48 9.47 18.31
C LEU A 653 26.92 9.59 18.82
N ALA A 654 27.84 8.86 18.19
CA ALA A 654 29.24 8.87 18.61
C ALA A 654 29.86 10.26 18.51
N GLY A 655 29.54 10.99 17.45
CA GLY A 655 30.09 12.33 17.29
C GLY A 655 29.69 13.25 18.42
N ILE A 656 28.40 13.24 18.74
CA ILE A 656 27.88 14.07 19.82
C ILE A 656 28.43 13.60 21.16
N TYR A 657 28.38 12.29 21.38
CA TYR A 657 28.85 11.66 22.62
C TYR A 657 30.32 11.93 22.94
N HIS A 658 31.19 11.75 21.97
CA HIS A 658 32.61 11.99 22.23
C HIS A 658 32.91 13.47 22.45
N HIS A 659 32.23 14.35 21.72
CA HIS A 659 32.45 15.77 21.92
C HIS A 659 32.02 16.11 23.34
N LEU A 660 30.85 15.61 23.74
CA LEU A 660 30.32 15.86 25.08
C LEU A 660 31.19 15.28 26.19
N ARG A 661 31.63 14.04 26.06
CA ARG A 661 32.45 13.47 27.11
C ARG A 661 33.81 14.14 27.21
N GLU A 662 34.32 14.65 26.09
CA GLU A 662 35.61 15.32 26.13
C GLU A 662 35.45 16.65 26.89
N LEU A 663 34.29 17.28 26.76
CA LEU A 663 34.04 18.55 27.47
C LEU A 663 34.07 18.26 28.97
N TYR A 664 33.51 17.13 29.36
CA TYR A 664 33.49 16.75 30.77
C TYR A 664 34.90 16.40 31.24
N GLN A 665 35.69 15.80 30.36
CA GLN A 665 37.05 15.43 30.74
C GLN A 665 37.88 16.67 31.05
N SER A 666 37.67 17.75 30.31
CA SER A 666 38.45 18.97 30.53
C SER A 666 37.83 20.05 31.42
N GLU A 667 36.50 20.06 31.55
CA GLU A 667 35.79 21.05 32.37
C GLU A 667 35.24 20.49 33.67
N GLY A 668 35.01 19.18 33.71
CA GLY A 668 34.41 18.62 34.90
C GLY A 668 32.94 18.97 34.72
N GLY A 669 32.15 18.85 35.77
CA GLY A 669 30.73 19.16 35.68
C GLY A 669 29.94 18.29 36.65
N LYS A 670 28.63 18.20 36.45
CA LYS A 670 27.80 17.37 37.33
C LYS A 670 27.62 15.99 36.69
N GLY A 671 27.40 14.97 37.53
CA GLY A 671 27.21 13.62 37.03
C GLY A 671 28.30 13.12 36.11
N VAL A 672 29.54 13.48 36.42
CA VAL A 672 30.69 13.06 35.61
C VAL A 672 30.95 11.56 35.61
N GLU A 673 31.01 10.94 36.79
CA GLU A 673 31.30 9.51 36.87
C GLU A 673 30.36 8.57 36.12
N PRO A 674 29.05 8.69 36.34
CA PRO A 674 28.18 7.77 35.59
C PRO A 674 28.32 7.89 34.07
N LEU A 675 28.57 9.10 33.59
CA LEU A 675 28.73 9.33 32.16
C LEU A 675 30.04 8.74 31.64
N MET A 676 31.13 9.01 32.35
CA MET A 676 32.45 8.54 31.92
C MET A 676 32.69 7.03 32.09
N LYS A 677 31.94 6.38 32.97
CA LYS A 677 32.13 4.94 33.18
C LYS A 677 31.50 4.04 32.12
N MET A 678 30.52 4.55 31.39
CA MET A 678 29.85 3.76 30.35
C MET A 678 30.88 3.37 29.28
N SER A 679 30.90 2.09 28.92
CA SER A 679 31.86 1.60 27.92
C SER A 679 31.44 1.95 26.49
N TRP A 680 32.43 2.10 25.63
CA TRP A 680 32.22 2.40 24.22
C TRP A 680 33.43 1.74 23.56
N ASN A 681 33.53 0.44 23.83
CA ASN A 681 34.61 -0.42 23.40
C ASN A 681 34.48 -0.93 21.96
N TYR A 682 34.66 -0.03 21.01
CA TYR A 682 34.57 -0.36 19.59
C TYR A 682 35.93 -0.06 18.95
N LYS A 683 36.33 -0.87 17.98
CA LYS A 683 37.65 -0.68 17.35
C LYS A 683 37.84 0.74 16.82
N GLN A 684 36.76 1.33 16.31
CA GLN A 684 36.80 2.70 15.82
C GLN A 684 35.69 3.35 16.63
N PRO A 685 36.04 4.03 17.74
CA PRO A 685 35.05 4.68 18.61
C PRO A 685 34.06 5.61 17.90
N HIS A 686 34.49 6.24 16.81
CA HIS A 686 33.60 7.15 16.10
C HIS A 686 32.76 6.44 15.04
N GLU A 687 32.99 5.14 14.87
CA GLU A 687 32.25 4.34 13.90
C GLU A 687 32.01 2.93 14.44
N PRO A 688 31.15 2.79 15.47
CA PRO A 688 30.89 1.44 16.00
C PRO A 688 30.32 0.60 14.86
N GLN A 689 30.73 -0.66 14.78
CA GLN A 689 30.21 -1.53 13.71
C GLN A 689 29.07 -2.40 14.21
N SER A 690 28.14 -2.70 13.32
CA SER A 690 26.99 -3.51 13.68
C SER A 690 27.36 -4.85 14.30
N ASP A 691 28.35 -5.55 13.74
CA ASP A 691 28.71 -6.84 14.31
C ASP A 691 29.25 -6.72 15.73
N GLU A 692 29.95 -5.64 16.04
CA GLU A 692 30.47 -5.44 17.40
C GLU A 692 29.33 -5.33 18.41
N VAL A 693 28.34 -4.51 18.08
CA VAL A 693 27.21 -4.32 18.97
C VAL A 693 26.33 -5.55 19.07
N ALA A 694 26.11 -6.24 17.95
CA ALA A 694 25.27 -7.44 17.96
C ALA A 694 25.91 -8.50 18.87
N LYS A 695 27.23 -8.59 18.83
CA LYS A 695 27.93 -9.55 19.67
C LYS A 695 27.83 -9.17 21.15
N GLU A 696 27.81 -7.88 21.44
CA GLU A 696 27.67 -7.43 22.82
C GLU A 696 26.29 -7.85 23.31
N ASN A 697 25.28 -7.68 22.46
CA ASN A 697 23.92 -8.06 22.82
C ASN A 697 23.85 -9.55 23.09
N ASN A 698 24.53 -10.35 22.27
CA ASN A 698 24.52 -11.79 22.48
C ASN A 698 25.17 -12.10 23.82
N GLY A 699 26.39 -11.61 24.02
CA GLY A 699 27.07 -11.84 25.28
C GLY A 699 28.33 -12.68 25.21
N TYR A 700 29.19 -12.51 26.21
CA TYR A 700 30.47 -13.21 26.30
C TYR A 700 30.75 -13.84 27.66
N ALA A 701 31.65 -14.82 27.66
CA ALA A 701 32.10 -15.46 28.88
C ALA A 701 33.35 -14.64 29.18
N LEU A 702 33.46 -14.09 30.39
CA LEU A 702 34.61 -13.28 30.74
C LEU A 702 35.71 -14.08 31.44
N GLU A 703 35.39 -15.33 31.78
CA GLU A 703 36.30 -16.27 32.42
C GLU A 703 35.85 -17.63 31.90
N ASP A 704 36.69 -18.66 32.01
CA ASP A 704 36.27 -19.98 31.56
C ASP A 704 35.08 -20.35 32.45
N LEU A 705 34.07 -20.98 31.86
CA LEU A 705 32.88 -21.36 32.63
C LEU A 705 32.70 -22.88 32.65
N TYR A 706 32.30 -23.41 33.81
CA TYR A 706 32.09 -24.85 33.99
C TYR A 706 30.70 -25.19 34.48
N ASP A 707 30.20 -26.36 34.09
CA ASP A 707 28.89 -26.79 34.55
C ASP A 707 29.10 -27.39 35.94
N ALA A 708 28.04 -27.90 36.55
CA ALA A 708 28.16 -28.48 37.88
C ALA A 708 28.96 -29.78 37.92
N ASN A 709 29.12 -30.43 36.77
CA ASN A 709 29.86 -31.68 36.73
C ASN A 709 31.35 -31.47 36.43
N GLY A 710 31.75 -30.20 36.32
CA GLY A 710 33.15 -29.89 36.05
C GLY A 710 33.54 -29.82 34.59
N VAL A 711 32.54 -29.86 33.72
CA VAL A 711 32.74 -29.83 32.27
C VAL A 711 32.76 -28.38 31.78
N LEU A 712 33.73 -28.04 30.93
CA LEU A 712 33.84 -26.69 30.40
C LEU A 712 32.65 -26.38 29.50
N ILE A 713 31.92 -25.29 29.78
CA ILE A 713 30.81 -24.93 28.90
C ILE A 713 31.23 -23.82 27.94
N ALA A 714 32.16 -22.98 28.38
CA ALA A 714 32.64 -21.89 27.53
C ALA A 714 34.02 -21.39 27.99
N LYS A 715 34.82 -20.94 27.03
CA LYS A 715 36.15 -20.42 27.31
C LYS A 715 36.14 -18.91 27.38
N LYS A 716 37.03 -18.37 28.21
CA LYS A 716 37.16 -16.93 28.37
C LYS A 716 37.27 -16.25 27.01
N GLY A 717 36.44 -15.23 26.77
CA GLY A 717 36.49 -14.52 25.51
C GLY A 717 35.53 -14.99 24.44
N GLN A 718 34.92 -16.16 24.62
CA GLN A 718 34.00 -16.69 23.64
C GLN A 718 32.58 -16.14 23.79
N LEU A 719 31.86 -16.16 22.69
CA LEU A 719 30.48 -15.72 22.66
C LEU A 719 29.67 -16.82 23.33
N LEU A 720 28.64 -16.43 24.09
CA LEU A 720 27.79 -17.39 24.78
C LEU A 720 26.75 -17.98 23.84
N SER A 721 26.37 -19.24 24.06
CA SER A 721 25.39 -19.88 23.20
C SER A 721 23.97 -19.84 23.76
N SER A 722 23.83 -19.57 25.05
CA SER A 722 22.51 -19.53 25.68
C SER A 722 22.46 -18.66 26.94
N PHE A 723 21.31 -18.06 27.23
CA PHE A 723 21.21 -17.24 28.42
C PHE A 723 21.27 -18.13 29.67
N ALA A 724 21.17 -19.44 29.47
CA ALA A 724 21.22 -20.38 30.56
C ALA A 724 22.62 -20.37 31.18
N HIS A 725 23.58 -19.84 30.42
CA HIS A 725 24.98 -19.78 30.87
C HIS A 725 25.34 -18.45 31.53
N LEU A 726 24.41 -17.50 31.57
CA LEU A 726 24.70 -16.22 32.21
C LEU A 726 24.79 -16.42 33.71
N ARG A 727 25.66 -15.66 34.36
CA ARG A 727 25.85 -15.77 35.80
C ARG A 727 25.73 -14.43 36.52
N ASP A 728 25.51 -14.48 37.83
CA ASP A 728 25.36 -13.28 38.63
C ASP A 728 26.62 -12.93 39.40
N ASP A 729 27.75 -13.50 39.01
CA ASP A 729 29.00 -13.22 39.71
C ASP A 729 30.03 -12.42 38.93
N GLY A 730 29.62 -11.77 37.85
CA GLY A 730 30.55 -10.95 37.08
C GLY A 730 31.38 -11.67 36.04
N THR A 731 31.17 -12.97 35.86
CA THR A 731 31.95 -13.72 34.87
C THR A 731 31.30 -13.79 33.50
N THR A 732 30.13 -13.18 33.33
CA THR A 732 29.45 -13.15 32.03
C THR A 732 28.90 -11.76 31.74
N ALA A 733 28.81 -11.44 30.46
CA ALA A 733 28.30 -10.15 30.03
C ALA A 733 27.35 -10.34 28.85
N SER A 734 26.31 -9.53 28.82
CA SER A 734 25.32 -9.54 27.74
C SER A 734 24.48 -8.29 27.88
N SER A 735 24.35 -7.53 26.80
CA SER A 735 23.54 -6.32 26.90
C SER A 735 22.07 -6.52 26.54
N CYS A 736 21.68 -7.79 26.35
CA CYS A 736 20.29 -8.17 26.09
C CYS A 736 20.21 -9.69 26.21
N TRP A 737 19.89 -10.15 27.42
CA TRP A 737 19.85 -11.58 27.68
C TRP A 737 18.95 -12.44 26.82
N ILE A 738 17.79 -11.92 26.39
CA ILE A 738 16.91 -12.73 25.56
C ILE A 738 17.47 -12.93 24.17
N TYR A 739 18.54 -12.20 23.85
CA TYR A 739 19.19 -12.31 22.53
C TYR A 739 20.39 -13.25 22.56
N THR A 740 20.67 -13.85 23.70
CA THR A 740 21.80 -14.76 23.77
C THR A 740 21.47 -15.99 22.95
N GLY A 741 22.29 -16.22 21.93
CA GLY A 741 22.09 -17.33 21.02
C GLY A 741 21.99 -16.79 19.60
N SER A 742 21.84 -15.47 19.47
CA SER A 742 21.71 -14.83 18.16
C SER A 742 23.01 -14.77 17.36
N TRP A 743 24.14 -14.67 18.05
CA TRP A 743 25.45 -14.64 17.38
C TRP A 743 26.42 -15.35 18.32
N THR A 744 26.63 -16.62 18.03
CA THR A 744 27.47 -17.49 18.84
C THR A 744 28.81 -17.81 18.19
N GLU A 745 29.52 -18.78 18.76
CA GLU A 745 30.79 -19.19 18.22
C GLU A 745 30.53 -19.90 16.89
N GLN A 746 29.26 -20.26 16.66
CA GLN A 746 28.87 -20.93 15.42
C GLN A 746 28.58 -19.89 14.34
N GLY A 747 28.59 -18.62 14.74
CA GLY A 747 28.34 -17.54 13.79
C GLY A 747 27.07 -16.74 13.98
N ASN A 748 26.85 -15.81 13.05
CA ASN A 748 25.69 -14.93 13.04
C ASN A 748 24.45 -15.72 12.64
N GLN A 749 23.66 -16.13 13.62
CA GLN A 749 22.45 -16.91 13.34
C GLN A 749 21.35 -16.10 12.67
N MET A 750 21.43 -14.78 12.82
CA MET A 750 20.43 -13.90 12.22
C MET A 750 20.58 -13.85 10.71
N ALA A 751 21.68 -14.40 10.21
CA ALA A 751 21.95 -14.46 8.78
C ALA A 751 21.61 -15.82 8.18
N ASN A 752 21.09 -16.73 9.01
CA ASN A 752 20.73 -18.06 8.53
C ASN A 752 19.66 -17.99 7.46
N ARG A 753 19.82 -18.75 6.39
CA ARG A 753 18.88 -18.77 5.28
C ARG A 753 18.43 -20.16 4.83
N ASP A 754 18.07 -21.00 5.78
CA ASP A 754 17.59 -22.35 5.49
C ASP A 754 16.07 -22.30 5.66
N ASN A 755 15.31 -22.35 4.57
CA ASN A 755 13.86 -22.28 4.71
C ASN A 755 13.13 -23.62 4.81
N SER A 756 13.85 -24.67 5.21
CA SER A 756 13.27 -26.00 5.36
C SER A 756 12.14 -26.01 6.39
N ASP A 757 11.07 -26.75 6.06
CA ASP A 757 9.91 -26.90 6.94
C ASP A 757 9.58 -28.40 6.96
N PRO A 758 10.37 -29.20 7.69
CA PRO A 758 10.15 -30.65 7.77
C PRO A 758 8.76 -31.13 8.18
N SER A 759 8.09 -30.39 9.05
CA SER A 759 6.77 -30.79 9.55
C SER A 759 5.60 -30.40 8.65
N GLY A 760 5.82 -29.43 7.77
CA GLY A 760 4.76 -28.97 6.90
C GLY A 760 3.88 -27.94 7.60
N LEU A 761 4.20 -27.65 8.85
CA LEU A 761 3.44 -26.68 9.63
C LEU A 761 3.88 -25.24 9.41
N GLY A 762 4.89 -25.04 8.57
CA GLY A 762 5.35 -23.69 8.30
C GLY A 762 6.37 -23.20 9.31
N ASN A 763 6.99 -24.11 10.05
CA ASN A 763 7.99 -23.69 11.03
C ASN A 763 9.36 -23.86 10.39
N THR A 764 10.09 -22.77 10.29
CA THR A 764 11.41 -22.75 9.68
C THR A 764 12.50 -22.32 10.65
N LEU A 765 12.93 -23.25 11.50
CA LEU A 765 13.95 -23.00 12.52
C LEU A 765 15.30 -22.56 11.96
N GLY A 766 15.52 -22.81 10.67
CA GLY A 766 16.78 -22.45 10.06
C GLY A 766 16.84 -21.09 9.36
N TRP A 767 15.76 -20.31 9.44
CA TRP A 767 15.75 -18.99 8.82
C TRP A 767 15.84 -17.93 9.90
N ALA A 768 16.93 -17.17 9.88
CA ALA A 768 17.17 -16.13 10.87
C ALA A 768 17.19 -16.79 12.24
N TRP A 769 16.94 -16.01 13.28
CA TRP A 769 16.95 -16.54 14.64
C TRP A 769 15.92 -15.80 15.46
N ALA A 770 15.07 -16.54 16.17
CA ALA A 770 14.02 -15.92 16.99
C ALA A 770 14.33 -16.02 18.47
N TRP A 771 13.88 -15.03 19.24
CA TRP A 771 14.07 -15.09 20.69
C TRP A 771 12.74 -15.56 21.25
N PRO A 772 12.77 -16.32 22.35
CA PRO A 772 13.95 -16.75 23.09
C PRO A 772 14.45 -18.13 22.62
N LEU A 773 15.77 -18.28 22.55
CA LEU A 773 16.40 -19.54 22.12
C LEU A 773 15.77 -20.23 20.92
N ASN A 774 15.42 -19.43 19.91
CA ASN A 774 14.83 -19.90 18.66
C ASN A 774 13.46 -20.59 18.73
N ARG A 775 12.74 -20.36 19.83
CA ARG A 775 11.41 -20.93 20.00
C ARG A 775 10.47 -20.09 19.14
N ARG A 776 9.87 -20.70 18.13
CA ARG A 776 9.00 -19.98 17.21
C ARG A 776 7.56 -19.79 17.67
N VAL A 777 7.05 -20.73 18.46
CA VAL A 777 5.68 -20.64 18.98
C VAL A 777 5.79 -20.65 20.51
N LEU A 778 5.49 -19.52 21.13
CA LEU A 778 5.55 -19.42 22.58
C LEU A 778 4.50 -20.27 23.26
N TYR A 779 4.79 -20.71 24.47
CA TYR A 779 3.85 -21.50 25.26
C TYR A 779 3.53 -22.85 24.62
N ASN A 780 4.42 -23.36 23.78
CA ASN A 780 4.12 -24.61 23.10
C ASN A 780 3.94 -25.89 23.93
N ARG A 781 4.23 -25.84 25.23
CA ARG A 781 4.01 -27.03 26.05
C ARG A 781 2.49 -27.23 26.09
N ALA A 782 1.77 -26.12 25.94
CA ALA A 782 0.31 -26.17 25.98
C ALA A 782 -0.30 -26.72 24.69
N SER A 783 0.53 -27.14 23.74
CA SER A 783 0.03 -27.72 22.50
C SER A 783 -0.30 -29.18 22.75
N ALA A 784 0.02 -29.65 23.95
CA ALA A 784 -0.25 -31.02 24.35
C ALA A 784 -0.98 -31.04 25.71
N ASP A 785 -1.66 -32.13 26.01
CA ASP A 785 -2.40 -32.22 27.28
C ASP A 785 -1.47 -32.54 28.45
N ILE A 786 -2.04 -32.76 29.63
CA ILE A 786 -1.21 -33.05 30.79
C ILE A 786 -0.37 -34.32 30.66
N ASN A 787 -0.81 -35.26 29.82
CA ASN A 787 -0.07 -36.50 29.63
C ASN A 787 0.92 -36.40 28.47
N GLY A 788 1.05 -35.20 27.90
CA GLY A 788 1.96 -34.99 26.80
C GLY A 788 1.45 -35.36 25.43
N LYS A 789 0.16 -35.66 25.33
CA LYS A 789 -0.47 -36.03 24.06
C LYS A 789 -0.96 -34.76 23.36
N PRO A 790 -0.63 -34.58 22.07
CA PRO A 790 -1.05 -33.40 21.30
C PRO A 790 -2.56 -33.21 21.32
N TRP A 791 -3.02 -31.96 21.44
CA TRP A 791 -4.47 -31.73 21.42
C TRP A 791 -4.96 -32.11 20.04
N ASP A 792 -4.12 -31.89 19.03
CA ASP A 792 -4.41 -32.24 17.65
C ASP A 792 -3.20 -33.01 17.12
N PRO A 793 -3.36 -34.33 16.89
CA PRO A 793 -2.24 -35.13 16.40
C PRO A 793 -1.64 -34.67 15.05
N LYS A 794 -2.40 -33.88 14.30
CA LYS A 794 -1.91 -33.40 13.02
C LYS A 794 -1.11 -32.10 13.17
N ARG A 795 -1.02 -31.63 14.41
CA ARG A 795 -0.29 -30.40 14.73
C ARG A 795 0.57 -30.58 15.97
N MET A 796 1.49 -31.53 15.95
CA MET A 796 2.36 -31.77 17.09
C MET A 796 3.51 -30.76 17.04
N LEU A 797 3.72 -30.03 18.14
CA LEU A 797 4.83 -29.08 18.19
C LEU A 797 5.93 -29.69 19.05
N ILE A 798 5.57 -30.23 20.22
CA ILE A 798 6.56 -30.89 21.06
C ILE A 798 5.98 -32.18 21.65
N GLN A 799 6.86 -33.10 22.01
CA GLN A 799 6.47 -34.38 22.58
C GLN A 799 7.57 -34.89 23.51
N TRP A 800 7.18 -35.77 24.44
CA TRP A 800 8.09 -36.34 25.43
C TRP A 800 8.66 -37.67 24.93
N ASN A 801 9.99 -37.80 24.96
CA ASN A 801 10.63 -39.04 24.49
C ASN A 801 11.08 -39.95 25.62
N GLY A 802 10.67 -39.62 26.84
CA GLY A 802 11.05 -40.42 27.98
C GLY A 802 12.03 -39.71 28.89
N SER A 803 12.75 -38.74 28.32
CA SER A 803 13.74 -38.01 29.09
C SER A 803 13.79 -36.51 28.78
N LYS A 804 13.28 -36.12 27.62
CA LYS A 804 13.28 -34.71 27.25
C LYS A 804 12.17 -34.44 26.24
N TRP A 805 11.87 -33.16 26.07
CA TRP A 805 10.84 -32.74 25.12
C TRP A 805 11.54 -32.43 23.80
N THR A 806 10.98 -32.92 22.71
CA THR A 806 11.52 -32.69 21.37
C THR A 806 10.35 -32.48 20.44
N GLY A 807 10.61 -32.13 19.18
CA GLY A 807 9.50 -31.96 18.26
C GLY A 807 9.74 -31.07 17.06
N ASN A 808 8.67 -30.43 16.60
CA ASN A 808 8.77 -29.57 15.43
C ASN A 808 9.12 -28.11 15.74
N ASP A 809 9.22 -27.81 17.03
CA ASP A 809 9.60 -26.47 17.48
C ASP A 809 10.46 -26.67 18.71
N ILE A 810 11.23 -25.65 19.09
CA ILE A 810 12.08 -25.76 20.28
C ILE A 810 11.11 -25.62 21.45
N PRO A 811 11.16 -26.56 22.42
CA PRO A 811 10.24 -26.47 23.56
C PRO A 811 10.40 -25.20 24.40
N ASP A 812 9.29 -24.51 24.65
CA ASP A 812 9.31 -23.30 25.49
C ASP A 812 9.00 -23.89 26.86
N PHE A 813 9.92 -24.72 27.31
CA PHE A 813 9.71 -25.44 28.55
C PHE A 813 11.02 -26.04 29.06
N GLY A 814 11.01 -26.53 30.30
CA GLY A 814 12.19 -27.17 30.86
C GLY A 814 12.01 -28.66 30.61
N ASN A 815 12.51 -29.51 31.51
CA ASN A 815 12.39 -30.95 31.30
C ASN A 815 11.38 -31.66 32.21
N ALA A 816 10.36 -30.95 32.67
CA ALA A 816 9.34 -31.54 33.54
C ALA A 816 8.54 -32.61 32.79
N ALA A 817 8.53 -33.82 33.33
CA ALA A 817 7.82 -34.93 32.70
C ALA A 817 6.31 -34.72 32.73
N PRO A 818 5.59 -35.37 31.79
CA PRO A 818 4.13 -35.26 31.72
C PRO A 818 3.56 -35.75 33.05
N GLY A 819 2.49 -35.13 33.53
CA GLY A 819 1.92 -35.57 34.79
C GLY A 819 2.39 -34.81 36.00
N THR A 820 3.49 -34.06 35.88
CA THR A 820 4.00 -33.28 37.01
C THR A 820 3.18 -31.98 37.07
N PRO A 821 3.25 -31.25 38.19
CA PRO A 821 2.52 -29.99 38.40
C PRO A 821 3.05 -28.74 37.69
N THR A 822 4.19 -28.88 37.01
CA THR A 822 4.80 -27.75 36.32
C THR A 822 3.95 -27.19 35.16
N GLY A 823 3.55 -25.93 35.31
CA GLY A 823 2.73 -25.26 34.30
C GLY A 823 3.47 -24.88 33.03
N PRO A 824 2.77 -24.75 31.89
CA PRO A 824 3.35 -24.40 30.58
C PRO A 824 3.71 -22.92 30.34
N PHE A 825 3.29 -22.03 31.22
CA PHE A 825 3.62 -20.62 31.07
C PHE A 825 4.77 -20.38 32.05
N ILE A 826 5.98 -20.68 31.60
CA ILE A 826 7.18 -20.60 32.42
C ILE A 826 7.70 -19.28 32.97
N MET A 827 7.15 -18.15 32.52
CA MET A 827 7.59 -16.87 33.06
C MET A 827 6.61 -16.41 34.15
N GLN A 828 5.55 -17.18 34.34
CA GLN A 828 4.53 -16.88 35.36
C GLN A 828 4.91 -17.57 36.67
N PRO A 829 4.86 -16.83 37.79
CA PRO A 829 5.20 -17.43 39.08
C PRO A 829 4.31 -18.62 39.44
N GLU A 830 3.13 -18.70 38.83
CA GLU A 830 2.22 -19.81 39.10
C GLU A 830 2.15 -20.78 37.92
N GLY A 831 2.88 -20.45 36.85
CA GLY A 831 2.93 -21.28 35.66
C GLY A 831 1.65 -21.40 34.86
N MET A 832 0.69 -20.50 35.12
CA MET A 832 -0.60 -20.50 34.44
C MET A 832 -0.97 -19.24 33.67
N GLY A 833 -1.94 -19.39 32.79
CA GLY A 833 -2.44 -18.26 32.03
C GLY A 833 -3.45 -17.66 32.99
N ARG A 834 -3.45 -16.35 33.16
CA ARG A 834 -4.36 -15.73 34.12
C ARG A 834 -5.70 -15.23 33.58
N LEU A 835 -6.78 -15.79 34.12
CA LEU A 835 -8.13 -15.37 33.72
C LEU A 835 -8.39 -14.15 34.62
N PHE A 836 -7.89 -14.25 35.85
CA PHE A 836 -7.97 -13.19 36.87
C PHE A 836 -6.53 -12.68 36.96
N ALA A 837 -6.29 -11.41 36.61
CA ALA A 837 -4.94 -10.84 36.61
C ALA A 837 -4.39 -10.29 37.92
N ILE A 838 -4.83 -10.84 39.05
CA ILE A 838 -4.42 -10.39 40.38
C ILE A 838 -4.15 -8.87 40.48
N ASN A 839 -2.99 -8.46 40.94
CA ASN A 839 -2.70 -7.02 41.10
C ASN A 839 -1.87 -6.37 39.99
N LYS A 840 -1.92 -6.94 38.79
CA LYS A 840 -1.13 -6.44 37.65
C LYS A 840 -1.68 -5.30 36.79
N MET A 841 -2.99 -5.20 36.67
CA MET A 841 -3.63 -4.15 35.85
C MET A 841 -4.06 -2.97 36.72
N ALA A 842 -3.95 -1.77 36.17
CA ALA A 842 -4.31 -0.56 36.89
C ALA A 842 -5.80 -0.46 37.21
N GLU A 843 -6.66 -0.90 36.30
CA GLU A 843 -8.10 -0.78 36.53
C GLU A 843 -8.90 -2.04 36.83
N GLY A 844 -8.26 -3.13 37.25
CA GLY A 844 -9.03 -4.32 37.58
C GLY A 844 -8.50 -5.66 37.09
N PRO A 845 -8.68 -6.72 37.89
CA PRO A 845 -8.22 -8.07 37.56
C PRO A 845 -9.09 -8.74 36.48
N PHE A 846 -10.22 -8.12 36.15
CA PHE A 846 -11.11 -8.59 35.08
C PHE A 846 -11.40 -7.33 34.27
N PRO A 847 -11.61 -7.47 32.95
CA PRO A 847 -11.92 -6.32 32.08
C PRO A 847 -13.33 -5.82 32.40
N GLU A 848 -13.58 -4.54 32.12
CA GLU A 848 -14.90 -3.96 32.36
C GLU A 848 -15.12 -2.83 31.37
N HIS A 849 -16.33 -2.75 30.81
CA HIS A 849 -16.61 -1.71 29.83
C HIS A 849 -16.66 -0.29 30.37
N TYR A 850 -15.86 0.58 29.77
CA TYR A 850 -15.84 1.98 30.12
C TYR A 850 -15.81 2.71 28.79
N GLU A 851 -16.56 3.81 28.69
CA GLU A 851 -16.65 4.60 27.48
C GLU A 851 -15.44 5.48 27.22
N PRO A 852 -15.21 5.84 25.94
CA PRO A 852 -14.07 6.70 25.60
C PRO A 852 -14.29 8.03 26.34
N ILE A 853 -13.22 8.79 26.55
CA ILE A 853 -13.35 10.06 27.24
C ILE A 853 -14.35 10.94 26.48
N GLU A 854 -14.24 10.98 25.16
CA GLU A 854 -15.19 11.72 24.35
C GLU A 854 -16.11 10.65 23.78
N THR A 855 -17.30 10.50 24.36
CA THR A 855 -18.25 9.48 23.93
C THR A 855 -19.52 10.08 23.33
N PRO A 856 -20.02 9.48 22.24
CA PRO A 856 -21.22 9.97 21.58
C PRO A 856 -22.50 9.80 22.40
N LEU A 857 -22.42 9.02 23.48
CA LEU A 857 -23.57 8.78 24.35
C LEU A 857 -23.62 9.71 25.56
N GLY A 858 -22.44 10.15 26.01
CA GLY A 858 -22.40 11.03 27.16
C GLY A 858 -22.69 10.27 28.44
N THR A 859 -22.73 8.95 28.35
CA THR A 859 -22.99 8.09 29.49
C THR A 859 -22.55 6.66 29.17
N ASN A 860 -22.62 5.79 30.16
CA ASN A 860 -22.24 4.38 30.00
C ASN A 860 -23.47 3.55 30.39
N PRO A 861 -24.14 2.92 29.41
CA PRO A 861 -25.34 2.12 29.70
C PRO A 861 -25.21 1.02 30.78
N LEU A 862 -24.00 0.48 30.95
CA LEU A 862 -23.78 -0.59 31.95
C LEU A 862 -23.77 -0.08 33.38
N HIS A 863 -23.26 1.14 33.56
CA HIS A 863 -23.22 1.80 34.87
C HIS A 863 -22.97 3.29 34.69
N PRO A 864 -24.05 4.08 34.58
CA PRO A 864 -24.01 5.53 34.40
C PRO A 864 -23.18 6.27 35.46
N ASN A 865 -22.98 5.65 36.62
CA ASN A 865 -22.22 6.28 37.70
C ASN A 865 -20.71 6.29 37.43
N VAL A 866 -20.27 5.40 36.57
CA VAL A 866 -18.86 5.28 36.20
C VAL A 866 -18.85 5.20 34.67
N VAL A 867 -18.76 6.35 34.03
CA VAL A 867 -18.77 6.41 32.58
C VAL A 867 -17.48 5.96 31.92
N SER A 868 -16.37 6.63 32.22
CA SER A 868 -15.09 6.23 31.64
C SER A 868 -14.17 5.58 32.68
N ASN A 869 -13.05 5.05 32.22
CA ASN A 869 -12.07 4.38 33.09
C ASN A 869 -11.81 5.20 34.35
N PRO A 870 -12.15 4.68 35.54
CA PRO A 870 -11.93 5.42 36.80
C PRO A 870 -10.49 5.67 37.24
N VAL A 871 -9.53 5.11 36.52
CA VAL A 871 -8.13 5.30 36.89
C VAL A 871 -7.35 6.02 35.78
N VAL A 872 -8.06 6.53 34.78
CA VAL A 872 -7.42 7.26 33.69
C VAL A 872 -6.81 8.55 34.24
N ARG A 873 -5.66 8.92 33.70
CA ARG A 873 -4.98 10.14 34.11
C ARG A 873 -5.35 11.17 33.06
N LEU A 874 -5.85 12.32 33.50
CA LEU A 874 -6.24 13.37 32.58
C LEU A 874 -5.83 14.70 33.17
N TYR A 875 -4.80 15.33 32.60
CA TYR A 875 -4.33 16.61 33.11
C TYR A 875 -5.40 17.67 32.91
N GLU A 876 -5.47 18.60 33.85
CA GLU A 876 -6.46 19.66 33.80
C GLU A 876 -6.47 20.42 32.48
N GLN A 877 -5.29 20.71 31.94
CA GLN A 877 -5.18 21.44 30.69
C GLN A 877 -5.78 20.67 29.53
N ASP A 878 -5.72 19.35 29.60
CA ASP A 878 -6.26 18.53 28.54
C ASP A 878 -7.76 18.31 28.72
N ALA A 879 -8.21 18.32 29.97
CA ALA A 879 -9.64 18.16 30.24
C ALA A 879 -10.38 19.35 29.64
N LEU A 880 -9.74 20.52 29.64
CA LEU A 880 -10.34 21.73 29.10
C LEU A 880 -10.45 21.68 27.58
N ARG A 881 -9.70 20.76 26.97
CA ARG A 881 -9.71 20.63 25.52
C ARG A 881 -10.52 19.43 25.03
N MET A 882 -11.41 18.93 25.88
CA MET A 882 -12.26 17.80 25.53
C MET A 882 -13.62 18.30 25.11
N GLY A 883 -14.18 17.73 24.06
CA GLY A 883 -15.49 18.16 23.59
C GLY A 883 -16.62 17.24 24.02
N LYS A 884 -17.84 17.72 23.86
CA LYS A 884 -19.03 16.97 24.22
C LYS A 884 -19.90 16.74 22.98
N LYS A 885 -20.73 15.71 23.02
CA LYS A 885 -21.60 15.33 21.92
C LYS A 885 -22.52 16.40 21.36
N GLU A 886 -22.90 17.39 22.19
CA GLU A 886 -23.78 18.44 21.70
C GLU A 886 -23.11 19.26 20.59
N GLN A 887 -21.80 19.43 20.65
CA GLN A 887 -21.05 20.19 19.64
C GLN A 887 -20.31 19.29 18.65
N PHE A 888 -19.91 18.11 19.10
CA PHE A 888 -19.18 17.16 18.28
C PHE A 888 -19.93 15.84 18.46
N PRO A 889 -20.99 15.62 17.67
CA PRO A 889 -21.82 14.42 17.73
C PRO A 889 -21.35 13.11 17.12
N TYR A 890 -20.36 13.15 16.24
CA TYR A 890 -19.91 11.92 15.59
C TYR A 890 -18.65 11.30 16.16
N VAL A 891 -18.54 9.98 16.06
CA VAL A 891 -17.37 9.27 16.52
C VAL A 891 -16.27 9.49 15.51
N GLY A 892 -15.10 9.91 15.99
CA GLY A 892 -13.98 10.10 15.10
C GLY A 892 -13.02 8.98 15.39
N THR A 893 -12.37 8.47 14.36
CA THR A 893 -11.39 7.41 14.55
C THR A 893 -10.34 7.59 13.46
N THR A 894 -9.11 7.20 13.77
CA THR A 894 -8.03 7.36 12.83
C THR A 894 -7.39 6.01 12.53
N TYR A 895 -6.94 5.84 11.29
CA TYR A 895 -6.37 4.57 10.87
C TYR A 895 -5.53 4.69 9.59
N ARG A 896 -5.06 3.54 9.09
CA ARG A 896 -4.21 3.49 7.90
C ARG A 896 -4.86 3.01 6.60
N LEU A 897 -4.14 3.25 5.51
CA LEU A 897 -4.52 2.83 4.18
C LEU A 897 -3.32 1.99 3.76
N THR A 898 -3.56 0.93 2.99
CA THR A 898 -2.49 0.04 2.55
C THR A 898 -1.33 0.71 1.84
N GLU A 899 -1.66 1.70 1.00
CA GLU A 899 -0.68 2.39 0.17
C GLU A 899 0.37 3.30 0.81
N HIS A 900 0.12 3.77 2.03
CA HIS A 900 1.06 4.66 2.71
C HIS A 900 1.46 4.18 4.08
N PHE A 901 2.64 4.60 4.53
CA PHE A 901 3.14 4.26 5.86
C PHE A 901 3.25 5.60 6.59
N HIS A 902 2.40 5.79 7.60
CA HIS A 902 2.38 7.03 8.39
C HIS A 902 2.51 8.25 7.46
N THR A 903 3.39 9.20 7.79
CA THR A 903 3.57 10.38 6.95
C THR A 903 4.94 10.29 6.27
N TRP A 904 5.42 9.07 6.17
CA TRP A 904 6.73 8.73 5.61
C TRP A 904 6.70 8.48 4.10
N THR A 905 5.84 7.59 3.63
CA THR A 905 5.79 7.28 2.20
C THR A 905 5.30 8.40 1.28
N LYS A 906 4.71 9.44 1.83
CA LYS A 906 4.26 10.52 0.95
C LYS A 906 5.47 11.24 0.35
N HIS A 907 6.67 10.86 0.79
CA HIS A 907 7.91 11.43 0.26
C HIS A 907 8.39 10.62 -0.93
N ALA A 908 7.71 9.49 -1.19
CA ALA A 908 8.07 8.61 -2.30
C ALA A 908 7.03 8.73 -3.41
N LEU A 909 7.49 9.06 -4.61
CA LEU A 909 6.59 9.24 -5.75
C LEU A 909 5.63 8.09 -6.04
N LEU A 910 6.13 6.86 -6.09
CA LEU A 910 5.26 5.72 -6.38
C LEU A 910 4.05 5.66 -5.45
N ASN A 911 4.28 5.85 -4.15
CA ASN A 911 3.17 5.78 -3.21
C ASN A 911 2.27 7.00 -3.30
N ALA A 912 2.85 8.16 -3.63
CA ALA A 912 2.05 9.37 -3.78
C ALA A 912 1.09 9.20 -4.95
N ILE A 913 1.54 8.50 -5.99
CA ILE A 913 0.69 8.25 -7.15
C ILE A 913 -0.47 7.34 -6.76
N ALA A 914 -0.20 6.35 -5.91
CA ALA A 914 -1.21 5.39 -5.47
C ALA A 914 -2.36 6.00 -4.65
N GLN A 915 -2.03 6.93 -3.75
CA GLN A 915 -3.04 7.63 -2.94
C GLN A 915 -2.45 9.03 -2.81
N PRO A 916 -2.73 9.89 -3.80
CA PRO A 916 -2.27 11.28 -3.91
C PRO A 916 -2.88 12.36 -3.02
N GLU A 917 -4.13 12.19 -2.62
CA GLU A 917 -4.79 13.25 -1.86
C GLU A 917 -5.58 12.82 -0.64
N GLN A 918 -5.49 13.64 0.40
CA GLN A 918 -6.17 13.37 1.66
C GLN A 918 -7.70 13.31 1.56
N PHE A 919 -8.28 12.31 2.21
CA PHE A 919 -9.72 12.15 2.25
C PHE A 919 -10.14 11.62 3.61
N VAL A 920 -11.45 11.66 3.87
CA VAL A 920 -12.01 11.14 5.11
C VAL A 920 -13.20 10.32 4.63
N GLU A 921 -13.61 9.35 5.44
CA GLU A 921 -14.73 8.49 5.06
C GLU A 921 -15.97 8.72 5.91
N ILE A 922 -17.12 8.80 5.25
CA ILE A 922 -18.39 8.98 5.94
C ILE A 922 -19.47 8.15 5.25
N SER A 923 -20.55 7.88 5.98
CA SER A 923 -21.66 7.09 5.45
C SER A 923 -22.52 7.87 4.48
N GLU A 924 -23.38 7.16 3.76
CA GLU A 924 -24.28 7.81 2.81
C GLU A 924 -25.32 8.58 3.61
N THR A 925 -25.68 8.05 4.77
CA THR A 925 -26.67 8.67 5.64
C THR A 925 -26.19 10.02 6.15
N LEU A 926 -24.95 10.08 6.64
CA LEU A 926 -24.42 11.35 7.15
C LEU A 926 -24.23 12.35 6.01
N ALA A 927 -23.73 11.86 4.87
CA ALA A 927 -23.52 12.74 3.73
C ALA A 927 -24.82 13.38 3.27
N ALA A 928 -25.89 12.58 3.23
CA ALA A 928 -27.19 13.09 2.81
C ALA A 928 -27.71 14.13 3.79
N ALA A 929 -27.53 13.89 5.08
CA ALA A 929 -27.98 14.82 6.09
C ALA A 929 -27.24 16.16 6.01
N LYS A 930 -25.97 16.11 5.60
CA LYS A 930 -25.16 17.33 5.48
C LYS A 930 -25.12 17.93 4.08
N GLY A 931 -25.71 17.24 3.11
CA GLY A 931 -25.70 17.77 1.74
C GLY A 931 -24.35 17.62 1.08
N ILE A 932 -23.62 16.58 1.48
CA ILE A 932 -22.29 16.29 0.93
C ILE A 932 -22.36 15.24 -0.16
N ASN A 933 -21.89 15.59 -1.35
CA ASN A 933 -21.89 14.63 -2.45
C ASN A 933 -20.53 13.96 -2.44
N ASN A 934 -20.47 12.75 -2.96
CA ASN A 934 -19.21 12.01 -3.00
C ASN A 934 -18.15 12.86 -3.70
N GLY A 935 -16.99 12.98 -3.07
CA GLY A 935 -15.91 13.76 -3.67
C GLY A 935 -15.88 15.23 -3.28
N ASP A 936 -16.92 15.71 -2.60
CA ASP A 936 -16.96 17.10 -2.16
C ASP A 936 -15.96 17.33 -1.06
N ARG A 937 -15.57 18.58 -0.91
CA ARG A 937 -14.62 18.97 0.12
C ARG A 937 -15.38 19.19 1.42
N VAL A 938 -14.80 18.74 2.54
CA VAL A 938 -15.44 18.89 3.85
C VAL A 938 -14.45 19.37 4.91
N THR A 939 -14.99 19.83 6.04
CA THR A 939 -14.15 20.28 7.15
C THR A 939 -14.54 19.43 8.34
N VAL A 940 -13.58 18.67 8.87
CA VAL A 940 -13.84 17.82 10.03
C VAL A 940 -13.16 18.53 11.20
N SER A 941 -13.90 18.68 12.30
CA SER A 941 -13.35 19.38 13.45
C SER A 941 -13.62 18.68 14.77
N SER A 942 -12.84 19.07 15.77
CA SER A 942 -12.99 18.55 17.11
C SER A 942 -12.77 19.76 18.01
N LYS A 943 -12.82 19.54 19.31
CA LYS A 943 -12.62 20.61 20.28
C LYS A 943 -11.21 21.22 20.16
N ARG A 944 -10.28 20.44 19.61
CA ARG A 944 -8.88 20.85 19.49
C ARG A 944 -8.42 21.46 18.16
N GLY A 945 -9.16 21.24 17.09
CA GLY A 945 -8.75 21.79 15.81
C GLY A 945 -9.57 21.26 14.65
N PHE A 946 -9.07 21.48 13.43
CA PHE A 946 -9.78 21.04 12.24
C PHE A 946 -8.85 20.63 11.10
N ILE A 947 -9.43 19.93 10.13
CA ILE A 947 -8.72 19.53 8.91
C ILE A 947 -9.78 19.67 7.83
N ARG A 948 -9.33 19.77 6.58
CA ARG A 948 -10.24 19.87 5.46
C ARG A 948 -9.79 18.77 4.52
N ALA A 949 -10.73 18.10 3.87
CA ALA A 949 -10.37 17.01 2.97
C ALA A 949 -11.48 16.62 2.02
N VAL A 950 -11.17 15.69 1.12
CA VAL A 950 -12.13 15.19 0.16
C VAL A 950 -12.96 14.13 0.89
N ALA A 951 -14.26 14.11 0.61
CA ALA A 951 -15.12 13.15 1.26
C ALA A 951 -15.32 11.88 0.41
N VAL A 952 -15.11 10.74 1.04
CA VAL A 952 -15.31 9.45 0.39
C VAL A 952 -16.57 8.95 1.08
N VAL A 953 -17.69 9.08 0.37
CA VAL A 953 -19.00 8.68 0.86
C VAL A 953 -19.23 7.23 0.48
N THR A 954 -19.52 6.40 1.48
CA THR A 954 -19.67 4.97 1.21
C THR A 954 -20.55 4.17 2.16
N ARG A 955 -21.12 3.08 1.64
CA ARG A 955 -21.95 2.19 2.42
C ARG A 955 -21.07 1.37 3.36
N ARG A 956 -19.75 1.50 3.18
CA ARG A 956 -18.80 0.77 4.02
C ARG A 956 -18.80 1.35 5.44
N LEU A 957 -19.40 2.53 5.57
CA LEU A 957 -19.55 3.16 6.86
C LEU A 957 -21.06 3.31 6.95
N LYS A 958 -21.62 2.86 8.07
CA LYS A 958 -23.06 2.94 8.29
C LYS A 958 -23.29 3.29 9.74
N PRO A 959 -24.35 4.07 10.01
CA PRO A 959 -24.65 4.42 11.39
C PRO A 959 -25.09 3.15 12.13
N LEU A 960 -24.90 3.15 13.43
CA LEU A 960 -25.30 2.01 14.24
C LEU A 960 -26.32 2.49 15.24
N ASN A 961 -27.16 1.57 15.69
CA ASN A 961 -28.17 1.88 16.69
C ASN A 961 -27.52 1.57 18.02
N VAL A 962 -27.28 2.61 18.81
CA VAL A 962 -26.64 2.47 20.12
C VAL A 962 -27.41 3.22 21.21
N ASN A 963 -27.79 2.49 22.25
CA ASN A 963 -28.53 3.08 23.38
C ASN A 963 -29.64 4.03 22.95
N GLY A 964 -30.42 3.63 21.95
CA GLY A 964 -31.51 4.48 21.48
C GLY A 964 -31.18 5.63 20.55
N GLN A 965 -29.92 5.79 20.19
CA GLN A 965 -29.50 6.87 19.27
C GLN A 965 -28.93 6.24 17.99
N GLN A 966 -28.72 7.07 16.98
CA GLN A 966 -28.10 6.63 15.74
C GLN A 966 -26.69 7.21 15.88
N VAL A 967 -25.68 6.35 15.88
CA VAL A 967 -24.31 6.83 16.01
C VAL A 967 -23.57 6.73 14.67
N GLU A 968 -23.00 7.86 14.25
CA GLU A 968 -22.25 7.93 13.00
C GLU A 968 -20.75 8.01 13.27
N THR A 969 -19.96 7.47 12.35
CA THR A 969 -18.51 7.51 12.48
C THR A 969 -17.90 8.23 11.29
N VAL A 970 -16.91 9.08 11.58
CA VAL A 970 -16.19 9.81 10.54
C VAL A 970 -14.78 9.22 10.60
N GLY A 971 -14.32 8.65 9.49
CA GLY A 971 -13.00 8.04 9.46
C GLY A 971 -11.93 8.95 8.90
N ILE A 972 -10.80 9.02 9.61
CA ILE A 972 -9.71 9.89 9.20
C ILE A 972 -8.35 9.17 9.03
N PRO A 973 -7.96 8.88 7.78
CA PRO A 973 -6.68 8.21 7.49
C PRO A 973 -5.57 9.17 7.95
N ILE A 974 -4.44 8.62 8.39
CA ILE A 974 -3.33 9.42 8.93
C ILE A 974 -2.11 9.75 8.07
N HIS A 975 -2.22 9.60 6.75
CA HIS A 975 -1.05 9.77 5.88
C HIS A 975 -0.59 11.09 5.26
N TRP A 976 -1.39 12.15 5.36
CA TRP A 976 -0.97 13.39 4.73
C TRP A 976 -0.46 14.45 5.70
N GLY A 977 0.18 15.48 5.16
CA GLY A 977 0.73 16.53 6.01
C GLY A 977 1.31 17.67 5.20
N PHE A 978 2.33 18.34 5.74
CA PHE A 978 2.89 19.45 5.00
C PHE A 978 4.31 19.33 4.40
N GLU A 979 4.82 18.10 4.34
CA GLU A 979 6.12 17.82 3.73
C GLU A 979 5.92 16.55 2.91
N GLY A 980 6.47 16.51 1.69
CA GLY A 980 6.32 15.33 0.86
C GLY A 980 5.96 15.66 -0.58
N VAL A 981 5.76 14.64 -1.41
CA VAL A 981 5.42 14.89 -2.80
C VAL A 981 3.96 14.58 -3.14
N ALA A 982 3.20 14.09 -2.16
CA ALA A 982 1.79 13.83 -2.37
C ALA A 982 1.18 15.22 -2.19
N ARG A 983 -0.10 15.38 -2.50
CA ARG A 983 -0.70 16.70 -2.33
C ARG A 983 -0.74 17.08 -0.87
N LYS A 984 -0.38 18.34 -0.60
CA LYS A 984 -0.34 18.90 0.75
C LYS A 984 -1.68 18.71 1.45
N GLY A 985 -1.62 18.36 2.74
CA GLY A 985 -2.83 18.15 3.51
C GLY A 985 -2.69 18.62 4.95
N TYR A 986 -3.46 18.00 5.84
CA TYR A 986 -3.43 18.33 7.27
C TYR A 986 -3.07 17.14 8.12
N ILE A 987 -2.32 17.38 9.19
CA ILE A 987 -1.95 16.32 10.12
C ILE A 987 -3.24 15.84 10.80
N ALA A 988 -3.53 14.55 10.69
CA ALA A 988 -4.75 13.99 11.28
C ALA A 988 -4.81 14.19 12.79
N ASN A 989 -3.65 14.17 13.44
CA ASN A 989 -3.62 14.35 14.88
C ASN A 989 -4.02 15.73 15.36
N THR A 990 -4.40 16.58 14.42
CA THR A 990 -4.86 17.92 14.76
C THR A 990 -6.17 17.72 15.52
N LEU A 991 -6.82 16.60 15.25
CA LEU A 991 -8.12 16.26 15.84
C LEU A 991 -8.17 15.46 17.13
N THR A 992 -7.16 14.61 17.35
CA THR A 992 -7.14 13.71 18.48
C THR A 992 -6.93 14.21 19.91
N PRO A 993 -7.54 13.51 20.89
CA PRO A 993 -7.46 13.86 22.31
C PRO A 993 -6.16 13.45 22.98
N ASN A 994 -5.73 14.29 23.93
CA ASN A 994 -4.49 14.08 24.65
C ASN A 994 -4.76 13.34 25.96
N VAL A 995 -5.09 12.06 25.84
CA VAL A 995 -5.38 11.20 26.98
C VAL A 995 -5.10 9.76 26.54
N GLY A 996 -4.68 8.90 27.46
CA GLY A 996 -4.37 7.53 27.08
C GLY A 996 -4.72 6.41 28.05
N ASP A 997 -4.30 5.20 27.67
CA ASP A 997 -4.52 3.99 28.46
C ASP A 997 -4.08 4.20 29.91
N ALA A 998 -4.88 3.71 30.85
CA ALA A 998 -4.56 3.87 32.27
C ALA A 998 -3.29 3.16 32.71
N ASN A 999 -2.81 2.21 31.91
CA ASN A 999 -1.59 1.48 32.25
C ASN A 999 -0.33 2.06 31.59
N SER A 1000 -0.38 2.19 30.26
CA SER A 1000 0.78 2.67 29.49
C SER A 1000 0.72 4.12 29.00
N GLN A 1001 -0.43 4.75 29.13
CA GLN A 1001 -0.65 6.13 28.69
C GLN A 1001 -0.57 6.26 27.16
N THR A 1002 -0.96 5.18 26.48
CA THR A 1002 -0.99 5.14 25.02
C THR A 1002 -2.25 5.92 24.64
N PRO A 1003 -2.13 6.95 23.77
CA PRO A 1003 -3.27 7.76 23.37
C PRO A 1003 -4.51 7.08 22.78
N GLU A 1004 -5.67 7.67 23.09
CA GLU A 1004 -6.96 7.18 22.62
C GLU A 1004 -7.25 7.71 21.22
N TYR A 1005 -6.37 7.38 20.28
CA TYR A 1005 -6.49 7.83 18.87
C TYR A 1005 -7.64 7.18 18.13
N LYS A 1006 -8.15 6.07 18.64
CA LYS A 1006 -9.21 5.33 17.94
C LYS A 1006 -10.66 5.62 18.26
N ALA A 1007 -10.93 6.44 19.27
CA ALA A 1007 -12.31 6.76 19.61
C ALA A 1007 -12.44 8.11 20.28
N PHE A 1008 -12.94 9.09 19.55
CA PHE A 1008 -13.14 10.43 20.08
C PHE A 1008 -14.35 11.08 19.39
N LEU A 1009 -14.52 12.38 19.55
CA LEU A 1009 -15.68 13.05 18.94
C LEU A 1009 -15.33 14.17 17.97
N VAL A 1010 -16.08 14.24 16.87
CA VAL A 1010 -15.88 15.27 15.86
C VAL A 1010 -17.20 15.75 15.29
N ASN A 1011 -17.12 16.80 14.49
CA ASN A 1011 -18.26 17.35 13.79
C ASN A 1011 -17.77 17.47 12.36
N ILE A 1012 -18.69 17.62 11.41
CA ILE A 1012 -18.30 17.77 10.02
C ILE A 1012 -19.22 18.80 9.36
N GLU A 1013 -18.68 19.55 8.41
CA GLU A 1013 -19.43 20.57 7.67
C GLU A 1013 -18.92 20.61 6.24
N LYS A 1014 -19.78 21.03 5.31
CA LYS A 1014 -19.40 21.14 3.91
C LYS A 1014 -18.31 22.21 3.81
N ALA A 1015 -17.39 22.04 2.87
CA ALA A 1015 -16.32 23.01 2.69
C ALA A 1015 -16.08 23.32 1.22
N ALA B 2 14.16 -5.99 -36.01
CA ALA B 2 12.89 -6.73 -35.78
C ALA B 2 13.04 -8.21 -36.13
N MET B 3 12.11 -9.02 -35.63
CA MET B 3 12.07 -10.46 -35.89
C MET B 3 13.28 -11.27 -35.45
N GLU B 4 14.10 -10.72 -34.57
CA GLU B 4 15.29 -11.44 -34.11
C GLU B 4 14.96 -12.74 -33.40
N THR B 5 13.80 -12.77 -32.73
CA THR B 5 13.38 -13.95 -32.00
C THR B 5 12.74 -15.03 -32.88
N GLN B 6 12.45 -14.67 -34.13
CA GLN B 6 11.88 -15.60 -35.10
C GLN B 6 10.71 -16.45 -34.59
N ASP B 7 9.86 -15.83 -33.77
CA ASP B 7 8.70 -16.51 -33.20
C ASP B 7 7.49 -15.57 -33.19
N ILE B 8 7.40 -14.74 -34.22
CA ILE B 8 6.31 -13.77 -34.35
C ILE B 8 5.15 -14.42 -35.11
N ILE B 9 4.08 -14.75 -34.40
CA ILE B 9 2.95 -15.40 -35.05
C ILE B 9 1.90 -14.48 -35.71
N LYS B 10 1.88 -13.21 -35.30
CA LYS B 10 0.96 -12.22 -35.88
C LYS B 10 1.69 -10.89 -35.90
N ARG B 11 1.45 -10.10 -36.95
CA ARG B 11 2.10 -8.79 -37.09
C ARG B 11 1.10 -7.85 -37.73
N SER B 12 0.95 -6.66 -37.17
CA SER B 12 0.00 -5.68 -37.68
C SER B 12 0.30 -5.24 -39.11
N ALA B 13 -0.76 -4.88 -39.83
CA ALA B 13 -0.66 -4.39 -41.20
C ALA B 13 0.33 -5.15 -42.08
N THR B 14 0.20 -6.47 -42.08
CA THR B 14 1.08 -7.34 -42.86
C THR B 14 0.19 -8.25 -43.70
N ASN B 15 0.41 -8.27 -45.01
CA ASN B 15 -0.42 -9.11 -45.87
C ASN B 15 -0.34 -10.58 -45.48
N SER B 16 -1.48 -11.25 -45.53
CA SER B 16 -1.55 -12.66 -45.16
C SER B 16 -0.65 -13.59 -45.95
N ILE B 17 -0.22 -13.18 -47.15
CA ILE B 17 0.64 -14.09 -47.92
C ILE B 17 2.13 -13.85 -47.70
N THR B 18 2.47 -12.92 -46.81
CA THR B 18 3.86 -12.66 -46.45
C THR B 18 3.90 -12.60 -44.92
N PRO B 19 3.71 -13.76 -44.27
CA PRO B 19 3.71 -13.85 -42.81
C PRO B 19 5.06 -13.51 -42.16
N PRO B 20 5.04 -13.07 -40.90
CA PRO B 20 6.27 -12.73 -40.18
C PRO B 20 7.09 -13.98 -39.82
N SER B 21 8.38 -13.78 -39.54
CA SER B 21 9.28 -14.88 -39.18
C SER B 21 8.76 -15.60 -37.95
N GLN B 22 8.49 -16.90 -38.08
CA GLN B 22 7.96 -17.66 -36.96
C GLN B 22 8.35 -19.13 -36.92
N VAL B 23 9.58 -19.45 -37.32
CA VAL B 23 10.01 -20.85 -37.31
C VAL B 23 10.19 -21.40 -35.90
N ARG B 24 10.62 -20.55 -34.97
CA ARG B 24 10.83 -20.98 -33.59
C ARG B 24 9.52 -20.87 -32.79
N ASP B 25 8.49 -21.55 -33.26
CA ASP B 25 7.17 -21.47 -32.61
C ASP B 25 6.80 -22.61 -31.66
N TYR B 26 7.73 -23.51 -31.37
CA TYR B 26 7.40 -24.61 -30.46
C TYR B 26 7.72 -24.17 -29.05
N LYS B 27 6.80 -23.39 -28.47
CA LYS B 27 6.94 -22.86 -27.12
C LYS B 27 5.58 -22.90 -26.44
N ALA B 28 5.57 -23.21 -25.15
CA ALA B 28 4.31 -23.26 -24.42
C ALA B 28 3.77 -21.86 -24.22
N GLU B 29 2.45 -21.73 -24.31
CA GLU B 29 1.81 -20.44 -24.10
C GLU B 29 1.82 -20.18 -22.60
N VAL B 30 2.04 -18.92 -22.22
CA VAL B 30 2.05 -18.55 -20.81
C VAL B 30 0.80 -17.77 -20.48
N ALA B 31 0.55 -17.57 -19.19
CA ALA B 31 -0.63 -16.83 -18.78
C ALA B 31 -0.57 -16.35 -17.34
N LYS B 32 -1.26 -15.23 -17.09
CA LYS B 32 -1.35 -14.66 -15.76
C LYS B 32 -2.80 -14.95 -15.38
N LEU B 33 -3.01 -15.37 -14.13
CA LEU B 33 -4.36 -15.66 -13.64
C LEU B 33 -4.58 -14.76 -12.44
N ILE B 34 -5.59 -13.90 -12.53
CA ILE B 34 -5.91 -12.98 -11.46
C ILE B 34 -7.18 -13.47 -10.76
N ASP B 35 -7.02 -14.00 -9.55
CA ASP B 35 -8.14 -14.50 -8.77
C ASP B 35 -8.67 -13.33 -7.93
N VAL B 36 -9.70 -12.65 -8.42
CA VAL B 36 -10.23 -11.50 -7.69
C VAL B 36 -10.81 -11.84 -6.31
N SER B 37 -11.10 -13.11 -6.06
CA SER B 37 -11.64 -13.52 -4.77
C SER B 37 -10.57 -13.56 -3.68
N THR B 38 -9.32 -13.39 -4.08
CA THR B 38 -8.21 -13.40 -3.12
C THR B 38 -7.50 -12.03 -3.11
N CYS B 39 -7.95 -11.12 -3.97
CA CYS B 39 -7.39 -9.77 -4.07
C CYS B 39 -7.82 -8.88 -2.91
N ILE B 40 -6.86 -8.16 -2.32
CA ILE B 40 -7.16 -7.27 -1.20
C ILE B 40 -7.06 -5.78 -1.58
N GLY B 41 -6.97 -5.52 -2.88
CA GLY B 41 -6.90 -4.15 -3.39
C GLY B 41 -5.78 -3.29 -2.84
N CYS B 42 -4.61 -3.89 -2.60
CA CYS B 42 -3.47 -3.17 -2.03
C CYS B 42 -2.72 -2.25 -3.01
N LYS B 43 -2.87 -2.51 -4.31
CA LYS B 43 -2.22 -1.75 -5.37
C LYS B 43 -0.72 -2.04 -5.51
N ALA B 44 -0.24 -3.10 -4.86
CA ALA B 44 1.18 -3.44 -4.95
C ALA B 44 1.55 -3.67 -6.41
N CYS B 45 0.62 -4.23 -7.17
CA CYS B 45 0.86 -4.50 -8.58
C CYS B 45 1.09 -3.23 -9.39
N GLN B 46 0.38 -2.15 -9.04
CA GLN B 46 0.56 -0.88 -9.76
C GLN B 46 1.97 -0.38 -9.50
N VAL B 47 2.37 -0.40 -8.24
CA VAL B 47 3.69 0.07 -7.83
C VAL B 47 4.83 -0.76 -8.43
N ALA B 48 4.73 -2.09 -8.32
CA ALA B 48 5.78 -2.96 -8.86
C ALA B 48 5.90 -2.80 -10.37
N CYS B 49 4.76 -2.64 -11.05
CA CYS B 49 4.77 -2.46 -12.50
C CYS B 49 5.53 -1.20 -12.89
N SER B 50 5.17 -0.08 -12.29
CA SER B 50 5.83 1.18 -12.62
C SER B 50 7.31 1.20 -12.24
N GLU B 51 7.64 0.60 -11.10
CA GLU B 51 9.03 0.55 -10.65
C GLU B 51 9.84 -0.25 -11.68
N TRP B 52 9.38 -1.47 -11.99
CA TRP B 52 10.10 -2.30 -12.96
C TRP B 52 10.20 -1.67 -14.33
N ASN B 53 9.11 -1.08 -14.80
CA ASN B 53 9.08 -0.52 -16.14
C ASN B 53 9.64 0.87 -16.34
N ASP B 54 10.12 1.49 -15.25
CA ASP B 54 10.73 2.83 -15.31
C ASP B 54 9.78 3.92 -15.76
N ILE B 55 8.54 3.88 -15.29
CA ILE B 55 7.52 4.88 -15.64
C ILE B 55 6.87 5.43 -14.37
N ARG B 56 6.43 6.68 -14.43
CA ARG B 56 5.75 7.33 -13.30
C ARG B 56 4.65 8.23 -13.83
N ASP B 57 3.43 8.03 -13.36
CA ASP B 57 2.31 8.86 -13.77
C ASP B 57 2.35 10.09 -12.89
N GLU B 58 1.40 10.98 -13.08
CA GLU B 58 1.33 12.22 -12.30
C GLU B 58 0.70 11.93 -10.95
N VAL B 59 0.87 12.85 -10.01
CA VAL B 59 0.26 12.73 -8.70
C VAL B 59 -1.14 13.32 -8.95
N GLY B 60 -2.15 12.47 -8.92
CA GLY B 60 -3.51 12.90 -9.20
C GLY B 60 -4.33 13.48 -8.07
N HIS B 61 -5.64 13.28 -8.14
CA HIS B 61 -6.58 13.78 -7.14
C HIS B 61 -7.51 12.69 -6.63
N CYS B 62 -8.09 12.92 -5.47
CA CYS B 62 -9.05 11.99 -4.93
C CYS B 62 -10.39 12.62 -5.27
N VAL B 63 -11.27 11.87 -5.92
CA VAL B 63 -12.58 12.40 -6.26
C VAL B 63 -13.68 11.59 -5.62
N GLY B 64 -13.36 10.96 -4.49
CA GLY B 64 -14.38 10.18 -3.79
C GLY B 64 -14.26 8.68 -3.76
N VAL B 65 -13.26 8.11 -4.44
CA VAL B 65 -13.08 6.67 -4.44
C VAL B 65 -11.63 6.30 -4.24
N TYR B 66 -11.39 5.04 -3.88
CA TYR B 66 -10.05 4.53 -3.65
C TYR B 66 -9.25 4.42 -4.96
N ASP B 67 -9.95 4.22 -6.07
CA ASP B 67 -9.30 4.07 -7.37
C ASP B 67 -8.34 5.23 -7.67
N ASN B 68 -7.10 4.89 -8.03
CA ASN B 68 -6.11 5.90 -8.34
C ASN B 68 -4.80 5.27 -8.81
N PRO B 69 -4.31 5.64 -10.01
CA PRO B 69 -4.89 6.58 -10.96
C PRO B 69 -6.29 6.12 -11.36
N ALA B 70 -7.11 7.05 -11.86
CA ALA B 70 -8.49 6.72 -12.23
C ALA B 70 -8.63 5.90 -13.50
N ASP B 71 -7.56 5.81 -14.29
CA ASP B 71 -7.62 5.07 -15.55
C ASP B 71 -6.21 4.68 -15.97
N LEU B 72 -6.13 3.73 -16.89
CA LEU B 72 -4.86 3.29 -17.44
C LEU B 72 -4.41 4.51 -18.23
N SER B 73 -3.10 4.68 -18.40
CA SER B 73 -2.55 5.79 -19.16
C SER B 73 -1.21 5.32 -19.70
N ALA B 74 -0.54 6.17 -20.46
CA ALA B 74 0.77 5.79 -21.02
C ALA B 74 1.78 5.55 -19.90
N LYS B 75 1.52 6.12 -18.72
CA LYS B 75 2.41 5.98 -17.58
C LYS B 75 1.90 5.04 -16.47
N SER B 76 0.72 4.46 -16.67
CA SER B 76 0.13 3.53 -15.71
C SER B 76 -0.40 2.35 -16.52
N TRP B 77 0.38 1.27 -16.58
CA TRP B 77 0.00 0.12 -17.38
C TRP B 77 -0.98 -0.88 -16.76
N THR B 78 -1.32 -0.67 -15.49
CA THR B 78 -2.29 -1.52 -14.81
C THR B 78 -2.86 -0.69 -13.66
N VAL B 79 -4.16 -0.82 -13.43
CA VAL B 79 -4.80 -0.09 -12.33
C VAL B 79 -5.85 -0.96 -11.68
N MET B 80 -6.00 -0.78 -10.38
CA MET B 80 -6.99 -1.52 -9.62
C MET B 80 -8.31 -0.77 -9.72
N ARG B 81 -9.37 -1.50 -10.04
CA ARG B 81 -10.69 -0.89 -10.17
C ARG B 81 -11.59 -1.45 -9.07
N PHE B 82 -12.20 -0.54 -8.30
CA PHE B 82 -13.06 -0.89 -7.17
C PHE B 82 -14.56 -0.71 -7.41
N SER B 83 -15.36 -1.65 -6.92
CA SER B 83 -16.82 -1.59 -7.06
C SER B 83 -17.54 -2.06 -5.79
N GLU B 84 -18.42 -1.22 -5.29
CA GLU B 84 -19.20 -1.55 -4.10
C GLU B 84 -20.60 -1.88 -4.61
N THR B 85 -21.15 -3.01 -4.18
CA THR B 85 -22.47 -3.43 -4.65
C THR B 85 -23.25 -4.24 -3.64
N GLU B 86 -24.56 -4.27 -3.81
CA GLU B 86 -25.45 -5.03 -2.94
C GLU B 86 -26.35 -5.86 -3.85
N GLN B 87 -25.97 -5.91 -5.12
CA GLN B 87 -26.73 -6.64 -6.14
C GLN B 87 -26.90 -8.12 -5.81
N ASN B 88 -26.01 -8.68 -5.00
CA ASN B 88 -26.12 -10.10 -4.67
C ASN B 88 -26.66 -10.41 -3.28
N GLY B 89 -27.32 -9.44 -2.65
CA GLY B 89 -27.91 -9.71 -1.34
C GLY B 89 -27.25 -9.19 -0.07
N LYS B 90 -26.03 -8.70 -0.16
CA LYS B 90 -25.31 -8.18 1.00
C LYS B 90 -24.21 -7.30 0.43
N LEU B 91 -23.60 -6.44 1.24
CA LEU B 91 -22.56 -5.57 0.72
C LEU B 91 -21.31 -6.35 0.33
N GLU B 92 -20.82 -6.10 -0.88
CA GLU B 92 -19.61 -6.73 -1.38
C GLU B 92 -18.71 -5.64 -1.94
N TRP B 93 -17.40 -5.83 -1.82
CA TRP B 93 -16.44 -4.90 -2.35
C TRP B 93 -15.67 -5.72 -3.36
N LEU B 94 -16.02 -5.57 -4.63
CA LEU B 94 -15.36 -6.32 -5.69
C LEU B 94 -14.21 -5.51 -6.25
N ILE B 95 -13.01 -6.07 -6.18
CA ILE B 95 -11.81 -5.36 -6.63
C ILE B 95 -11.11 -6.13 -7.76
N ARG B 96 -10.88 -5.46 -8.88
CA ARG B 96 -10.27 -6.09 -10.05
C ARG B 96 -9.08 -5.37 -10.69
N LYS B 97 -7.99 -6.12 -10.90
CA LYS B 97 -6.79 -5.56 -11.53
C LYS B 97 -7.10 -5.48 -13.02
N ASP B 98 -6.91 -4.29 -13.61
CA ASP B 98 -7.19 -4.07 -15.01
C ASP B 98 -5.93 -3.73 -15.81
N GLY B 99 -5.91 -4.18 -17.06
CA GLY B 99 -4.77 -3.96 -17.94
C GLY B 99 -4.91 -4.90 -19.12
N CYS B 100 -3.98 -4.84 -20.07
CA CYS B 100 -4.02 -5.69 -21.26
C CYS B 100 -4.34 -7.16 -20.97
N MET B 101 -5.22 -7.74 -21.78
CA MET B 101 -5.63 -9.14 -21.63
C MET B 101 -4.80 -10.09 -22.50
N HIS B 102 -3.94 -9.53 -23.35
CA HIS B 102 -3.10 -10.31 -24.24
C HIS B 102 -3.93 -11.37 -24.96
N CYS B 103 -4.93 -10.87 -25.69
CA CYS B 103 -5.87 -11.69 -26.45
C CYS B 103 -5.19 -12.58 -27.49
N GLU B 104 -5.74 -13.78 -27.68
CA GLU B 104 -5.21 -14.71 -28.67
C GLU B 104 -5.46 -14.12 -30.06
N ASP B 105 -6.58 -13.41 -30.20
CA ASP B 105 -6.93 -12.74 -31.45
C ASP B 105 -7.10 -11.28 -31.05
N PRO B 106 -5.99 -10.53 -30.99
CA PRO B 106 -6.02 -9.12 -30.60
C PRO B 106 -6.62 -8.10 -31.58
N GLY B 107 -7.61 -7.37 -31.08
CA GLY B 107 -8.29 -6.36 -31.88
C GLY B 107 -7.41 -5.16 -32.15
N CYS B 108 -6.46 -4.91 -31.25
CA CYS B 108 -5.54 -3.78 -31.45
C CYS B 108 -4.71 -4.04 -32.69
N LEU B 109 -4.13 -5.24 -32.78
CA LEU B 109 -3.31 -5.62 -33.91
C LEU B 109 -4.11 -5.64 -35.20
N LYS B 110 -5.35 -6.11 -35.13
CA LYS B 110 -6.22 -6.18 -36.31
C LYS B 110 -6.55 -4.80 -36.87
N ALA B 111 -6.74 -3.82 -35.98
CA ALA B 111 -7.09 -2.47 -36.40
C ALA B 111 -5.90 -1.60 -36.80
N CYS B 112 -4.72 -1.91 -36.29
CA CYS B 112 -3.50 -1.14 -36.58
C CYS B 112 -3.12 -1.08 -38.07
N PRO B 113 -2.88 0.13 -38.59
CA PRO B 113 -2.52 0.36 -40.00
C PRO B 113 -1.02 0.45 -40.29
N SER B 114 -0.19 0.36 -39.25
CA SER B 114 1.26 0.47 -39.44
C SER B 114 1.98 -0.88 -39.31
N ALA B 115 2.63 -1.30 -40.38
CA ALA B 115 3.34 -2.57 -40.41
C ALA B 115 4.33 -2.76 -39.25
N GLY B 116 4.12 -3.81 -38.48
CA GLY B 116 4.99 -4.13 -37.36
C GLY B 116 4.83 -3.34 -36.08
N ALA B 117 3.86 -2.43 -36.02
CA ALA B 117 3.67 -1.63 -34.81
C ALA B 117 3.16 -2.48 -33.64
N ILE B 118 2.45 -3.55 -33.95
CA ILE B 118 1.94 -4.46 -32.92
C ILE B 118 2.25 -5.89 -33.37
N ILE B 119 2.78 -6.69 -32.45
CA ILE B 119 3.10 -8.08 -32.77
C ILE B 119 2.63 -9.04 -31.68
N GLN B 120 2.51 -10.30 -32.04
CA GLN B 120 2.11 -11.34 -31.09
C GLN B 120 3.17 -12.44 -31.13
N TYR B 121 3.72 -12.76 -29.97
CA TYR B 121 4.74 -13.80 -29.84
C TYR B 121 4.10 -15.16 -29.69
N ALA B 122 4.86 -16.19 -30.05
CA ALA B 122 4.37 -17.55 -29.95
C ALA B 122 3.88 -17.91 -28.54
N ASN B 123 4.45 -17.30 -27.51
CA ASN B 123 4.01 -17.62 -26.15
C ASN B 123 2.73 -16.92 -25.72
N GLY B 124 2.17 -16.07 -26.58
CA GLY B 124 0.92 -15.39 -26.24
C GLY B 124 1.01 -13.92 -25.89
N ILE B 125 2.22 -13.41 -25.73
CA ILE B 125 2.39 -12.00 -25.40
C ILE B 125 2.14 -11.12 -26.63
N VAL B 126 1.35 -10.09 -26.45
CA VAL B 126 1.04 -9.14 -27.51
C VAL B 126 1.81 -7.88 -27.09
N ASP B 127 2.69 -7.38 -27.96
CA ASP B 127 3.49 -6.21 -27.59
C ASP B 127 3.57 -5.15 -28.67
N PHE B 128 3.82 -3.91 -28.24
CA PHE B 128 3.95 -2.77 -29.15
C PHE B 128 5.41 -2.54 -29.51
N GLN B 129 5.70 -2.46 -30.80
CA GLN B 129 7.05 -2.17 -31.27
C GLN B 129 6.95 -0.69 -31.64
N SER B 130 7.28 0.16 -30.67
CA SER B 130 7.19 1.61 -30.84
C SER B 130 7.85 2.31 -32.03
N GLU B 131 8.94 1.77 -32.55
CA GLU B 131 9.61 2.40 -33.69
C GLU B 131 8.65 2.55 -34.87
N ASN B 132 7.66 1.66 -34.95
CA ASN B 132 6.68 1.67 -36.04
C ASN B 132 5.34 2.32 -35.76
N CYS B 133 5.14 2.80 -34.54
CA CYS B 133 3.87 3.43 -34.18
C CYS B 133 3.75 4.85 -34.74
N ILE B 134 2.62 5.13 -35.39
CA ILE B 134 2.40 6.46 -35.96
C ILE B 134 1.42 7.32 -35.15
N GLY B 135 0.93 6.77 -34.04
CA GLY B 135 0.02 7.49 -33.18
C GLY B 135 -1.40 7.77 -33.68
N CYS B 136 -1.90 6.94 -34.58
CA CYS B 136 -3.23 7.11 -35.15
C CYS B 136 -4.34 6.79 -34.14
N GLY B 137 -4.05 5.88 -33.21
CA GLY B 137 -5.04 5.52 -32.21
C GLY B 137 -6.08 4.50 -32.64
N TYR B 138 -5.92 3.90 -33.81
CA TYR B 138 -6.88 2.90 -34.28
C TYR B 138 -6.99 1.75 -33.29
N CYS B 139 -5.88 1.39 -32.67
CA CYS B 139 -5.86 0.28 -31.73
C CYS B 139 -6.75 0.51 -30.51
N ILE B 140 -6.96 1.76 -30.14
CA ILE B 140 -7.79 2.07 -28.98
C ILE B 140 -9.23 1.64 -29.25
N ALA B 141 -9.70 1.85 -30.49
CA ALA B 141 -11.05 1.47 -30.85
C ALA B 141 -11.15 -0.01 -31.18
N GLY B 142 -10.07 -0.57 -31.71
CA GLY B 142 -10.08 -1.99 -32.04
C GLY B 142 -10.08 -2.91 -30.83
N CYS B 143 -9.55 -2.40 -29.72
CA CYS B 143 -9.46 -3.16 -28.48
C CYS B 143 -10.83 -3.31 -27.79
N PRO B 144 -11.27 -4.57 -27.56
CA PRO B 144 -12.57 -4.78 -26.90
C PRO B 144 -12.57 -4.40 -25.43
N PHE B 145 -11.38 -4.20 -24.86
CA PHE B 145 -11.23 -3.89 -23.44
C PHE B 145 -10.78 -2.46 -23.11
N ASN B 146 -10.66 -1.61 -24.13
CA ASN B 146 -10.25 -0.21 -23.97
C ASN B 146 -8.95 -0.13 -23.18
N ILE B 147 -7.89 -0.70 -23.74
CA ILE B 147 -6.59 -0.75 -23.08
C ILE B 147 -5.45 0.18 -23.57
N PRO B 148 -5.21 0.27 -24.89
CA PRO B 148 -4.13 1.15 -25.35
C PRO B 148 -4.26 2.62 -24.93
N ARG B 149 -3.14 3.24 -24.61
CA ARG B 149 -3.14 4.65 -24.20
C ARG B 149 -1.99 5.41 -24.87
N LEU B 150 -2.31 6.56 -25.47
CA LEU B 150 -1.32 7.38 -26.14
C LEU B 150 -0.52 8.27 -25.19
N ASN B 151 0.78 8.36 -25.43
CA ASN B 151 1.68 9.19 -24.65
C ASN B 151 1.77 10.50 -25.41
N LYS B 152 1.32 11.58 -24.80
CA LYS B 152 1.36 12.88 -25.45
C LYS B 152 2.77 13.34 -25.79
N GLU B 153 3.75 12.84 -25.03
CA GLU B 153 5.12 13.25 -25.23
C GLU B 153 5.86 12.62 -26.41
N ASP B 154 5.30 11.56 -27.01
CA ASP B 154 5.96 10.95 -28.17
C ASP B 154 4.99 10.40 -29.22
N ASN B 155 3.69 10.65 -29.04
CA ASN B 155 2.67 10.20 -29.98
C ASN B 155 2.63 8.69 -30.21
N ARG B 156 2.86 7.91 -29.17
CA ARG B 156 2.84 6.47 -29.32
C ARG B 156 2.01 5.83 -28.22
N VAL B 157 1.46 4.65 -28.47
CA VAL B 157 0.66 3.96 -27.48
C VAL B 157 1.52 3.01 -26.65
N TYR B 158 1.08 2.80 -25.41
CA TYR B 158 1.77 1.90 -24.50
C TYR B 158 0.74 1.18 -23.64
N LYS B 159 1.14 0.03 -23.12
CA LYS B 159 0.26 -0.78 -22.30
C LYS B 159 1.10 -1.88 -21.65
N CYS B 160 0.43 -2.72 -20.86
CA CYS B 160 1.06 -3.85 -20.20
C CYS B 160 1.71 -4.73 -21.27
N THR B 161 2.98 -5.06 -21.06
CA THR B 161 3.77 -5.88 -21.98
C THR B 161 3.87 -7.32 -21.49
N LEU B 162 3.17 -7.62 -20.40
CA LEU B 162 3.21 -8.92 -19.72
C LEU B 162 4.67 -9.13 -19.32
N CYS B 163 5.36 -8.02 -19.07
CA CYS B 163 6.77 -8.03 -18.68
C CYS B 163 7.54 -8.93 -19.63
N VAL B 164 7.38 -8.67 -20.92
CA VAL B 164 8.04 -9.45 -21.95
C VAL B 164 9.55 -9.48 -21.71
N ASP B 165 10.12 -8.42 -21.13
CA ASP B 165 11.56 -8.39 -20.88
C ASP B 165 12.00 -9.32 -19.75
N ARG B 166 11.06 -9.74 -18.91
CA ARG B 166 11.37 -10.67 -17.83
C ARG B 166 11.05 -12.09 -18.29
N VAL B 167 9.86 -12.27 -18.85
CA VAL B 167 9.42 -13.57 -19.33
C VAL B 167 10.32 -14.17 -20.41
N SER B 168 10.81 -13.30 -21.30
CA SER B 168 11.69 -13.74 -22.39
C SER B 168 12.96 -14.42 -21.90
N VAL B 169 13.39 -14.11 -20.68
CA VAL B 169 14.59 -14.74 -20.16
C VAL B 169 14.33 -15.67 -18.98
N GLY B 170 13.07 -16.07 -18.81
CA GLY B 170 12.74 -17.02 -17.75
C GLY B 170 12.19 -16.59 -16.41
N GLN B 171 11.83 -15.32 -16.25
CA GLN B 171 11.30 -14.86 -14.96
C GLN B 171 9.86 -14.37 -15.09
N GLU B 172 9.08 -14.58 -14.04
CA GLU B 172 7.69 -14.15 -14.03
C GLU B 172 7.60 -12.63 -13.97
N PRO B 173 6.45 -12.05 -14.36
CA PRO B 173 6.23 -10.60 -14.36
C PRO B 173 6.41 -10.01 -12.95
N ALA B 174 6.63 -8.70 -12.91
CA ALA B 174 6.83 -8.00 -11.64
C ALA B 174 5.59 -7.99 -10.76
N CYS B 175 4.42 -7.75 -11.36
CA CYS B 175 3.19 -7.71 -10.56
C CYS B 175 2.86 -9.09 -10.00
N VAL B 176 3.12 -10.12 -10.80
CA VAL B 176 2.84 -11.50 -10.37
C VAL B 176 3.64 -11.82 -9.11
N LYS B 177 4.95 -11.58 -9.18
CA LYS B 177 5.82 -11.85 -8.06
C LYS B 177 5.46 -11.08 -6.79
N THR B 178 5.12 -9.80 -6.97
CA THR B 178 4.81 -8.93 -5.84
C THR B 178 3.50 -9.16 -5.07
N CYS B 179 2.46 -9.62 -5.75
CA CYS B 179 1.14 -9.81 -5.13
C CYS B 179 1.17 -10.42 -3.73
N PRO B 180 0.89 -9.61 -2.69
CA PRO B 180 0.89 -10.07 -1.30
C PRO B 180 0.11 -11.34 -0.95
N THR B 181 -1.10 -11.48 -1.48
CA THR B 181 -1.94 -12.64 -1.16
C THR B 181 -1.90 -13.80 -2.14
N GLY B 182 -1.18 -13.62 -3.23
CA GLY B 182 -1.12 -14.67 -4.23
C GLY B 182 -2.37 -14.67 -5.09
N ALA B 183 -3.04 -13.52 -5.14
CA ALA B 183 -4.24 -13.42 -5.97
C ALA B 183 -3.79 -13.56 -7.42
N ILE B 184 -2.58 -13.08 -7.73
CA ILE B 184 -2.06 -13.19 -9.08
C ILE B 184 -1.14 -14.40 -9.17
N HIS B 185 -1.39 -15.26 -10.16
CA HIS B 185 -0.57 -16.45 -10.42
C HIS B 185 -0.01 -16.32 -11.84
N PHE B 186 1.05 -17.06 -12.13
CA PHE B 186 1.64 -17.05 -13.47
C PHE B 186 2.26 -18.41 -13.77
N GLY B 187 2.26 -18.78 -15.05
CA GLY B 187 2.83 -20.06 -15.47
C GLY B 187 2.38 -20.35 -16.88
N THR B 188 2.37 -21.62 -17.27
CA THR B 188 1.90 -21.94 -18.62
C THR B 188 0.39 -21.79 -18.58
N LYS B 189 -0.21 -21.42 -19.70
CA LYS B 189 -1.67 -21.25 -19.71
C LYS B 189 -2.37 -22.55 -19.34
N LYS B 190 -1.82 -23.68 -19.77
CA LYS B 190 -2.44 -24.98 -19.49
C LYS B 190 -2.57 -25.20 -17.98
N GLU B 191 -1.51 -24.90 -17.23
CA GLU B 191 -1.61 -25.12 -15.80
C GLU B 191 -2.34 -24.00 -15.07
N MET B 192 -2.42 -22.82 -15.68
CA MET B 192 -3.16 -21.74 -15.05
C MET B 192 -4.65 -22.04 -15.17
N LEU B 193 -5.04 -22.67 -16.27
CA LEU B 193 -6.45 -23.03 -16.46
C LEU B 193 -6.81 -24.06 -15.40
N GLU B 194 -5.86 -24.95 -15.11
CA GLU B 194 -6.06 -25.99 -14.11
C GLU B 194 -6.23 -25.35 -12.73
N LEU B 195 -5.37 -24.39 -12.41
CA LEU B 195 -5.47 -23.72 -11.12
C LEU B 195 -6.78 -22.95 -11.02
N ALA B 196 -7.19 -22.37 -12.14
CA ALA B 196 -8.44 -21.61 -12.17
C ALA B 196 -9.62 -22.52 -11.88
N GLU B 197 -9.67 -23.68 -12.51
CA GLU B 197 -10.79 -24.58 -12.26
C GLU B 197 -10.80 -25.09 -10.83
N GLN B 198 -9.63 -25.29 -10.24
CA GLN B 198 -9.56 -25.76 -8.86
C GLN B 198 -10.11 -24.69 -7.93
N ARG B 199 -9.79 -23.44 -8.25
CA ARG B 199 -10.24 -22.32 -7.44
C ARG B 199 -11.76 -22.15 -7.57
N VAL B 200 -12.27 -22.29 -8.80
CA VAL B 200 -13.70 -22.16 -9.03
C VAL B 200 -14.44 -23.23 -8.22
N ALA B 201 -13.88 -24.44 -8.16
CA ALA B 201 -14.51 -25.51 -7.39
C ALA B 201 -14.59 -25.12 -5.92
N LYS B 202 -13.54 -24.51 -5.39
CA LYS B 202 -13.53 -24.10 -4.00
C LYS B 202 -14.54 -23.00 -3.73
N LEU B 203 -14.67 -22.07 -4.67
CA LEU B 203 -15.62 -20.98 -4.49
C LEU B 203 -17.05 -21.51 -4.51
N LYS B 204 -17.30 -22.49 -5.39
CA LYS B 204 -18.63 -23.07 -5.46
C LYS B 204 -18.94 -23.76 -4.13
N ALA B 205 -17.93 -24.42 -3.55
CA ALA B 205 -18.12 -25.10 -2.28
C ALA B 205 -18.42 -24.10 -1.16
N ARG B 206 -18.09 -22.82 -1.36
CA ARG B 206 -18.34 -21.79 -0.35
C ARG B 206 -19.68 -21.09 -0.62
N GLY B 207 -20.39 -21.50 -1.66
CA GLY B 207 -21.68 -20.88 -1.94
C GLY B 207 -21.79 -19.98 -3.16
N TYR B 208 -20.70 -19.81 -3.91
CA TYR B 208 -20.73 -18.98 -5.12
C TYR B 208 -21.05 -19.90 -6.28
N GLU B 209 -22.34 -20.18 -6.49
CA GLU B 209 -22.73 -21.09 -7.56
C GLU B 209 -22.38 -20.65 -8.97
N HIS B 210 -22.13 -19.36 -9.18
CA HIS B 210 -21.80 -18.89 -10.53
C HIS B 210 -20.34 -18.47 -10.67
N ALA B 211 -19.48 -18.98 -9.79
CA ALA B 211 -18.07 -18.65 -9.87
C ALA B 211 -17.59 -19.26 -11.18
N GLY B 212 -16.58 -18.63 -11.79
CA GLY B 212 -16.10 -19.14 -13.06
C GLY B 212 -14.82 -18.48 -13.52
N VAL B 213 -14.25 -19.01 -14.60
CA VAL B 213 -13.02 -18.48 -15.18
C VAL B 213 -13.38 -17.53 -16.32
N TYR B 214 -12.71 -16.39 -16.37
CA TYR B 214 -12.94 -15.41 -17.42
C TYR B 214 -11.78 -15.58 -18.38
N ASN B 215 -12.09 -16.18 -19.53
CA ASN B 215 -11.12 -16.49 -20.58
C ASN B 215 -12.02 -16.45 -21.84
N PRO B 216 -12.49 -15.25 -22.22
CA PRO B 216 -13.37 -15.04 -23.37
C PRO B 216 -13.07 -15.64 -24.75
N GLU B 217 -13.96 -16.55 -25.16
CA GLU B 217 -13.87 -17.22 -26.44
C GLU B 217 -14.01 -16.27 -27.63
N GLY B 218 -14.70 -15.15 -27.41
CA GLY B 218 -14.89 -14.16 -28.46
C GLY B 218 -13.61 -13.55 -29.00
N VAL B 219 -12.54 -13.59 -28.22
CA VAL B 219 -11.26 -13.04 -28.67
C VAL B 219 -10.23 -14.19 -28.72
N GLY B 220 -10.75 -15.41 -28.74
CA GLY B 220 -9.90 -16.59 -28.82
C GLY B 220 -9.25 -17.01 -27.52
N GLY B 221 -9.73 -16.47 -26.41
CA GLY B 221 -9.13 -16.79 -25.13
C GLY B 221 -8.13 -15.68 -24.86
N THR B 222 -7.75 -15.50 -23.61
CA THR B 222 -6.81 -14.44 -23.24
C THR B 222 -5.62 -15.00 -22.48
N HIS B 223 -4.51 -14.27 -22.45
CA HIS B 223 -3.35 -14.77 -21.72
C HIS B 223 -3.25 -14.12 -20.34
N VAL B 224 -4.28 -13.35 -20.01
CA VAL B 224 -4.44 -12.76 -18.70
C VAL B 224 -5.89 -13.16 -18.48
N MET B 225 -6.13 -14.00 -17.47
CA MET B 225 -7.46 -14.50 -17.16
C MET B 225 -7.83 -14.16 -15.72
N TYR B 226 -9.12 -14.28 -15.40
CA TYR B 226 -9.60 -14.01 -14.05
C TYR B 226 -10.38 -15.19 -13.50
N VAL B 227 -10.46 -15.25 -12.18
CA VAL B 227 -11.32 -16.22 -11.53
C VAL B 227 -12.26 -15.20 -10.91
N LEU B 228 -13.55 -15.33 -11.15
CA LEU B 228 -14.54 -14.38 -10.65
C LEU B 228 -15.56 -15.06 -9.73
N HIS B 229 -15.97 -14.42 -8.64
CA HIS B 229 -16.97 -15.05 -7.78
C HIS B 229 -18.28 -15.08 -8.55
N HIS B 230 -18.54 -14.01 -9.31
CA HIS B 230 -19.76 -13.87 -10.09
C HIS B 230 -19.49 -13.80 -11.58
N ALA B 231 -19.10 -14.92 -12.18
CA ALA B 231 -18.80 -14.96 -13.60
C ALA B 231 -20.01 -14.72 -14.49
N ASP B 232 -21.21 -14.77 -13.90
CA ASP B 232 -22.44 -14.56 -14.65
C ASP B 232 -22.72 -13.07 -14.79
N GLN B 233 -22.00 -12.28 -13.99
CA GLN B 233 -22.15 -10.82 -14.00
C GLN B 233 -20.81 -10.11 -14.02
N PRO B 234 -20.02 -10.27 -15.08
CA PRO B 234 -18.73 -9.60 -15.13
C PRO B 234 -18.81 -8.06 -15.06
N GLU B 235 -19.92 -7.46 -15.48
CA GLU B 235 -20.04 -5.99 -15.43
C GLU B 235 -19.92 -5.46 -14.01
N LEU B 236 -20.22 -6.30 -13.03
CA LEU B 236 -20.15 -5.87 -11.63
C LEU B 236 -18.74 -5.48 -11.24
N TYR B 237 -17.75 -6.07 -11.91
CA TYR B 237 -16.35 -5.78 -11.63
C TYR B 237 -15.89 -4.58 -12.43
N HIS B 238 -16.48 -3.43 -12.12
CA HIS B 238 -16.18 -2.17 -12.78
C HIS B 238 -16.20 -2.23 -14.30
N GLY B 239 -17.30 -2.78 -14.85
CA GLY B 239 -17.48 -2.84 -16.29
C GLY B 239 -16.76 -3.89 -17.14
N LEU B 240 -16.25 -4.95 -16.54
CA LEU B 240 -15.59 -5.99 -17.33
C LEU B 240 -16.65 -6.48 -18.32
N PRO B 241 -16.35 -6.46 -19.63
CA PRO B 241 -17.32 -6.91 -20.65
C PRO B 241 -17.80 -8.34 -20.57
N LYS B 242 -19.08 -8.53 -20.85
CA LYS B 242 -19.66 -9.86 -20.88
C LYS B 242 -19.50 -10.25 -22.34
N ASP B 243 -19.00 -11.45 -22.59
CA ASP B 243 -18.82 -11.95 -23.95
C ASP B 243 -18.19 -10.95 -24.93
N PRO B 244 -16.98 -10.46 -24.63
CA PRO B 244 -16.29 -9.51 -25.50
C PRO B 244 -15.86 -10.12 -26.84
N LYS B 245 -15.81 -9.30 -27.88
CA LYS B 245 -15.41 -9.76 -29.21
C LYS B 245 -15.00 -8.54 -30.02
N ILE B 246 -14.30 -8.76 -31.12
CA ILE B 246 -13.90 -7.62 -31.93
C ILE B 246 -15.19 -7.09 -32.54
N ASP B 247 -15.35 -5.77 -32.49
CA ASP B 247 -16.55 -5.14 -33.02
C ASP B 247 -16.80 -5.45 -34.50
N THR B 248 -18.06 -5.68 -34.83
CA THR B 248 -18.46 -5.99 -36.19
C THR B 248 -18.06 -4.92 -37.22
N SER B 249 -18.14 -3.65 -36.82
CA SER B 249 -17.78 -2.58 -37.75
C SER B 249 -16.27 -2.61 -38.03
N VAL B 250 -15.49 -2.92 -37.01
CA VAL B 250 -14.04 -2.97 -37.17
C VAL B 250 -13.65 -4.17 -38.04
N SER B 251 -14.32 -5.30 -37.82
CA SER B 251 -14.03 -6.49 -38.59
C SER B 251 -14.31 -6.27 -40.08
N LEU B 252 -15.40 -5.57 -40.39
CA LEU B 252 -15.75 -5.29 -41.78
C LEU B 252 -14.78 -4.28 -42.40
N TRP B 253 -14.49 -3.23 -41.64
CA TRP B 253 -13.58 -2.18 -42.09
C TRP B 253 -12.20 -2.75 -42.41
N LYS B 254 -11.63 -3.53 -41.50
CA LYS B 254 -10.30 -4.10 -41.70
C LYS B 254 -10.34 -5.38 -42.54
N GLY B 255 -11.55 -5.91 -42.76
CA GLY B 255 -11.68 -7.13 -43.53
C GLY B 255 -12.11 -6.94 -44.99
N ALA B 256 -13.32 -7.38 -45.29
CA ALA B 256 -13.88 -7.30 -46.64
C ALA B 256 -13.80 -5.96 -47.38
N LEU B 257 -13.88 -4.84 -46.66
CA LEU B 257 -13.82 -3.54 -47.33
C LEU B 257 -12.56 -3.37 -48.17
N LYS B 258 -11.43 -3.83 -47.66
CA LYS B 258 -10.16 -3.70 -48.36
C LYS B 258 -10.10 -4.38 -49.73
N PRO B 259 -10.33 -5.70 -49.80
CA PRO B 259 -10.27 -6.34 -51.13
C PRO B 259 -11.37 -5.84 -52.07
N LEU B 260 -12.51 -5.47 -51.51
CA LEU B 260 -13.61 -4.95 -52.31
C LEU B 260 -13.12 -3.67 -52.99
N ALA B 261 -12.55 -2.76 -52.18
CA ALA B 261 -12.03 -1.50 -52.70
C ALA B 261 -10.95 -1.78 -53.73
N ALA B 262 -10.13 -2.79 -53.47
CA ALA B 262 -9.04 -3.16 -54.36
C ALA B 262 -9.61 -3.56 -55.73
N ALA B 263 -10.67 -4.36 -55.71
CA ALA B 263 -11.30 -4.81 -56.95
C ALA B 263 -11.89 -3.64 -57.71
N GLY B 264 -12.53 -2.73 -56.99
CA GLY B 264 -13.12 -1.57 -57.62
C GLY B 264 -12.03 -0.75 -58.30
N PHE B 265 -10.95 -0.46 -57.57
CA PHE B 265 -9.85 0.30 -58.13
C PHE B 265 -9.30 -0.38 -59.39
N ILE B 266 -8.91 -1.64 -59.29
CA ILE B 266 -8.38 -2.35 -60.45
C ILE B 266 -9.38 -2.31 -61.61
N ALA B 267 -10.62 -2.69 -61.33
CA ALA B 267 -11.67 -2.72 -62.34
C ALA B 267 -11.92 -1.34 -62.96
N THR B 268 -11.87 -0.31 -62.12
CA THR B 268 -12.09 1.06 -62.60
C THR B 268 -10.96 1.45 -63.56
N PHE B 269 -9.72 1.19 -63.13
CA PHE B 269 -8.57 1.52 -63.95
C PHE B 269 -8.65 0.81 -65.30
N ALA B 270 -9.03 -0.47 -65.27
CA ALA B 270 -9.15 -1.25 -66.49
C ALA B 270 -10.20 -0.61 -67.38
N GLY B 271 -11.40 -0.43 -66.81
CA GLY B 271 -12.49 0.17 -67.56
C GLY B 271 -12.09 1.47 -68.24
N LEU B 272 -11.61 2.43 -67.45
CA LEU B 272 -11.22 3.72 -67.99
C LEU B 272 -10.17 3.58 -69.11
N ILE B 273 -9.13 2.79 -68.85
CA ILE B 273 -8.07 2.58 -69.84
C ILE B 273 -8.60 1.94 -71.11
N PHE B 274 -9.34 0.84 -70.98
CA PHE B 274 -9.88 0.17 -72.15
C PHE B 274 -10.92 1.05 -72.83
N HIS B 275 -11.52 1.96 -72.06
CA HIS B 275 -12.54 2.87 -72.59
C HIS B 275 -11.94 3.91 -73.50
N TYR B 276 -10.85 4.51 -73.04
CA TYR B 276 -10.15 5.54 -73.79
C TYR B 276 -9.67 4.97 -75.11
N ILE B 277 -9.02 3.81 -75.00
CA ILE B 277 -8.48 3.10 -76.14
C ILE B 277 -9.57 2.65 -77.10
N GLY B 278 -10.64 2.09 -76.54
CA GLY B 278 -11.73 1.61 -77.38
C GLY B 278 -12.46 2.66 -78.21
N ILE B 279 -12.83 3.76 -77.56
CA ILE B 279 -13.57 4.84 -78.21
C ILE B 279 -12.72 5.98 -78.72
N GLY B 280 -11.63 6.28 -78.01
CA GLY B 280 -10.76 7.37 -78.44
C GLY B 280 -11.21 8.68 -77.84
N PRO B 281 -10.37 9.72 -77.94
CA PRO B 281 -10.70 11.04 -77.39
C PRO B 281 -11.98 11.67 -77.90
N ASN B 282 -12.44 12.68 -77.18
CA ASN B 282 -13.65 13.41 -77.51
C ASN B 282 -13.18 14.82 -77.80
N LYS B 283 -12.69 15.05 -79.02
CA LYS B 283 -12.21 16.36 -79.38
C LYS B 283 -13.28 17.15 -80.11
N GLU B 284 -13.03 18.43 -80.32
CA GLU B 284 -13.99 19.29 -81.00
C GLU B 284 -14.56 18.76 -82.32
N VAL B 285 -13.72 18.20 -83.19
CA VAL B 285 -14.23 17.64 -84.46
C VAL B 285 -13.62 16.28 -84.85
N ASP B 286 -14.39 15.21 -84.64
CA ASP B 286 -13.94 13.88 -85.01
C ASP B 286 -14.47 13.66 -86.42
N ASP B 287 -15.28 14.61 -86.88
CA ASP B 287 -15.89 14.53 -88.19
C ASP B 287 -15.07 15.12 -89.32
N ASP B 288 -14.44 16.28 -89.15
CA ASP B 288 -13.69 16.73 -90.30
C ASP B 288 -12.34 16.01 -90.40
N GLU B 289 -12.22 14.88 -89.69
CA GLU B 289 -11.00 14.11 -89.77
C GLU B 289 -11.19 13.12 -90.94
N GLU B 290 -12.34 13.23 -91.61
CA GLU B 290 -12.64 12.41 -92.78
C GLU B 290 -13.45 13.20 -93.81
N SER C 2 -19.71 35.66 -81.91
CA SER C 2 -19.12 34.42 -82.48
C SER C 2 -17.83 34.72 -83.25
N LYS C 3 -17.19 35.83 -82.92
CA LYS C 3 -15.95 36.20 -83.60
C LYS C 3 -14.81 36.37 -82.61
N SER C 4 -14.51 35.27 -81.93
CA SER C 4 -13.44 35.19 -80.94
C SER C 4 -13.13 33.71 -80.87
N LYS C 5 -11.85 33.38 -80.74
CA LYS C 5 -11.43 31.99 -80.66
C LYS C 5 -11.96 31.34 -79.38
N MET C 6 -12.00 32.11 -78.28
CA MET C 6 -12.47 31.58 -76.99
C MET C 6 -13.51 32.41 -76.25
N ILE C 7 -14.12 31.76 -75.26
CA ILE C 7 -15.10 32.39 -74.36
C ILE C 7 -14.71 31.96 -72.95
N VAL C 8 -14.80 32.87 -72.00
CA VAL C 8 -14.45 32.57 -70.62
C VAL C 8 -15.45 31.61 -69.97
N ARG C 9 -14.96 30.49 -69.46
CA ARG C 9 -15.82 29.53 -68.81
C ARG C 9 -15.61 29.56 -67.30
N THR C 10 -14.38 29.81 -66.87
CA THR C 10 -14.07 29.84 -65.44
C THR C 10 -13.22 31.03 -64.98
N LYS C 11 -13.70 31.72 -63.96
CA LYS C 11 -12.99 32.87 -63.40
C LYS C 11 -11.70 32.43 -62.72
N PHE C 12 -10.76 33.37 -62.62
CA PHE C 12 -9.47 33.10 -62.00
C PHE C 12 -9.60 32.58 -60.56
N ILE C 13 -10.52 33.16 -59.81
CA ILE C 13 -10.72 32.79 -58.41
C ILE C 13 -11.15 31.33 -58.24
N ASP C 14 -11.94 30.84 -59.18
CA ASP C 14 -12.42 29.49 -59.09
C ASP C 14 -11.42 28.51 -59.69
N ARG C 15 -10.47 29.05 -60.46
CA ARG C 15 -9.43 28.24 -61.06
C ARG C 15 -8.33 28.06 -60.01
N ALA C 16 -8.01 29.14 -59.30
CA ALA C 16 -6.99 29.10 -58.26
C ALA C 16 -7.42 28.12 -57.18
N CYS C 17 -8.67 28.23 -56.76
CA CYS C 17 -9.22 27.35 -55.75
C CYS C 17 -9.10 25.90 -56.20
N HIS C 18 -9.68 25.61 -57.37
CA HIS C 18 -9.67 24.26 -57.91
C HIS C 18 -8.31 23.56 -57.89
N TRP C 19 -7.28 24.25 -58.35
CA TRP C 19 -5.97 23.62 -58.38
C TRP C 19 -5.32 23.57 -57.00
N THR C 20 -5.87 24.33 -56.04
CA THR C 20 -5.35 24.29 -54.68
C THR C 20 -5.93 23.01 -54.08
N VAL C 21 -7.20 22.75 -54.38
CA VAL C 21 -7.89 21.56 -53.90
C VAL C 21 -7.23 20.29 -54.43
N VAL C 22 -6.87 20.32 -55.71
CA VAL C 22 -6.23 19.19 -56.37
C VAL C 22 -4.89 18.80 -55.74
N ILE C 23 -4.08 19.81 -55.41
CA ILE C 23 -2.79 19.57 -54.79
C ILE C 23 -2.96 19.01 -53.39
N CYS C 24 -3.88 19.61 -52.64
CA CYS C 24 -4.13 19.13 -51.29
C CYS C 24 -4.71 17.71 -51.35
N PHE C 25 -5.60 17.46 -52.31
CA PHE C 25 -6.22 16.15 -52.46
C PHE C 25 -5.21 15.05 -52.75
N PHE C 26 -4.21 15.35 -53.57
CA PHE C 26 -3.16 14.38 -53.92
C PHE C 26 -2.50 13.88 -52.64
N LEU C 27 -2.10 14.81 -51.77
CA LEU C 27 -1.45 14.46 -50.50
C LEU C 27 -2.38 13.70 -49.54
N VAL C 28 -3.60 14.20 -49.40
CA VAL C 28 -4.58 13.58 -48.50
C VAL C 28 -5.02 12.19 -48.97
N ALA C 29 -5.27 12.04 -50.27
CA ALA C 29 -5.70 10.76 -50.81
C ALA C 29 -4.60 9.71 -50.71
N LEU C 30 -3.37 10.09 -51.06
CA LEU C 30 -2.26 9.17 -50.99
C LEU C 30 -1.92 8.77 -49.56
N SER C 31 -1.98 9.71 -48.62
CA SER C 31 -1.69 9.37 -47.24
C SER C 31 -2.81 8.46 -46.73
N GLY C 32 -4.05 8.78 -47.10
CA GLY C 32 -5.17 7.97 -46.68
C GLY C 32 -5.04 6.56 -47.20
N ILE C 33 -4.64 6.43 -48.47
CA ILE C 33 -4.48 5.12 -49.08
C ILE C 33 -3.37 4.33 -48.38
N SER C 34 -2.35 5.02 -47.88
CA SER C 34 -1.24 4.33 -47.22
C SER C 34 -1.68 3.66 -45.91
N PHE C 35 -2.73 4.17 -45.28
CA PHE C 35 -3.23 3.58 -44.04
C PHE C 35 -4.18 2.44 -44.42
N PHE C 36 -4.89 2.64 -45.53
CA PHE C 36 -5.87 1.69 -46.05
C PHE C 36 -5.23 0.41 -46.61
N PHE C 37 -4.16 0.58 -47.38
CA PHE C 37 -3.42 -0.54 -47.97
C PHE C 37 -1.97 -0.42 -47.49
N PRO C 38 -1.68 -0.92 -46.27
CA PRO C 38 -0.33 -0.86 -45.70
C PRO C 38 0.75 -1.52 -46.55
N THR C 39 0.37 -2.46 -47.42
CA THR C 39 1.36 -3.12 -48.25
C THR C 39 2.02 -2.12 -49.21
N LEU C 40 1.30 -1.06 -49.57
CA LEU C 40 1.85 -0.03 -50.45
C LEU C 40 2.68 0.90 -49.57
N GLN C 41 3.80 0.38 -49.07
CA GLN C 41 4.70 1.10 -48.18
C GLN C 41 5.19 2.46 -48.68
N TRP C 42 5.49 2.57 -49.97
CA TRP C 42 5.98 3.84 -50.50
C TRP C 42 5.07 5.01 -50.15
N LEU C 43 3.77 4.79 -50.14
CA LEU C 43 2.83 5.86 -49.84
C LEU C 43 2.90 6.35 -48.38
N THR C 44 3.64 5.64 -47.52
CA THR C 44 3.76 6.07 -46.14
C THR C 44 4.72 7.25 -46.06
N GLN C 45 5.29 7.63 -47.20
CA GLN C 45 6.22 8.75 -47.26
C GLN C 45 5.65 9.95 -48.01
N THR C 46 4.33 9.93 -48.18
CA THR C 46 3.61 11.00 -48.86
C THR C 46 3.92 12.36 -48.22
N PHE C 47 3.94 12.38 -46.88
CA PHE C 47 4.23 13.59 -46.13
C PHE C 47 5.61 13.47 -45.48
N GLY C 48 6.52 12.77 -46.16
CA GLY C 48 7.86 12.60 -45.62
C GLY C 48 8.03 11.28 -44.88
N THR C 49 7.46 11.20 -43.68
CA THR C 49 7.53 9.99 -42.85
C THR C 49 6.11 9.57 -42.47
N PRO C 50 5.94 8.29 -42.10
CA PRO C 50 4.63 7.78 -41.70
C PRO C 50 4.09 8.56 -40.51
N GLN C 51 4.98 8.87 -39.57
CA GLN C 51 4.60 9.61 -38.36
C GLN C 51 4.07 10.99 -38.72
N MET C 52 4.70 11.64 -39.71
CA MET C 52 4.29 12.97 -40.11
C MET C 52 2.97 12.91 -40.89
N GLY C 53 2.83 11.88 -41.72
CA GLY C 53 1.62 11.73 -42.49
C GLY C 53 0.39 11.57 -41.62
N ARG C 54 0.54 10.88 -40.51
CA ARG C 54 -0.56 10.65 -39.57
C ARG C 54 -1.02 12.01 -39.05
N ILE C 55 -0.07 12.87 -38.73
CA ILE C 55 -0.36 14.20 -38.21
C ILE C 55 -1.00 15.13 -39.23
N LEU C 56 -0.36 15.28 -40.40
CA LEU C 56 -0.85 16.19 -41.43
C LEU C 56 -2.11 15.84 -42.23
N HIS C 57 -2.37 14.55 -42.47
CA HIS C 57 -3.54 14.16 -43.24
C HIS C 57 -4.82 14.94 -42.87
N PRO C 58 -5.25 14.89 -41.60
CA PRO C 58 -6.46 15.62 -41.20
C PRO C 58 -6.44 17.14 -41.40
N PHE C 59 -5.28 17.77 -41.22
CA PHE C 59 -5.17 19.21 -41.40
C PHE C 59 -5.40 19.58 -42.87
N PHE C 60 -4.76 18.84 -43.77
CA PHE C 60 -4.94 19.13 -45.18
C PHE C 60 -6.36 18.75 -45.59
N GLY C 61 -6.95 17.81 -44.86
CA GLY C 61 -8.30 17.40 -45.14
C GLY C 61 -9.23 18.56 -44.86
N ILE C 62 -9.02 19.23 -43.73
CA ILE C 62 -9.84 20.37 -43.34
C ILE C 62 -9.74 21.46 -44.40
N ALA C 63 -8.52 21.68 -44.91
CA ALA C 63 -8.30 22.71 -45.92
C ALA C 63 -9.10 22.41 -47.18
N ILE C 64 -9.17 21.14 -47.55
CA ILE C 64 -9.92 20.73 -48.73
C ILE C 64 -11.40 21.04 -48.54
N PHE C 65 -11.90 20.77 -47.35
CA PHE C 65 -13.31 21.02 -47.04
C PHE C 65 -13.63 22.51 -47.11
N VAL C 66 -12.75 23.33 -46.52
CA VAL C 66 -12.97 24.77 -46.55
C VAL C 66 -13.03 25.24 -48.00
N ALA C 67 -12.03 24.85 -48.79
CA ALA C 67 -11.98 25.23 -50.20
C ALA C 67 -13.18 24.69 -50.99
N LEU C 68 -13.63 23.48 -50.68
CA LEU C 68 -14.76 22.93 -51.40
C LEU C 68 -16.06 23.63 -51.03
N MET C 69 -16.09 24.28 -49.87
CA MET C 69 -17.29 25.01 -49.47
C MET C 69 -17.34 26.33 -50.23
N PHE C 70 -16.17 26.85 -50.59
CA PHE C 70 -16.11 28.09 -51.36
C PHE C 70 -16.60 27.71 -52.76
N MET C 71 -16.21 26.53 -53.22
CA MET C 71 -16.62 26.05 -54.52
C MET C 71 -18.11 25.76 -54.51
N PHE C 72 -18.60 25.22 -53.40
CA PHE C 72 -20.02 24.90 -53.30
C PHE C 72 -20.91 26.11 -53.52
N VAL C 73 -20.64 27.21 -52.81
CA VAL C 73 -21.46 28.40 -52.93
C VAL C 73 -21.33 29.14 -54.26
N ARG C 74 -20.30 28.81 -55.03
CA ARG C 74 -20.10 29.47 -56.32
C ARG C 74 -20.57 28.64 -57.52
N PHE C 75 -20.68 27.33 -57.34
CA PHE C 75 -21.11 26.43 -58.41
C PHE C 75 -22.45 25.71 -58.22
N VAL C 76 -22.94 25.62 -56.98
CA VAL C 76 -24.19 24.88 -56.74
C VAL C 76 -25.39 25.24 -57.64
N HIS C 77 -25.65 26.52 -57.81
CA HIS C 77 -26.79 26.96 -58.61
C HIS C 77 -26.74 26.50 -60.07
N HIS C 78 -25.54 26.15 -60.54
CA HIS C 78 -25.35 25.67 -61.91
C HIS C 78 -25.35 24.15 -61.96
N ASN C 79 -25.53 23.52 -60.81
CA ASN C 79 -25.51 22.06 -60.74
C ASN C 79 -26.83 21.45 -60.30
N ILE C 80 -27.87 22.27 -60.30
CA ILE C 80 -29.21 21.84 -59.89
C ILE C 80 -29.93 20.93 -60.88
N PRO C 81 -30.27 19.71 -60.45
CA PRO C 81 -30.97 18.75 -61.30
C PRO C 81 -32.31 19.34 -61.77
N ASP C 82 -32.65 19.09 -63.03
CA ASP C 82 -33.93 19.58 -63.59
C ASP C 82 -34.42 18.54 -64.60
N LYS C 83 -35.70 18.61 -64.97
CA LYS C 83 -36.29 17.66 -65.90
C LYS C 83 -35.49 17.51 -67.21
N LYS C 84 -34.75 18.55 -67.57
CA LYS C 84 -33.97 18.53 -68.80
C LYS C 84 -32.77 17.58 -68.72
N ASP C 85 -32.46 17.14 -67.51
CA ASP C 85 -31.34 16.23 -67.27
C ASP C 85 -31.67 14.76 -67.54
N ILE C 86 -32.96 14.43 -67.57
CA ILE C 86 -33.39 13.07 -67.80
C ILE C 86 -32.82 12.48 -69.10
N PRO C 87 -32.95 13.20 -70.23
CA PRO C 87 -32.45 12.77 -71.54
C PRO C 87 -31.03 12.22 -71.45
N TRP C 88 -30.22 12.89 -70.63
CA TRP C 88 -28.83 12.53 -70.43
C TRP C 88 -28.80 11.14 -69.80
N LEU C 89 -29.40 11.07 -68.62
CA LEU C 89 -29.48 9.87 -67.81
C LEU C 89 -29.98 8.63 -68.55
N LEU C 90 -30.68 8.84 -69.66
CA LEU C 90 -31.23 7.72 -70.42
C LEU C 90 -30.38 7.25 -71.60
N ASN C 91 -29.48 8.10 -72.07
CA ASN C 91 -28.61 7.71 -73.17
C ASN C 91 -27.17 7.87 -72.73
N ILE C 92 -26.87 7.25 -71.58
CA ILE C 92 -25.54 7.28 -70.99
C ILE C 92 -24.57 6.52 -71.89
N VAL C 93 -25.00 5.34 -72.33
CA VAL C 93 -24.17 4.51 -73.20
C VAL C 93 -23.81 5.30 -74.46
N GLU C 94 -24.75 6.09 -74.96
CA GLU C 94 -24.51 6.88 -76.16
C GLU C 94 -23.60 8.08 -75.89
N VAL C 95 -23.67 8.61 -74.67
CA VAL C 95 -22.84 9.75 -74.29
C VAL C 95 -21.39 9.31 -74.15
N LEU C 96 -21.18 8.12 -73.60
CA LEU C 96 -19.84 7.60 -73.40
C LEU C 96 -19.13 7.29 -74.71
N LYS C 97 -19.89 7.14 -75.78
CA LYS C 97 -19.30 6.85 -77.08
C LYS C 97 -18.95 8.15 -77.80
N GLY C 98 -19.14 9.25 -77.08
CA GLY C 98 -18.83 10.56 -77.64
C GLY C 98 -19.96 11.18 -78.42
N ASN C 99 -21.18 10.64 -78.29
CA ASN C 99 -22.35 11.15 -78.99
C ASN C 99 -23.37 11.84 -78.07
N GLU C 100 -22.95 12.59 -77.07
CA GLU C 100 -23.94 13.20 -76.19
C GLU C 100 -24.81 14.26 -76.89
N HIS C 101 -24.19 15.17 -77.64
CA HIS C 101 -24.93 16.21 -78.33
C HIS C 101 -26.18 15.69 -79.04
N LYS C 102 -26.03 14.57 -79.73
CA LYS C 102 -27.12 13.95 -80.46
C LYS C 102 -28.26 13.52 -79.53
N VAL C 103 -27.92 13.11 -78.31
CA VAL C 103 -28.92 12.64 -77.37
C VAL C 103 -29.38 13.51 -76.21
N ALA C 104 -28.69 14.61 -75.90
CA ALA C 104 -29.13 15.41 -74.75
C ALA C 104 -29.10 16.95 -74.86
N ASP C 105 -29.71 17.57 -73.84
CA ASP C 105 -29.80 19.02 -73.65
C ASP C 105 -28.70 19.36 -72.66
N VAL C 106 -27.56 19.90 -73.08
CA VAL C 106 -26.53 20.20 -72.08
C VAL C 106 -26.28 21.68 -71.81
N GLY C 107 -26.52 22.09 -70.57
CA GLY C 107 -26.30 23.47 -70.18
C GLY C 107 -24.88 23.67 -69.69
N LYS C 108 -24.70 24.59 -68.75
CA LYS C 108 -23.37 24.90 -68.19
C LYS C 108 -22.56 23.64 -67.87
N TYR C 109 -23.13 22.75 -67.06
CA TYR C 109 -22.47 21.50 -66.71
C TYR C 109 -23.52 20.43 -66.96
N ASN C 110 -23.10 19.30 -67.50
CA ASN C 110 -24.06 18.24 -67.79
C ASN C 110 -24.54 17.46 -66.57
N ALA C 111 -25.44 16.52 -66.81
CA ALA C 111 -26.03 15.70 -65.76
C ALA C 111 -25.03 14.80 -65.05
N GLY C 112 -23.95 14.44 -65.74
CA GLY C 112 -22.95 13.59 -65.12
C GLY C 112 -22.12 14.44 -64.18
N GLN C 113 -21.77 15.63 -64.64
CA GLN C 113 -20.98 16.56 -63.86
C GLN C 113 -21.72 16.98 -62.60
N LYS C 114 -23.04 17.07 -62.71
CA LYS C 114 -23.87 17.47 -61.57
C LYS C 114 -23.94 16.33 -60.55
N MET C 115 -23.97 15.10 -61.03
CA MET C 115 -24.03 13.96 -60.12
C MET C 115 -22.71 13.85 -59.36
N MET C 116 -21.63 14.12 -60.08
CA MET C 116 -20.27 14.09 -59.54
C MET C 116 -20.13 15.17 -58.48
N PHE C 117 -20.65 16.36 -58.82
CA PHE C 117 -20.60 17.51 -57.93
C PHE C 117 -21.25 17.22 -56.58
N TRP C 118 -22.45 16.64 -56.61
CA TRP C 118 -23.13 16.33 -55.36
C TRP C 118 -22.48 15.15 -54.64
N SER C 119 -21.93 14.22 -55.42
CA SER C 119 -21.26 13.08 -54.83
C SER C 119 -20.04 13.61 -54.09
N ILE C 120 -19.24 14.41 -54.78
CA ILE C 120 -18.03 15.00 -54.19
C ILE C 120 -18.36 15.85 -52.96
N MET C 121 -19.40 16.68 -53.06
CA MET C 121 -19.79 17.54 -51.96
C MET C 121 -20.36 16.81 -50.77
N SER C 122 -21.05 15.69 -51.02
CA SER C 122 -21.63 14.92 -49.93
C SER C 122 -20.53 14.13 -49.23
N MET C 123 -19.63 13.54 -50.00
CA MET C 123 -18.55 12.77 -49.42
C MET C 123 -17.59 13.60 -48.57
N ILE C 124 -17.28 14.82 -49.01
CA ILE C 124 -16.37 15.65 -48.22
C ILE C 124 -17.03 16.04 -46.90
N PHE C 125 -18.36 16.09 -46.89
CA PHE C 125 -19.07 16.43 -45.65
C PHE C 125 -18.99 15.22 -44.72
N VAL C 126 -19.18 14.04 -45.29
CA VAL C 126 -19.13 12.81 -44.53
C VAL C 126 -17.71 12.63 -43.99
N LEU C 127 -16.71 12.88 -44.83
CA LEU C 127 -15.33 12.74 -44.43
C LEU C 127 -14.99 13.77 -43.33
N LEU C 128 -15.54 14.96 -43.41
CA LEU C 128 -15.28 15.98 -42.40
C LEU C 128 -15.79 15.52 -41.04
N VAL C 129 -17.05 15.13 -40.99
CA VAL C 129 -17.65 14.68 -39.74
C VAL C 129 -16.99 13.44 -39.14
N THR C 130 -16.82 12.39 -39.93
CA THR C 130 -16.18 11.18 -39.42
C THR C 130 -14.70 11.42 -39.12
N GLY C 131 -14.10 12.31 -39.89
CA GLY C 131 -12.68 12.61 -39.70
C GLY C 131 -12.43 13.25 -38.35
N VAL C 132 -13.27 14.22 -37.99
CA VAL C 132 -13.15 14.91 -36.72
C VAL C 132 -13.31 13.92 -35.58
N ILE C 133 -14.30 13.03 -35.73
CA ILE C 133 -14.60 12.03 -34.72
C ILE C 133 -13.44 11.08 -34.43
N ILE C 134 -12.67 10.72 -35.46
CA ILE C 134 -11.55 9.79 -35.29
C ILE C 134 -10.20 10.47 -35.10
N TRP C 135 -10.21 11.80 -34.99
CA TRP C 135 -9.00 12.61 -34.86
C TRP C 135 -8.35 12.64 -33.48
N ARG C 136 -7.23 11.94 -33.34
CA ARG C 136 -6.51 11.95 -32.07
C ARG C 136 -5.29 12.84 -32.31
N PRO C 137 -4.82 13.57 -31.30
CA PRO C 137 -5.33 13.65 -29.93
C PRO C 137 -6.48 14.64 -29.63
N TYR C 138 -6.78 15.54 -30.55
CA TYR C 138 -7.81 16.57 -30.32
C TYR C 138 -9.28 16.26 -30.08
N PHE C 139 -9.90 15.44 -30.93
CA PHE C 139 -11.34 15.21 -30.80
C PHE C 139 -11.93 13.84 -30.45
N ALA C 140 -11.28 12.75 -30.88
CA ALA C 140 -11.83 11.42 -30.62
C ALA C 140 -12.21 11.11 -29.16
N GLN C 141 -11.55 11.76 -28.21
CA GLN C 141 -11.80 11.55 -26.79
C GLN C 141 -13.21 11.87 -26.33
N TYR C 142 -13.86 12.82 -27.00
CA TYR C 142 -15.21 13.23 -26.63
C TYR C 142 -16.29 12.32 -27.16
N PHE C 143 -15.93 11.38 -28.00
CA PHE C 143 -16.94 10.50 -28.56
C PHE C 143 -16.92 9.09 -28.01
N PRO C 144 -18.12 8.51 -27.84
CA PRO C 144 -18.36 7.15 -27.33
C PRO C 144 -17.57 6.24 -28.26
N MET C 145 -16.90 5.24 -27.70
CA MET C 145 -16.08 4.34 -28.52
C MET C 145 -16.79 3.77 -29.74
N GLN C 146 -18.06 3.42 -29.57
CA GLN C 146 -18.90 2.84 -30.62
C GLN C 146 -19.07 3.79 -31.81
N VAL C 147 -19.17 5.08 -31.50
CA VAL C 147 -19.32 6.11 -32.52
C VAL C 147 -18.00 6.26 -33.27
N VAL C 148 -16.91 6.14 -32.53
CA VAL C 148 -15.58 6.24 -33.13
C VAL C 148 -15.39 5.08 -34.10
N ARG C 149 -15.81 3.89 -33.68
CA ARG C 149 -15.69 2.69 -34.51
C ARG C 149 -16.48 2.82 -35.80
N TYR C 150 -17.73 3.28 -35.71
CA TYR C 150 -18.54 3.44 -36.90
C TYR C 150 -17.89 4.48 -37.81
N SER C 151 -17.38 5.54 -37.20
CA SER C 151 -16.75 6.59 -37.96
C SER C 151 -15.48 6.11 -38.67
N LEU C 152 -14.77 5.16 -38.06
CA LEU C 152 -13.58 4.64 -38.71
C LEU C 152 -14.01 3.87 -39.96
N LEU C 153 -15.06 3.07 -39.84
CA LEU C 153 -15.56 2.31 -40.99
C LEU C 153 -16.06 3.24 -42.09
N ILE C 154 -16.93 4.17 -41.73
CA ILE C 154 -17.50 5.11 -42.69
C ILE C 154 -16.47 6.01 -43.35
N HIS C 155 -15.53 6.55 -42.58
CA HIS C 155 -14.51 7.42 -43.14
C HIS C 155 -13.70 6.69 -44.22
N ALA C 156 -13.31 5.46 -43.93
CA ALA C 156 -12.53 4.67 -44.88
C ALA C 156 -13.33 4.47 -46.16
N ALA C 157 -14.61 4.11 -46.00
CA ALA C 157 -15.51 3.87 -47.12
C ALA C 157 -15.73 5.14 -47.94
N ALA C 158 -15.99 6.24 -47.25
CA ALA C 158 -16.21 7.52 -47.92
C ALA C 158 -14.97 7.97 -48.67
N GLY C 159 -13.82 7.78 -48.03
CA GLY C 159 -12.56 8.18 -48.66
C GLY C 159 -12.31 7.41 -49.93
N ILE C 160 -12.62 6.12 -49.91
CA ILE C 160 -12.43 5.28 -51.09
C ILE C 160 -13.40 5.71 -52.19
N ILE C 161 -14.65 5.94 -51.82
CA ILE C 161 -15.65 6.36 -52.80
C ILE C 161 -15.22 7.67 -53.46
N LEU C 162 -14.78 8.64 -52.68
CA LEU C 162 -14.35 9.93 -53.24
C LEU C 162 -13.15 9.78 -54.17
N ILE C 163 -12.23 8.87 -53.84
CA ILE C 163 -11.05 8.70 -54.70
C ILE C 163 -11.43 8.08 -56.04
N HIS C 164 -12.41 7.17 -56.02
CA HIS C 164 -12.88 6.54 -57.26
C HIS C 164 -13.49 7.64 -58.10
N ALA C 165 -14.36 8.42 -57.46
CA ALA C 165 -15.05 9.53 -58.10
C ALA C 165 -14.08 10.48 -58.78
N ILE C 166 -13.02 10.85 -58.07
CA ILE C 166 -12.03 11.76 -58.62
C ILE C 166 -11.28 11.12 -59.79
N LEU C 167 -11.05 9.82 -59.72
CA LEU C 167 -10.36 9.14 -60.81
C LEU C 167 -11.20 9.33 -62.06
N ILE C 168 -12.50 9.11 -61.92
CA ILE C 168 -13.44 9.25 -63.03
C ILE C 168 -13.55 10.71 -63.47
N HIS C 169 -13.50 11.62 -62.50
CA HIS C 169 -13.59 13.04 -62.80
C HIS C 169 -12.36 13.52 -63.59
N MET C 170 -11.19 12.97 -63.27
CA MET C 170 -9.97 13.34 -63.97
C MET C 170 -10.01 12.76 -65.37
N TYR C 171 -10.41 11.50 -65.46
CA TYR C 171 -10.46 10.85 -66.75
C TYR C 171 -11.32 11.66 -67.71
N MET C 172 -12.57 11.92 -67.31
CA MET C 172 -13.47 12.67 -68.14
C MET C 172 -12.82 13.98 -68.58
N ALA C 173 -12.19 14.68 -67.64
CA ALA C 173 -11.52 15.93 -67.95
C ALA C 173 -10.47 15.74 -69.04
N PHE C 174 -9.77 14.60 -68.98
CA PHE C 174 -8.73 14.29 -69.95
C PHE C 174 -9.34 13.84 -71.26
N TRP C 175 -10.51 13.24 -71.16
CA TRP C 175 -11.24 12.71 -72.30
C TRP C 175 -11.96 13.73 -73.17
N VAL C 176 -12.75 14.60 -72.55
CA VAL C 176 -13.44 15.62 -73.33
C VAL C 176 -12.41 16.73 -73.53
N LYS C 177 -11.57 16.52 -74.54
CA LYS C 177 -10.48 17.40 -74.90
C LYS C 177 -10.76 18.90 -74.97
N GLY C 178 -9.81 19.66 -74.44
CA GLY C 178 -9.93 21.10 -74.40
C GLY C 178 -10.34 21.55 -73.01
N SER C 179 -10.83 20.61 -72.23
CA SER C 179 -11.30 20.88 -70.87
C SER C 179 -10.27 21.34 -69.84
N ILE C 180 -9.11 20.69 -69.79
CA ILE C 180 -8.11 21.08 -68.81
C ILE C 180 -7.60 22.51 -69.04
N LYS C 181 -7.46 22.92 -70.30
CA LYS C 181 -6.99 24.27 -70.61
C LYS C 181 -7.96 25.31 -70.05
N GLY C 182 -9.25 25.00 -70.13
CA GLY C 182 -10.25 25.92 -69.64
C GLY C 182 -10.17 26.10 -68.13
N MET C 183 -9.73 25.06 -67.43
CA MET C 183 -9.60 25.11 -65.99
C MET C 183 -8.28 25.77 -65.57
N ILE C 184 -7.29 25.74 -66.45
CA ILE C 184 -6.00 26.34 -66.15
C ILE C 184 -5.97 27.79 -66.61
N GLU C 185 -6.40 28.02 -67.85
CA GLU C 185 -6.38 29.36 -68.43
C GLU C 185 -7.72 30.10 -68.30
N GLY C 186 -8.81 29.34 -68.22
CA GLY C 186 -10.12 29.95 -68.07
C GLY C 186 -10.99 30.07 -69.31
N LYS C 187 -10.40 29.85 -70.49
CA LYS C 187 -11.16 29.99 -71.73
C LYS C 187 -11.44 28.72 -72.54
N VAL C 188 -12.61 28.69 -73.16
CA VAL C 188 -13.06 27.58 -74.00
C VAL C 188 -13.44 28.12 -75.37
N SER C 189 -13.09 27.38 -76.42
CA SER C 189 -13.41 27.80 -77.78
C SER C 189 -14.90 27.59 -78.02
N ARG C 190 -15.52 28.55 -78.70
CA ARG C 190 -16.95 28.51 -78.99
C ARG C 190 -17.47 27.17 -79.54
N ARG C 191 -16.64 26.47 -80.30
CA ARG C 191 -17.02 25.18 -80.89
C ARG C 191 -17.10 24.08 -79.83
N TRP C 192 -16.24 24.21 -78.82
CA TRP C 192 -16.19 23.27 -77.71
C TRP C 192 -17.48 23.49 -76.94
N ALA C 193 -17.89 24.75 -76.83
CA ALA C 193 -19.11 25.11 -76.14
C ALA C 193 -20.33 24.58 -76.90
N LYS C 194 -20.32 24.71 -78.22
CA LYS C 194 -21.43 24.25 -79.05
C LYS C 194 -21.61 22.75 -78.99
N LYS C 195 -20.50 22.01 -79.03
CA LYS C 195 -20.57 20.56 -79.01
C LYS C 195 -20.88 19.95 -77.65
N HIS C 196 -20.15 20.36 -76.63
CA HIS C 196 -20.34 19.79 -75.31
C HIS C 196 -21.35 20.50 -74.41
N HIS C 197 -21.57 21.79 -74.63
CA HIS C 197 -22.52 22.54 -73.82
C HIS C 197 -23.42 23.52 -74.58
N PRO C 198 -24.14 23.03 -75.60
CA PRO C 198 -25.05 23.84 -76.43
C PRO C 198 -25.81 24.97 -75.72
N ARG C 199 -26.83 24.59 -74.98
CA ARG C 199 -27.66 25.52 -74.23
C ARG C 199 -26.85 26.59 -73.53
N TRP C 200 -25.75 26.17 -72.89
CA TRP C 200 -24.90 27.11 -72.17
C TRP C 200 -24.33 28.22 -73.02
N TYR C 201 -23.67 27.86 -74.13
CA TYR C 201 -23.10 28.89 -74.97
C TYR C 201 -24.18 29.71 -75.64
N ARG C 202 -25.29 29.06 -75.96
CA ARG C 202 -26.37 29.81 -76.58
C ARG C 202 -26.70 30.96 -75.63
N GLU C 203 -26.78 30.66 -74.33
CA GLU C 203 -27.09 31.68 -73.33
C GLU C 203 -26.05 32.81 -73.26
N ILE C 204 -24.77 32.47 -73.30
CA ILE C 204 -23.74 33.51 -73.24
C ILE C 204 -23.83 34.34 -74.51
N GLU C 205 -23.94 33.64 -75.63
CA GLU C 205 -24.05 34.28 -76.93
C GLU C 205 -25.21 35.29 -76.88
N LYS C 206 -26.38 34.86 -76.43
CA LYS C 206 -27.50 35.81 -76.34
C LYS C 206 -27.22 36.92 -75.33
N ALA C 207 -26.84 36.56 -74.10
CA ALA C 207 -26.55 37.55 -73.07
C ALA C 207 -25.60 38.59 -73.69
N GLU C 208 -24.58 38.06 -74.34
CA GLU C 208 -23.53 38.83 -75.03
C GLU C 208 -24.21 39.81 -75.99
N ALA C 209 -24.37 39.34 -77.23
CA ALA C 209 -24.97 40.09 -78.31
C ALA C 209 -26.12 40.98 -77.85
N LYS C 210 -27.09 40.41 -77.15
CA LYS C 210 -28.24 41.19 -76.70
C LYS C 210 -27.89 42.45 -75.91
N LYS C 211 -27.12 42.31 -74.83
CA LYS C 211 -26.79 43.49 -74.05
C LYS C 211 -25.92 44.48 -74.81
N GLU C 212 -25.21 43.99 -75.83
CA GLU C 212 -24.38 44.88 -76.63
C GLU C 212 -25.29 45.55 -77.65
N SER C 213 -26.41 44.89 -77.94
CA SER C 213 -27.40 45.41 -78.88
C SER C 213 -28.30 46.34 -78.08
N GLU C 214 -28.30 46.13 -76.76
CA GLU C 214 -29.11 46.94 -75.87
C GLU C 214 -28.43 48.29 -75.70
N GLU C 215 -27.10 48.30 -75.75
CA GLU C 215 -26.36 49.55 -75.60
C GLU C 215 -26.83 50.57 -76.62
N GLY C 216 -26.98 50.13 -77.87
CA GLY C 216 -27.44 51.02 -78.92
C GLY C 216 -26.37 51.36 -79.93
N ILE C 217 -25.50 50.39 -80.21
CA ILE C 217 -24.41 50.58 -81.17
C ILE C 217 -24.67 51.76 -82.09
#